data_8K0D
#
_entry.id   8K0D
#
_cell.length_a   1.00
_cell.length_b   1.00
_cell.length_c   1.00
_cell.angle_alpha   90.00
_cell.angle_beta   90.00
_cell.angle_gamma   90.00
#
_symmetry.space_group_name_H-M   'P 1'
#
loop_
_entity.id
_entity.type
_entity.pdbx_description
1 polymer 'The heavy chain of 1E5'
2 polymer 'The light chain of 1E5'
3 polymer 'Glycoprotein G'
#
loop_
_entity_poly.entity_id
_entity_poly.type
_entity_poly.pdbx_seq_one_letter_code
_entity_poly.pdbx_strand_id
1 'polypeptide(L)'
;QVQLQESGPGVVKPSETLSLTCAVSGGSISDTYRWSWIRQPPGKGLEWIGYIYGSATSTYYNPSLSSRVTISKDMSKNQF
SLNLNSVTAADTAVYYCARDYQYYYSGSYPTPHNWFDVWGPGVLVTVSSASTKGPSVFPLAPSSKSTSGGTAALGCLVKD
YFPEPVTVSWNSGALTSGVHTFPAVLQSSGLYSLSSVVTVPSSGLGTQTYICNVNHKPSNTKVDKKVEPKSCDKTHHHHH
HH
;
E,C
2 'polypeptide(L)'
;DIQMTQSPSSLSASVGDRVTITCRASQGIIDYLSWYQQKPGKAPKLLISTASNLESGVPSRFSGSGSGTEFTLTISSLQP
EDFATYSCLQGYTTPYTFGQGTKVEIKTVAAPSVFIFPPSDEQLKSGTASVVCLLNNFYPREAKVQWKVDNALQSGNSQE
SVTEQDSKDSTYSLSSTLTLSKADYEKHKVYACEVTHQGLSSPVTKSFNRGEC
;
F,D
3 'polypeptide(L)'
;PKLISYTLPVVGQSGTCITDPLLAMDEGYFAYSHLERIGSCSRGVSKQRIIGVGEVLDRGDEVPSLFMTNVWTPPNPNTV
YHCSAVYNNEFYYVLCAVSTVGDPILNSTYWSGSLMMTRLAVKPKSNGGGYNQHQLALRSIEKGRYDKVMPYGPSGIKQG
DTLYFPAVGFLVRTEFKYNDSNCPITKCQYSKPENCRLSMGIRPNSHYILRSGLLKYNLSDGENPKVVFIEISDQRLSIG
SPSKIYDSLGQPVFYQASFSWDTMIKFGDVLTVNPLVVNWRNNTVISRPGQSQCPRFNTCPEICWEGVYNDAFLIDRINW
ISAGVFLDSNQTAENPVFTVFKDNEILYRAQLASEDTNAQKTITNCFLLKNKIWCISLVEIYDTGDNVIRPKLFAVKIPE
QC
;
A,B
#
# COMPACT_ATOMS: atom_id res chain seq x y z
N GLN A 1 -57.79 4.20 -10.68
CA GLN A 1 -56.63 3.32 -10.78
C GLN A 1 -56.60 2.60 -12.13
N VAL A 2 -55.41 2.46 -12.70
CA VAL A 2 -55.27 1.82 -13.99
C VAL A 2 -55.53 0.33 -13.85
N GLN A 3 -56.42 -0.20 -14.69
CA GLN A 3 -56.79 -1.60 -14.65
C GLN A 3 -56.51 -2.21 -16.01
N LEU A 4 -55.72 -3.27 -16.04
CA LEU A 4 -55.34 -3.92 -17.29
C LEU A 4 -56.14 -5.19 -17.50
N GLN A 5 -56.23 -5.60 -18.77
CA GLN A 5 -57.01 -6.78 -19.14
C GLN A 5 -56.46 -7.31 -20.46
N GLU A 6 -55.81 -8.48 -20.42
CA GLU A 6 -55.38 -9.13 -21.65
C GLU A 6 -56.59 -9.64 -22.43
N SER A 7 -56.40 -9.82 -23.73
CA SER A 7 -57.44 -10.39 -24.57
C SER A 7 -56.80 -10.96 -25.82
N GLY A 8 -57.29 -12.13 -26.24
CA GLY A 8 -56.78 -12.79 -27.42
C GLY A 8 -57.19 -14.24 -27.45
N PRO A 9 -56.95 -14.91 -28.58
CA PRO A 9 -57.31 -16.33 -28.70
C PRO A 9 -56.44 -17.19 -27.79
N GLY A 10 -57.09 -18.13 -27.10
CA GLY A 10 -56.36 -19.00 -26.18
C GLY A 10 -55.55 -20.09 -26.83
N VAL A 11 -55.81 -20.39 -28.10
CA VAL A 11 -55.10 -21.44 -28.82
C VAL A 11 -54.51 -20.83 -30.07
N VAL A 12 -53.24 -21.13 -30.33
CA VAL A 12 -52.53 -20.68 -31.52
C VAL A 12 -51.82 -21.89 -32.13
N LYS A 13 -52.01 -22.09 -33.43
CA LYS A 13 -51.33 -23.17 -34.11
C LYS A 13 -49.83 -22.89 -34.16
N PRO A 14 -49.00 -23.93 -34.23
CA PRO A 14 -47.56 -23.72 -34.36
C PRO A 14 -47.21 -22.98 -35.65
N SER A 15 -46.26 -22.05 -35.51
CA SER A 15 -45.71 -21.27 -36.62
C SER A 15 -46.74 -20.30 -37.21
N GLU A 16 -47.47 -19.62 -36.32
CA GLU A 16 -48.18 -18.39 -36.68
C GLU A 16 -47.99 -17.33 -35.60
N THR A 17 -48.77 -16.25 -35.68
CA THR A 17 -48.55 -15.07 -34.87
C THR A 17 -49.60 -15.03 -33.75
N LEU A 18 -49.13 -14.80 -32.52
CA LEU A 18 -50.03 -14.50 -31.42
C LEU A 18 -50.67 -13.13 -31.60
N SER A 19 -51.96 -13.04 -31.28
CA SER A 19 -52.71 -11.79 -31.39
C SER A 19 -53.27 -11.47 -30.00
N LEU A 20 -52.46 -10.81 -29.19
CA LEU A 20 -52.87 -10.41 -27.85
C LEU A 20 -53.17 -8.91 -27.82
N THR A 21 -53.97 -8.51 -26.85
CA THR A 21 -54.43 -7.12 -26.75
C THR A 21 -54.67 -6.79 -25.30
N CYS A 22 -53.97 -5.79 -24.79
CA CYS A 22 -54.09 -5.36 -23.39
C CYS A 22 -54.91 -4.06 -23.40
N ALA A 23 -56.22 -4.20 -23.17
CA ALA A 23 -57.07 -3.03 -23.05
C ALA A 23 -56.80 -2.32 -21.73
N VAL A 24 -56.41 -1.05 -21.81
CA VAL A 24 -56.05 -0.26 -20.64
C VAL A 24 -57.25 0.58 -20.25
N SER A 25 -57.76 0.34 -19.04
CA SER A 25 -58.91 1.06 -18.51
C SER A 25 -58.50 1.82 -17.26
N GLY A 26 -59.16 2.95 -17.04
CA GLY A 26 -58.85 3.80 -15.91
C GLY A 26 -57.67 4.71 -16.11
N GLY A 27 -57.03 4.66 -17.27
CA GLY A 27 -55.91 5.55 -17.54
C GLY A 27 -55.51 5.44 -19.00
N SER A 28 -54.88 6.50 -19.49
CA SER A 28 -54.46 6.55 -20.88
C SER A 28 -52.99 6.18 -20.99
N ILE A 29 -52.66 5.46 -22.07
CA ILE A 29 -51.28 5.04 -22.30
C ILE A 29 -50.39 6.19 -22.75
N SER A 30 -50.93 7.42 -22.87
CA SER A 30 -50.10 8.58 -23.10
C SER A 30 -49.15 8.84 -21.93
N ASP A 31 -49.61 8.64 -20.71
CA ASP A 31 -48.75 8.58 -19.54
C ASP A 31 -48.11 7.19 -19.50
N THR A 32 -47.55 6.82 -18.34
CA THR A 32 -46.96 5.48 -18.20
C THR A 32 -45.81 5.25 -19.17
N TYR A 33 -44.66 5.83 -18.86
CA TYR A 33 -43.45 5.81 -19.67
C TYR A 33 -43.22 4.50 -20.44
N ARG A 34 -43.53 3.35 -19.84
CA ARG A 34 -43.36 2.08 -20.53
C ARG A 34 -44.51 1.13 -20.22
N TRP A 35 -44.85 0.31 -21.20
CA TRP A 35 -45.85 -0.75 -21.07
C TRP A 35 -45.22 -2.07 -21.49
N SER A 36 -45.19 -3.03 -20.59
CA SER A 36 -44.43 -4.25 -20.78
C SER A 36 -45.34 -5.46 -20.97
N TRP A 37 -44.80 -6.49 -21.62
CA TRP A 37 -45.45 -7.80 -21.70
C TRP A 37 -44.58 -8.81 -20.97
N ILE A 38 -45.18 -9.53 -20.03
CA ILE A 38 -44.49 -10.55 -19.26
C ILE A 38 -45.29 -11.84 -19.38
N ARG A 39 -44.61 -12.93 -19.73
CA ARG A 39 -45.25 -14.24 -19.83
C ARG A 39 -44.61 -15.20 -18.84
N GLN A 40 -45.32 -16.29 -18.58
CA GLN A 40 -44.86 -17.33 -17.64
C GLN A 40 -45.28 -18.69 -18.16
N PRO A 41 -44.36 -19.45 -18.73
CA PRO A 41 -44.71 -20.80 -19.20
C PRO A 41 -45.15 -21.67 -18.05
N PRO A 42 -46.09 -22.59 -18.28
CA PRO A 42 -46.61 -23.42 -17.18
C PRO A 42 -45.50 -24.24 -16.55
N GLY A 43 -45.35 -24.10 -15.23
CA GLY A 43 -44.33 -24.80 -14.50
C GLY A 43 -42.97 -24.14 -14.48
N LYS A 44 -42.79 -23.05 -15.22
CA LYS A 44 -41.54 -22.30 -15.25
C LYS A 44 -41.79 -20.90 -14.71
N GLY A 45 -40.71 -20.16 -14.48
CA GLY A 45 -40.82 -18.84 -13.90
C GLY A 45 -41.19 -17.78 -14.92
N LEU A 46 -41.50 -16.60 -14.41
CA LEU A 46 -41.80 -15.46 -15.25
C LEU A 46 -40.57 -15.09 -16.07
N GLU A 47 -40.80 -14.68 -17.32
CA GLU A 47 -39.72 -14.12 -18.12
C GLU A 47 -40.30 -13.03 -19.00
N TRP A 48 -39.54 -11.95 -19.12
CA TRP A 48 -40.00 -10.70 -19.69
C TRP A 48 -39.80 -10.68 -21.20
N ILE A 49 -40.73 -10.04 -21.90
CA ILE A 49 -40.75 -10.05 -23.35
C ILE A 49 -40.26 -8.74 -23.93
N GLY A 50 -40.94 -7.65 -23.62
CA GLY A 50 -40.55 -6.35 -24.14
C GLY A 50 -41.52 -5.29 -23.68
N TYR A 51 -41.12 -4.04 -23.89
CA TYR A 51 -41.94 -2.91 -23.50
C TYR A 51 -42.18 -1.96 -24.67
N ILE A 52 -43.23 -1.16 -24.52
CA ILE A 52 -43.56 -0.06 -25.42
C ILE A 52 -43.87 1.17 -24.59
N TYR A 53 -43.40 2.33 -25.06
CA TYR A 53 -43.53 3.57 -24.28
C TYR A 53 -44.95 4.04 -24.10
N GLY A 54 -45.84 3.79 -25.04
CA GLY A 54 -47.16 4.40 -24.94
C GLY A 54 -47.15 5.80 -25.51
N SER A 55 -46.34 6.69 -24.94
CA SER A 55 -46.16 8.01 -25.54
C SER A 55 -45.47 7.92 -26.89
N ALA A 56 -44.49 7.03 -27.04
CA ALA A 56 -43.74 6.89 -28.27
C ALA A 56 -44.04 5.53 -28.91
N THR A 57 -43.39 5.27 -30.04
CA THR A 57 -43.48 3.99 -30.72
C THR A 57 -42.23 3.15 -30.56
N SER A 58 -41.29 3.57 -29.71
CA SER A 58 -40.04 2.87 -29.55
C SER A 58 -40.20 1.66 -28.66
N THR A 59 -39.71 0.52 -29.14
CA THR A 59 -39.84 -0.75 -28.45
C THR A 59 -38.47 -1.22 -27.97
N TYR A 60 -38.50 -2.08 -26.96
CA TYR A 60 -37.37 -2.93 -26.63
C TYR A 60 -37.89 -4.36 -26.53
N TYR A 61 -37.08 -5.31 -26.97
CA TYR A 61 -37.48 -6.70 -26.97
C TYR A 61 -36.43 -7.53 -26.27
N ASN A 62 -36.88 -8.61 -25.64
CA ASN A 62 -35.96 -9.56 -25.04
C ASN A 62 -35.10 -10.18 -26.12
N PRO A 63 -33.77 -10.16 -25.99
CA PRO A 63 -32.91 -10.74 -27.04
C PRO A 63 -33.21 -12.20 -27.33
N SER A 64 -33.78 -12.94 -26.38
CA SER A 64 -34.21 -14.30 -26.66
C SER A 64 -35.43 -14.36 -27.57
N LEU A 65 -36.15 -13.26 -27.75
CA LEU A 65 -37.34 -13.21 -28.59
C LEU A 65 -37.30 -12.02 -29.53
N SER A 66 -36.14 -11.35 -29.62
CA SER A 66 -36.08 -10.08 -30.35
C SER A 66 -36.40 -10.26 -31.82
N SER A 67 -36.06 -11.41 -32.40
CA SER A 67 -36.28 -11.65 -33.82
C SER A 67 -37.69 -12.11 -34.13
N ARG A 68 -38.54 -12.28 -33.12
CA ARG A 68 -39.89 -12.82 -33.33
C ARG A 68 -40.98 -11.89 -32.84
N VAL A 69 -40.80 -11.23 -31.70
CA VAL A 69 -41.88 -10.52 -31.04
C VAL A 69 -42.08 -9.16 -31.70
N THR A 70 -43.34 -8.75 -31.81
CA THR A 70 -43.71 -7.41 -32.28
C THR A 70 -44.75 -6.83 -31.32
N ILE A 71 -44.49 -5.63 -30.83
CA ILE A 71 -45.39 -4.93 -29.92
C ILE A 71 -45.91 -3.69 -30.61
N SER A 72 -47.22 -3.62 -30.81
CA SER A 72 -47.84 -2.54 -31.57
C SER A 72 -48.56 -1.58 -30.64
N LYS A 73 -49.31 -0.67 -31.26
CA LYS A 73 -49.98 0.43 -30.58
C LYS A 73 -51.36 0.68 -31.16
N ASP A 74 -52.22 1.25 -30.32
CA ASP A 74 -53.43 1.92 -30.79
C ASP A 74 -53.78 2.97 -29.74
N MET A 75 -53.35 4.21 -29.97
CA MET A 75 -53.70 5.29 -29.05
C MET A 75 -55.19 5.59 -29.08
N SER A 76 -55.85 5.37 -30.22
CA SER A 76 -57.27 5.64 -30.34
C SER A 76 -58.08 4.71 -29.43
N LYS A 77 -57.77 3.42 -29.44
CA LYS A 77 -58.48 2.45 -28.64
C LYS A 77 -57.84 2.24 -27.26
N ASN A 78 -56.76 2.97 -26.97
CA ASN A 78 -56.09 2.91 -25.67
C ASN A 78 -55.65 1.48 -25.32
N GLN A 79 -55.05 0.78 -26.27
CA GLN A 79 -54.55 -0.56 -26.03
C GLN A 79 -53.25 -0.78 -26.80
N PHE A 80 -52.42 -1.67 -26.26
CA PHE A 80 -51.19 -2.08 -26.92
C PHE A 80 -51.22 -3.59 -27.09
N SER A 81 -50.79 -4.05 -28.26
CA SER A 81 -50.97 -5.44 -28.65
C SER A 81 -49.64 -6.19 -28.58
N LEU A 82 -49.71 -7.50 -28.74
CA LEU A 82 -48.53 -8.35 -28.77
C LEU A 82 -48.61 -9.25 -29.99
N ASN A 83 -47.52 -9.32 -30.76
CA ASN A 83 -47.45 -10.12 -31.97
C ASN A 83 -46.19 -10.97 -31.91
N LEU A 84 -46.33 -12.22 -31.50
CA LEU A 84 -45.23 -13.17 -31.49
C LEU A 84 -45.47 -14.20 -32.59
N ASN A 85 -44.60 -14.22 -33.59
CA ASN A 85 -44.80 -15.06 -34.76
C ASN A 85 -43.88 -16.29 -34.72
N SER A 86 -44.21 -17.27 -35.54
CA SER A 86 -43.46 -18.53 -35.63
C SER A 86 -43.32 -19.18 -34.26
N VAL A 87 -44.44 -19.19 -33.52
CA VAL A 87 -44.42 -19.71 -32.16
C VAL A 87 -44.32 -21.22 -32.18
N THR A 88 -43.67 -21.78 -31.18
CA THR A 88 -43.52 -23.22 -31.01
C THR A 88 -44.20 -23.65 -29.72
N ALA A 89 -44.10 -24.94 -29.42
CA ALA A 89 -44.71 -25.47 -28.20
C ALA A 89 -44.08 -24.88 -26.94
N ALA A 90 -42.88 -24.30 -27.05
CA ALA A 90 -42.23 -23.66 -25.92
C ALA A 90 -42.77 -22.26 -25.64
N ASP A 91 -43.63 -21.72 -26.49
CA ASP A 91 -44.21 -20.40 -26.30
C ASP A 91 -45.56 -20.44 -25.61
N THR A 92 -46.01 -21.62 -25.17
CA THR A 92 -47.21 -21.70 -24.36
C THR A 92 -46.92 -21.08 -22.99
N ALA A 93 -47.73 -20.10 -22.60
CA ALA A 93 -47.48 -19.39 -21.36
C ALA A 93 -48.75 -18.64 -20.97
N VAL A 94 -48.68 -17.96 -19.82
CA VAL A 94 -49.72 -17.05 -19.37
C VAL A 94 -49.16 -15.64 -19.55
N TYR A 95 -49.73 -14.91 -20.50
CA TYR A 95 -49.18 -13.62 -20.92
C TYR A 95 -49.79 -12.51 -20.09
N TYR A 96 -48.95 -11.82 -19.32
CA TYR A 96 -49.39 -10.68 -18.53
C TYR A 96 -48.96 -9.39 -19.21
N CYS A 97 -49.88 -8.43 -19.31
CA CYS A 97 -49.50 -7.08 -19.64
C CYS A 97 -49.37 -6.28 -18.36
N ALA A 98 -48.24 -5.61 -18.20
CA ALA A 98 -47.92 -4.97 -16.93
C ALA A 98 -47.60 -3.50 -17.16
N ARG A 99 -47.90 -2.68 -16.17
CA ARG A 99 -47.60 -1.26 -16.27
C ARG A 99 -46.22 -1.03 -15.66
N ASP A 100 -45.25 -0.76 -16.51
CA ASP A 100 -43.86 -0.62 -16.07
C ASP A 100 -43.70 0.63 -15.23
N TYR A 101 -42.95 0.50 -14.14
CA TYR A 101 -42.70 1.62 -13.23
C TYR A 101 -41.20 1.81 -13.09
N GLN A 102 -40.77 3.07 -13.07
CA GLN A 102 -39.37 3.43 -12.93
C GLN A 102 -39.21 4.37 -11.74
N TYR A 103 -38.38 3.99 -10.78
CA TYR A 103 -38.15 4.78 -9.58
C TYR A 103 -36.84 5.55 -9.76
N TYR A 104 -36.96 6.85 -10.00
CA TYR A 104 -35.80 7.71 -10.15
C TYR A 104 -35.48 8.36 -8.82
N TYR A 105 -34.22 8.26 -8.39
CA TYR A 105 -33.70 8.96 -7.24
C TYR A 105 -32.51 9.79 -7.68
N SER A 106 -32.37 10.99 -7.11
CA SER A 106 -31.17 11.78 -7.35
C SER A 106 -30.96 12.03 -8.84
N GLY A 107 -31.80 12.87 -9.43
CA GLY A 107 -31.93 12.94 -10.88
C GLY A 107 -30.68 13.35 -11.64
N SER A 108 -29.54 13.34 -10.96
CA SER A 108 -28.26 13.24 -11.63
C SER A 108 -27.88 11.80 -11.93
N TYR A 109 -28.73 10.84 -11.55
CA TYR A 109 -28.53 9.42 -11.82
C TYR A 109 -29.70 8.90 -12.64
N PRO A 110 -29.55 8.76 -13.95
CA PRO A 110 -30.68 8.38 -14.79
C PRO A 110 -30.97 6.89 -14.80
N THR A 111 -30.43 6.15 -13.84
CA THR A 111 -30.63 4.72 -13.79
C THR A 111 -31.72 4.41 -12.78
N PRO A 112 -32.96 4.17 -13.20
CA PRO A 112 -34.03 3.93 -12.25
C PRO A 112 -34.17 2.46 -11.90
N HIS A 113 -34.81 2.22 -10.75
CA HIS A 113 -35.25 0.89 -10.41
C HIS A 113 -36.51 0.58 -11.21
N ASN A 114 -36.54 -0.58 -11.85
CA ASN A 114 -37.62 -0.94 -12.75
C ASN A 114 -38.38 -2.13 -12.19
N TRP A 115 -39.70 -2.01 -12.16
CA TRP A 115 -40.58 -3.10 -11.76
C TRP A 115 -41.96 -2.83 -12.37
N PHE A 116 -42.89 -3.74 -12.11
CA PHE A 116 -44.23 -3.65 -12.66
C PHE A 116 -45.25 -3.66 -11.53
N ASP A 117 -45.79 -2.49 -11.22
CA ASP A 117 -46.73 -2.33 -10.11
C ASP A 117 -48.15 -2.76 -10.48
N VAL A 118 -48.58 -2.49 -11.71
CA VAL A 118 -49.91 -2.87 -12.18
C VAL A 118 -49.75 -4.00 -13.18
N TRP A 119 -50.43 -5.12 -12.92
CA TRP A 119 -50.38 -6.30 -13.76
C TRP A 119 -51.78 -6.63 -14.28
N GLY A 120 -51.83 -7.15 -15.50
CA GLY A 120 -53.06 -7.72 -16.00
C GLY A 120 -53.30 -9.08 -15.41
N PRO A 121 -54.57 -9.52 -15.44
CA PRO A 121 -54.90 -10.85 -14.92
C PRO A 121 -54.24 -11.98 -15.70
N GLY A 122 -53.82 -11.75 -16.92
CA GLY A 122 -53.15 -12.76 -17.70
C GLY A 122 -54.12 -13.68 -18.42
N VAL A 123 -53.66 -14.22 -19.55
CA VAL A 123 -54.46 -15.13 -20.36
C VAL A 123 -53.59 -16.29 -20.77
N LEU A 124 -54.16 -17.49 -20.78
CA LEU A 124 -53.42 -18.70 -21.15
C LEU A 124 -53.45 -18.86 -22.66
N VAL A 125 -52.28 -18.81 -23.28
CA VAL A 125 -52.13 -19.02 -24.72
C VAL A 125 -51.46 -20.37 -24.91
N THR A 126 -52.18 -21.32 -25.49
CA THR A 126 -51.69 -22.67 -25.70
C THR A 126 -51.31 -22.84 -27.16
N VAL A 127 -50.05 -23.18 -27.41
CA VAL A 127 -49.57 -23.40 -28.77
C VAL A 127 -49.73 -24.86 -29.10
N SER A 128 -50.76 -25.20 -29.86
CA SER A 128 -51.05 -26.57 -30.24
C SER A 128 -51.74 -26.59 -31.60
N SER A 129 -51.65 -27.72 -32.28
CA SER A 129 -52.27 -27.89 -33.59
C SER A 129 -53.62 -28.60 -33.52
N ALA A 130 -54.05 -29.02 -32.34
CA ALA A 130 -55.31 -29.73 -32.20
C ALA A 130 -56.49 -28.78 -32.38
N SER A 131 -57.61 -29.34 -32.81
CA SER A 131 -58.82 -28.55 -33.04
C SER A 131 -59.72 -28.60 -31.82
N THR A 132 -60.60 -27.60 -31.72
CA THR A 132 -61.54 -27.52 -30.60
C THR A 132 -62.47 -28.72 -30.62
N LYS A 133 -62.53 -29.43 -29.50
CA LYS A 133 -63.36 -30.63 -29.38
C LYS A 133 -64.12 -30.60 -28.07
N GLY A 134 -65.36 -31.04 -28.11
CA GLY A 134 -66.15 -31.19 -26.91
C GLY A 134 -65.65 -32.35 -26.07
N PRO A 135 -65.74 -32.22 -24.75
CA PRO A 135 -65.26 -33.29 -23.87
C PRO A 135 -66.15 -34.52 -23.93
N SER A 136 -65.49 -35.68 -23.90
CA SER A 136 -66.15 -36.96 -23.74
C SER A 136 -65.83 -37.45 -22.34
N VAL A 137 -66.82 -37.43 -21.46
CA VAL A 137 -66.60 -37.56 -20.03
C VAL A 137 -67.22 -38.87 -19.56
N PHE A 138 -66.43 -39.68 -18.85
CA PHE A 138 -66.83 -41.02 -18.44
C PHE A 138 -66.86 -41.12 -16.92
N PRO A 139 -67.95 -41.62 -16.35
CA PRO A 139 -68.08 -41.65 -14.89
C PRO A 139 -67.13 -42.63 -14.23
N LEU A 140 -66.79 -42.32 -12.98
CA LEU A 140 -65.90 -43.17 -12.17
C LEU A 140 -66.75 -43.79 -11.06
N ALA A 141 -67.34 -44.94 -11.35
CA ALA A 141 -68.23 -45.58 -10.39
C ALA A 141 -67.43 -46.18 -9.24
N PRO A 142 -67.89 -46.00 -8.00
CA PRO A 142 -67.22 -46.64 -6.86
C PRO A 142 -67.44 -48.14 -6.86
N SER A 143 -66.51 -48.84 -6.21
CA SER A 143 -66.56 -50.29 -6.09
C SER A 143 -66.26 -50.69 -4.65
N SER A 144 -66.22 -52.01 -4.42
CA SER A 144 -65.88 -52.52 -3.09
C SER A 144 -64.44 -52.20 -2.71
N LYS A 145 -63.56 -52.03 -3.71
CA LYS A 145 -62.18 -51.66 -3.48
C LYS A 145 -61.98 -50.17 -3.31
N SER A 146 -63.04 -49.37 -3.43
CA SER A 146 -62.98 -47.91 -3.34
C SER A 146 -63.28 -47.42 -1.93
N THR A 147 -62.98 -48.21 -0.91
CA THR A 147 -63.26 -47.87 0.46
C THR A 147 -61.98 -47.86 1.28
N SER A 148 -61.86 -46.89 2.19
CA SER A 148 -60.71 -46.80 3.07
C SER A 148 -61.19 -46.18 4.38
N GLY A 149 -61.35 -47.01 5.41
CA GLY A 149 -61.81 -46.53 6.69
C GLY A 149 -63.24 -46.01 6.67
N GLY A 150 -64.12 -46.69 5.95
CA GLY A 150 -65.51 -46.34 5.90
C GLY A 150 -65.86 -45.18 4.98
N THR A 151 -64.94 -44.74 4.13
CA THR A 151 -65.18 -43.65 3.21
C THR A 151 -64.99 -44.13 1.78
N ALA A 152 -65.97 -43.86 0.93
CA ALA A 152 -65.93 -44.24 -0.48
C ALA A 152 -66.18 -43.02 -1.35
N ALA A 153 -65.25 -42.75 -2.26
CA ALA A 153 -65.35 -41.60 -3.16
C ALA A 153 -65.80 -42.04 -4.55
N LEU A 154 -66.20 -41.05 -5.34
CA LEU A 154 -66.65 -41.29 -6.70
C LEU A 154 -66.42 -40.03 -7.51
N GLY A 155 -66.48 -40.18 -8.83
CA GLY A 155 -66.25 -39.05 -9.70
C GLY A 155 -66.55 -39.40 -11.15
N CYS A 156 -66.02 -38.58 -12.05
CA CYS A 156 -66.15 -38.79 -13.48
C CYS A 156 -64.90 -38.27 -14.19
N LEU A 157 -64.57 -38.92 -15.30
CA LEU A 157 -63.31 -38.69 -16.02
C LEU A 157 -63.59 -37.91 -17.30
N VAL A 158 -63.09 -36.68 -17.36
CA VAL A 158 -63.15 -35.88 -18.58
C VAL A 158 -62.05 -36.34 -19.51
N LYS A 159 -62.40 -36.63 -20.75
CA LYS A 159 -61.45 -37.24 -21.68
C LYS A 159 -61.54 -36.54 -23.04
N ASP A 160 -60.37 -36.20 -23.58
CA ASP A 160 -60.21 -35.75 -24.96
C ASP A 160 -61.05 -34.50 -25.24
N TYR A 161 -60.66 -33.42 -24.57
CA TYR A 161 -61.25 -32.10 -24.82
C TYR A 161 -60.13 -31.12 -25.12
N PHE A 162 -60.51 -30.02 -25.79
CA PHE A 162 -59.59 -28.96 -26.17
C PHE A 162 -60.40 -27.80 -26.73
N PRO A 163 -60.02 -26.54 -26.48
CA PRO A 163 -58.94 -26.06 -25.63
C PRO A 163 -59.36 -25.83 -24.18
N GLU A 164 -58.61 -24.98 -23.50
CA GLU A 164 -58.83 -24.65 -22.10
C GLU A 164 -59.98 -23.63 -21.98
N PRO A 165 -60.63 -23.56 -20.81
CA PRO A 165 -60.64 -24.49 -19.67
C PRO A 165 -62.01 -25.16 -19.54
N VAL A 166 -62.16 -26.03 -18.54
CA VAL A 166 -63.46 -26.60 -18.21
C VAL A 166 -63.75 -26.34 -16.73
N THR A 167 -65.03 -26.10 -16.44
CA THR A 167 -65.50 -25.90 -15.07
C THR A 167 -66.46 -27.03 -14.73
N VAL A 168 -66.03 -27.95 -13.88
CA VAL A 168 -66.81 -29.13 -13.53
C VAL A 168 -67.43 -28.87 -12.16
N SER A 169 -68.73 -28.59 -12.14
CA SER A 169 -69.47 -28.40 -10.91
C SER A 169 -70.22 -29.68 -10.56
N TRP A 170 -70.53 -29.83 -9.28
CA TRP A 170 -71.18 -31.03 -8.75
C TRP A 170 -72.53 -30.66 -8.16
N ASN A 171 -73.58 -31.36 -8.57
CA ASN A 171 -74.94 -31.13 -8.10
C ASN A 171 -75.35 -29.67 -8.32
N SER A 172 -75.06 -29.17 -9.53
CA SER A 172 -75.37 -27.79 -9.91
C SER A 172 -74.71 -26.80 -8.97
N GLY A 173 -73.49 -27.11 -8.53
CA GLY A 173 -72.76 -26.25 -7.64
C GLY A 173 -73.12 -26.37 -6.18
N ALA A 174 -74.05 -27.25 -5.82
CA ALA A 174 -74.44 -27.43 -4.43
C ALA A 174 -73.42 -28.24 -3.64
N LEU A 175 -72.75 -29.21 -4.27
CA LEU A 175 -71.76 -30.03 -3.60
C LEU A 175 -70.41 -29.33 -3.66
N THR A 176 -69.88 -28.97 -2.50
CA THR A 176 -68.61 -28.26 -2.40
C THR A 176 -67.58 -29.00 -1.56
N SER A 177 -67.99 -29.60 -0.44
CA SER A 177 -67.06 -30.31 0.41
C SER A 177 -66.59 -31.59 -0.24
N GLY A 178 -65.27 -31.82 -0.20
CA GLY A 178 -64.68 -32.99 -0.79
C GLY A 178 -64.46 -32.92 -2.29
N VAL A 179 -64.82 -31.81 -2.93
CA VAL A 179 -64.70 -31.69 -4.38
C VAL A 179 -63.24 -31.39 -4.73
N HIS A 180 -62.67 -32.19 -5.63
CA HIS A 180 -61.30 -32.02 -6.09
C HIS A 180 -61.31 -32.08 -7.62
N THR A 181 -61.13 -30.93 -8.25
CA THR A 181 -61.03 -30.85 -9.71
C THR A 181 -59.56 -30.77 -10.09
N PHE A 182 -59.01 -31.88 -10.57
CA PHE A 182 -57.61 -31.98 -10.89
C PHE A 182 -57.26 -31.13 -12.11
N PRO A 183 -56.07 -30.56 -12.16
CA PRO A 183 -55.65 -29.84 -13.36
C PRO A 183 -55.52 -30.78 -14.55
N ALA A 184 -55.76 -30.23 -15.73
CA ALA A 184 -55.75 -31.02 -16.95
C ALA A 184 -54.34 -31.45 -17.32
N VAL A 185 -54.25 -32.55 -18.06
CA VAL A 185 -52.99 -33.07 -18.54
C VAL A 185 -53.07 -33.26 -20.05
N LEU A 186 -51.96 -32.94 -20.72
CA LEU A 186 -51.89 -33.01 -22.17
C LEU A 186 -51.49 -34.43 -22.58
N GLN A 187 -52.38 -35.11 -23.32
CA GLN A 187 -52.13 -36.47 -23.73
C GLN A 187 -51.21 -36.51 -24.95
N SER A 188 -50.77 -37.73 -25.29
CA SER A 188 -49.98 -37.91 -26.50
C SER A 188 -50.79 -37.62 -27.76
N SER A 189 -52.12 -37.68 -27.65
CA SER A 189 -52.99 -37.36 -28.77
C SER A 189 -53.19 -35.86 -28.94
N GLY A 190 -52.68 -35.05 -28.02
CA GLY A 190 -52.83 -33.61 -28.08
C GLY A 190 -54.11 -33.08 -27.46
N LEU A 191 -54.94 -33.94 -26.89
CA LEU A 191 -56.20 -33.53 -26.28
C LEU A 191 -56.10 -33.63 -24.76
N TYR A 192 -56.70 -32.65 -24.10
CA TYR A 192 -56.66 -32.58 -22.66
C TYR A 192 -57.63 -33.59 -22.04
N SER A 193 -57.33 -34.00 -20.81
CA SER A 193 -58.18 -34.91 -20.07
C SER A 193 -57.84 -34.81 -18.59
N LEU A 194 -58.83 -34.42 -17.79
CA LEU A 194 -58.65 -34.29 -16.35
C LEU A 194 -59.68 -35.14 -15.64
N SER A 195 -59.47 -35.33 -14.34
CA SER A 195 -60.37 -36.08 -13.48
C SER A 195 -61.02 -35.15 -12.47
N SER A 196 -62.21 -35.55 -12.01
CA SER A 196 -62.93 -34.80 -11.00
C SER A 196 -63.63 -35.78 -10.09
N VAL A 197 -63.23 -35.83 -8.83
CA VAL A 197 -63.77 -36.78 -7.86
C VAL A 197 -64.14 -36.04 -6.59
N VAL A 198 -65.05 -36.65 -5.81
CA VAL A 198 -65.48 -36.11 -4.54
C VAL A 198 -65.55 -37.26 -3.53
N THR A 199 -65.09 -37.01 -2.31
CA THR A 199 -65.05 -38.02 -1.26
C THR A 199 -66.28 -37.82 -0.37
N VAL A 200 -67.03 -38.92 -0.16
CA VAL A 200 -68.23 -38.90 0.67
C VAL A 200 -68.21 -40.14 1.56
N PRO A 201 -68.91 -40.14 2.70
CA PRO A 201 -68.96 -41.35 3.53
C PRO A 201 -69.57 -42.51 2.77
N SER A 202 -69.05 -43.72 3.06
CA SER A 202 -69.53 -44.92 2.39
C SER A 202 -70.98 -45.24 2.74
N SER A 203 -71.49 -44.71 3.85
CA SER A 203 -72.88 -44.94 4.24
C SER A 203 -73.86 -44.14 3.39
N GLY A 204 -73.40 -43.10 2.69
CA GLY A 204 -74.25 -42.29 1.84
C GLY A 204 -74.35 -42.76 0.41
N LEU A 205 -73.76 -43.91 0.08
CA LEU A 205 -73.81 -44.43 -1.29
C LEU A 205 -75.16 -45.10 -1.52
N GLY A 206 -75.77 -44.78 -2.66
CA GLY A 206 -77.07 -45.32 -3.02
C GLY A 206 -78.25 -44.51 -2.52
N THR A 207 -78.01 -43.49 -1.71
CA THR A 207 -79.09 -42.65 -1.18
C THR A 207 -79.08 -41.22 -1.70
N GLN A 208 -77.95 -40.73 -2.20
CA GLN A 208 -77.85 -39.37 -2.72
C GLN A 208 -77.31 -39.42 -4.15
N THR A 209 -77.79 -38.50 -4.98
CA THR A 209 -77.42 -38.46 -6.39
C THR A 209 -76.25 -37.51 -6.59
N TYR A 210 -75.19 -38.00 -7.23
CA TYR A 210 -73.99 -37.22 -7.52
C TYR A 210 -73.88 -37.06 -9.03
N ILE A 211 -73.79 -35.81 -9.48
CA ILE A 211 -73.68 -35.49 -10.90
C ILE A 211 -72.53 -34.52 -11.10
N CYS A 212 -71.72 -34.76 -12.12
CA CYS A 212 -70.67 -33.81 -12.49
C CYS A 212 -71.11 -33.03 -13.72
N ASN A 213 -71.07 -31.70 -13.63
CA ASN A 213 -71.60 -30.82 -14.65
C ASN A 213 -70.41 -30.20 -15.39
N VAL A 214 -70.04 -30.80 -16.51
CA VAL A 214 -68.90 -30.36 -17.29
C VAL A 214 -69.35 -29.19 -18.18
N ASN A 215 -68.62 -28.09 -18.12
CA ASN A 215 -68.92 -26.89 -18.91
C ASN A 215 -67.69 -26.58 -19.75
N HIS A 216 -67.84 -26.70 -21.07
CA HIS A 216 -66.77 -26.39 -22.02
C HIS A 216 -67.28 -25.30 -22.96
N LYS A 217 -67.09 -24.04 -22.59
CA LYS A 217 -67.60 -22.93 -23.38
C LYS A 217 -66.90 -22.74 -24.74
N PRO A 218 -65.62 -23.08 -24.92
CA PRO A 218 -65.04 -22.96 -26.28
C PRO A 218 -65.75 -23.80 -27.32
N SER A 219 -66.27 -24.97 -26.95
CA SER A 219 -67.04 -25.81 -27.86
C SER A 219 -68.52 -25.82 -27.56
N ASN A 220 -68.97 -25.11 -26.50
CA ASN A 220 -70.37 -25.07 -26.10
C ASN A 220 -70.92 -26.47 -25.89
N THR A 221 -70.31 -27.19 -24.95
CA THR A 221 -70.66 -28.57 -24.66
C THR A 221 -71.12 -28.66 -23.21
N LYS A 222 -72.28 -29.28 -23.00
CA LYS A 222 -72.84 -29.50 -21.68
C LYS A 222 -73.03 -30.99 -21.48
N VAL A 223 -72.34 -31.55 -20.49
CA VAL A 223 -72.39 -32.98 -20.19
C VAL A 223 -72.86 -33.16 -18.76
N ASP A 224 -73.99 -33.83 -18.59
CA ASP A 224 -74.55 -34.13 -17.27
C ASP A 224 -74.80 -35.62 -17.18
N LYS A 225 -74.29 -36.26 -16.13
CA LYS A 225 -74.38 -37.70 -15.96
C LYS A 225 -74.78 -38.05 -14.55
N LYS A 226 -75.35 -39.22 -14.35
CA LYS A 226 -75.55 -39.73 -13.01
C LYS A 226 -74.49 -40.78 -12.73
N VAL A 227 -74.03 -40.84 -11.49
CA VAL A 227 -72.96 -41.77 -11.09
C VAL A 227 -73.58 -42.86 -10.24
N GLU A 228 -73.38 -44.10 -10.64
CA GLU A 228 -74.03 -45.24 -10.03
C GLU A 228 -73.04 -46.39 -9.88
N PRO A 229 -72.96 -46.99 -8.69
CA PRO A 229 -71.98 -48.07 -8.48
C PRO A 229 -72.28 -49.27 -9.35
N LYS A 230 -71.22 -49.92 -9.80
CA LYS A 230 -71.34 -50.96 -10.82
C LYS A 230 -72.18 -52.14 -10.33
N SER A 231 -73.04 -52.63 -11.20
CA SER A 231 -73.90 -53.76 -10.86
C SER A 231 -73.12 -55.06 -10.93
N CYS A 232 -73.45 -55.99 -10.02
CA CYS A 232 -72.70 -57.22 -9.88
C CYS A 232 -73.53 -58.49 -9.99
N ASP A 233 -74.87 -58.39 -10.06
CA ASP A 233 -75.72 -59.57 -10.05
C ASP A 233 -76.49 -59.78 -11.34
N LYS A 234 -76.42 -58.84 -12.29
CA LYS A 234 -77.21 -58.93 -13.52
C LYS A 234 -76.56 -59.80 -14.59
N THR A 235 -75.35 -60.30 -14.36
CA THR A 235 -74.63 -61.06 -15.37
C THR A 235 -74.58 -62.56 -15.10
N HIS A 236 -74.88 -62.98 -13.87
CA HIS A 236 -74.78 -64.39 -13.49
C HIS A 236 -76.11 -65.12 -13.49
N HIS A 237 -77.16 -64.50 -14.05
CA HIS A 237 -78.48 -65.14 -14.13
C HIS A 237 -78.64 -65.81 -15.49
N HIS A 238 -78.12 -67.03 -15.58
CA HIS A 238 -78.29 -67.86 -16.76
C HIS A 238 -79.39 -68.89 -16.50
N HIS A 239 -80.41 -68.90 -17.36
CA HIS A 239 -81.56 -69.77 -17.16
C HIS A 239 -81.25 -71.18 -17.66
N HIS A 240 -81.54 -72.17 -16.83
CA HIS A 240 -81.39 -73.58 -17.20
C HIS A 240 -82.74 -74.09 -17.68
N HIS A 241 -82.87 -74.26 -18.99
CA HIS A 241 -84.13 -74.70 -19.60
C HIS A 241 -84.13 -76.23 -19.66
N HIS A 242 -85.05 -76.85 -18.91
CA HIS A 242 -85.16 -78.29 -18.89
C HIS A 242 -86.35 -78.77 -19.73
N ASP B 1 -27.78 -11.50 -20.58
CA ASP B 1 -28.69 -10.99 -19.57
C ASP B 1 -28.20 -11.32 -18.18
N ILE B 2 -28.82 -10.71 -17.17
CA ILE B 2 -28.47 -10.96 -15.78
C ILE B 2 -29.35 -12.09 -15.27
N GLN B 3 -28.74 -13.21 -14.92
CA GLN B 3 -29.47 -14.39 -14.50
C GLN B 3 -29.76 -14.35 -13.01
N MET B 4 -31.04 -14.45 -12.66
CA MET B 4 -31.49 -14.54 -11.28
C MET B 4 -31.81 -16.00 -10.97
N THR B 5 -31.08 -16.56 -10.01
CA THR B 5 -31.28 -17.92 -9.56
C THR B 5 -31.85 -17.88 -8.14
N GLN B 6 -32.98 -18.54 -7.94
CA GLN B 6 -33.60 -18.62 -6.62
C GLN B 6 -33.28 -19.95 -5.95
N SER B 7 -33.13 -19.88 -4.63
CA SER B 7 -32.86 -21.04 -3.83
C SER B 7 -33.61 -20.88 -2.51
N PRO B 8 -34.44 -21.84 -2.12
CA PRO B 8 -34.70 -23.06 -2.89
C PRO B 8 -35.77 -22.85 -3.95
N SER B 9 -35.90 -23.80 -4.87
CA SER B 9 -36.94 -23.70 -5.89
C SER B 9 -38.33 -23.87 -5.29
N SER B 10 -38.44 -24.62 -4.20
CA SER B 10 -39.73 -24.81 -3.53
C SER B 10 -39.46 -25.26 -2.10
N LEU B 11 -39.87 -24.44 -1.13
CA LEU B 11 -39.72 -24.76 0.28
C LEU B 11 -41.09 -24.93 0.91
N SER B 12 -41.11 -25.63 2.05
CA SER B 12 -42.35 -25.86 2.79
C SER B 12 -42.11 -25.53 4.25
N ALA B 13 -43.07 -24.82 4.86
CA ALA B 13 -42.95 -24.43 6.25
C ALA B 13 -44.33 -24.32 6.86
N SER B 14 -44.39 -24.42 8.19
CA SER B 14 -45.64 -24.30 8.90
C SER B 14 -45.97 -22.83 9.15
N VAL B 15 -47.11 -22.59 9.79
CA VAL B 15 -47.53 -21.23 10.11
C VAL B 15 -46.65 -20.70 11.23
N GLY B 16 -46.13 -19.49 11.04
CA GLY B 16 -45.28 -18.87 12.04
C GLY B 16 -43.79 -19.13 11.89
N ASP B 17 -43.39 -19.90 10.88
CA ASP B 17 -41.98 -20.16 10.65
C ASP B 17 -41.31 -18.94 10.02
N ARG B 18 -39.98 -18.94 10.06
CA ARG B 18 -39.18 -17.89 9.45
C ARG B 18 -38.64 -18.41 8.13
N VAL B 19 -39.16 -17.89 7.02
CA VAL B 19 -38.82 -18.36 5.68
C VAL B 19 -37.89 -17.35 5.04
N THR B 20 -36.75 -17.81 4.55
CA THR B 20 -35.79 -16.98 3.83
C THR B 20 -35.65 -17.51 2.42
N ILE B 21 -35.94 -16.67 1.43
CA ILE B 21 -35.82 -17.01 0.02
C ILE B 21 -34.70 -16.17 -0.57
N THR B 22 -33.72 -16.84 -1.18
CA THR B 22 -32.57 -16.15 -1.75
C THR B 22 -32.72 -16.05 -3.26
N CYS B 23 -32.12 -15.00 -3.83
CA CYS B 23 -32.14 -14.79 -5.28
C CYS B 23 -30.75 -14.29 -5.68
N ARG B 24 -29.94 -15.19 -6.20
CA ARG B 24 -28.56 -14.88 -6.54
C ARG B 24 -28.48 -14.32 -7.96
N ALA B 25 -27.70 -13.26 -8.12
CA ALA B 25 -27.52 -12.61 -9.41
C ALA B 25 -26.23 -13.06 -10.07
N SER B 26 -26.35 -13.47 -11.33
CA SER B 26 -25.17 -13.85 -12.10
C SER B 26 -24.23 -12.66 -12.27
N GLN B 27 -24.79 -11.49 -12.54
CA GLN B 27 -24.04 -10.25 -12.64
C GLN B 27 -24.43 -9.34 -11.49
N GLY B 28 -23.45 -8.58 -10.99
CA GLY B 28 -23.69 -7.80 -9.80
C GLY B 28 -24.54 -6.56 -10.01
N ILE B 29 -25.77 -6.61 -9.53
CA ILE B 29 -26.63 -5.42 -9.48
C ILE B 29 -26.42 -4.74 -8.14
N ILE B 30 -26.61 -3.42 -8.09
CA ILE B 30 -26.29 -2.71 -6.87
C ILE B 30 -27.34 -3.01 -5.81
N ASP B 31 -28.55 -2.49 -6.00
CA ASP B 31 -29.69 -2.93 -5.19
C ASP B 31 -30.97 -3.00 -6.01
N TYR B 32 -30.86 -3.10 -7.33
CA TYR B 32 -32.02 -3.03 -8.23
C TYR B 32 -32.72 -4.39 -8.31
N LEU B 33 -33.29 -4.81 -7.18
CA LEU B 33 -34.02 -6.06 -7.14
C LEU B 33 -35.37 -5.83 -6.48
N SER B 34 -36.40 -6.49 -7.02
CA SER B 34 -37.76 -6.39 -6.52
C SER B 34 -38.32 -7.78 -6.31
N TRP B 35 -39.21 -7.91 -5.33
CA TRP B 35 -39.80 -9.18 -4.96
C TRP B 35 -41.30 -9.16 -5.26
N TYR B 36 -41.79 -10.24 -5.86
CA TYR B 36 -43.18 -10.35 -6.27
C TYR B 36 -43.81 -11.57 -5.62
N GLN B 37 -45.08 -11.47 -5.28
CA GLN B 37 -45.87 -12.60 -4.78
C GLN B 37 -46.91 -12.93 -5.83
N GLN B 38 -46.88 -14.16 -6.33
CA GLN B 38 -47.82 -14.61 -7.35
C GLN B 38 -48.76 -15.63 -6.73
N LYS B 39 -49.95 -15.18 -6.35
CA LYS B 39 -50.94 -16.09 -5.81
C LYS B 39 -51.42 -17.06 -6.89
N PRO B 40 -51.89 -18.24 -6.50
CA PRO B 40 -52.35 -19.22 -7.51
C PRO B 40 -53.52 -18.67 -8.31
N GLY B 41 -53.30 -18.54 -9.62
CA GLY B 41 -54.33 -18.03 -10.50
C GLY B 41 -54.51 -16.52 -10.47
N LYS B 42 -53.59 -15.78 -9.87
CA LYS B 42 -53.69 -14.34 -9.73
C LYS B 42 -52.45 -13.68 -10.32
N ALA B 43 -52.58 -12.40 -10.64
CA ALA B 43 -51.46 -11.64 -11.16
C ALA B 43 -50.41 -11.43 -10.06
N PRO B 44 -49.14 -11.41 -10.42
CA PRO B 44 -48.09 -11.16 -9.42
C PRO B 44 -48.25 -9.81 -8.76
N LYS B 45 -47.94 -9.78 -7.47
CA LYS B 45 -48.09 -8.60 -6.64
C LYS B 45 -46.73 -8.17 -6.12
N LEU B 46 -46.39 -6.89 -6.33
CA LEU B 46 -45.11 -6.37 -5.87
C LEU B 46 -45.10 -6.30 -4.35
N LEU B 47 -44.13 -6.97 -3.72
CA LEU B 47 -43.98 -6.93 -2.27
C LEU B 47 -42.85 -6.00 -1.86
N ILE B 48 -41.64 -6.25 -2.35
CA ILE B 48 -40.44 -5.52 -1.94
C ILE B 48 -39.88 -4.87 -3.20
N SER B 49 -39.69 -3.57 -3.16
CA SER B 49 -39.00 -2.85 -4.23
C SER B 49 -37.63 -2.39 -3.74
N THR B 50 -36.70 -2.24 -4.67
CA THR B 50 -35.32 -1.85 -4.39
C THR B 50 -34.66 -2.77 -3.37
N ALA B 51 -35.17 -3.99 -3.21
CA ALA B 51 -34.59 -5.05 -2.40
C ALA B 51 -34.63 -4.74 -0.90
N SER B 52 -35.08 -3.56 -0.52
CA SER B 52 -35.13 -3.20 0.89
C SER B 52 -36.37 -2.42 1.30
N ASN B 53 -37.32 -2.19 0.40
CA ASN B 53 -38.49 -1.38 0.70
C ASN B 53 -39.71 -2.27 0.85
N LEU B 54 -40.43 -2.10 1.94
CA LEU B 54 -41.71 -2.77 2.14
C LEU B 54 -42.81 -1.91 1.51
N GLU B 55 -43.51 -2.45 0.54
CA GLU B 55 -44.45 -1.65 -0.22
C GLU B 55 -45.69 -1.32 0.61
N SER B 56 -46.51 -0.43 0.08
CA SER B 56 -47.71 0.03 0.78
C SER B 56 -48.79 -1.05 0.73
N GLY B 57 -49.22 -1.51 1.90
CA GLY B 57 -50.30 -2.48 2.02
C GLY B 57 -49.86 -3.88 2.35
N VAL B 58 -48.62 -4.24 2.02
CA VAL B 58 -48.08 -5.57 2.33
C VAL B 58 -47.71 -5.62 3.81
N PRO B 59 -47.99 -6.72 4.51
CA PRO B 59 -47.72 -6.77 5.94
C PRO B 59 -46.23 -6.67 6.26
N SER B 60 -45.95 -6.20 7.47
CA SER B 60 -44.58 -5.95 7.91
C SER B 60 -43.76 -7.23 8.07
N ARG B 61 -44.41 -8.39 8.14
CA ARG B 61 -43.67 -9.64 8.30
C ARG B 61 -42.81 -9.97 7.09
N PHE B 62 -43.17 -9.47 5.91
CA PHE B 62 -42.32 -9.59 4.73
C PHE B 62 -41.16 -8.61 4.88
N SER B 63 -39.95 -9.08 4.56
CA SER B 63 -38.78 -8.22 4.60
C SER B 63 -37.78 -8.68 3.54
N GLY B 64 -37.21 -7.71 2.84
CA GLY B 64 -36.19 -8.00 1.86
C GLY B 64 -34.87 -7.40 2.27
N SER B 65 -33.77 -8.07 1.96
CA SER B 65 -32.46 -7.63 2.41
C SER B 65 -31.41 -8.07 1.40
N GLY B 66 -30.26 -7.44 1.48
CA GLY B 66 -29.13 -7.81 0.65
C GLY B 66 -28.94 -6.84 -0.49
N SER B 67 -27.69 -6.73 -0.95
CA SER B 67 -27.35 -5.93 -2.11
C SER B 67 -26.12 -6.55 -2.76
N GLY B 68 -25.94 -6.26 -4.03
CA GLY B 68 -24.85 -6.86 -4.79
C GLY B 68 -25.30 -8.12 -5.53
N THR B 69 -24.84 -9.28 -5.05
CA THR B 69 -25.16 -10.55 -5.66
C THR B 69 -26.19 -11.35 -4.86
N GLU B 70 -26.20 -11.24 -3.54
CA GLU B 70 -27.08 -12.02 -2.68
C GLU B 70 -28.25 -11.16 -2.24
N PHE B 71 -29.46 -11.63 -2.50
CA PHE B 71 -30.68 -10.97 -2.07
C PHE B 71 -31.58 -12.00 -1.40
N THR B 72 -32.19 -11.60 -0.28
CA THR B 72 -32.98 -12.51 0.54
C THR B 72 -34.34 -11.91 0.80
N LEU B 73 -35.38 -12.75 0.74
CA LEU B 73 -36.73 -12.38 1.13
C LEU B 73 -37.06 -13.14 2.41
N THR B 74 -37.27 -12.41 3.50
CA THR B 74 -37.49 -13.01 4.80
C THR B 74 -38.92 -12.78 5.25
N ILE B 75 -39.62 -13.86 5.59
CA ILE B 75 -40.96 -13.80 6.17
C ILE B 75 -40.82 -14.15 7.64
N SER B 76 -41.05 -13.19 8.52
CA SER B 76 -40.80 -13.40 9.94
C SER B 76 -41.82 -14.36 10.55
N SER B 77 -43.08 -13.98 10.55
CA SER B 77 -44.16 -14.80 11.11
C SER B 77 -45.00 -15.30 9.94
N LEU B 78 -44.63 -16.45 9.39
CA LEU B 78 -45.32 -16.98 8.22
C LEU B 78 -46.79 -17.20 8.52
N GLN B 79 -47.64 -16.87 7.56
CA GLN B 79 -49.08 -16.85 7.70
C GLN B 79 -49.74 -17.69 6.63
N PRO B 80 -50.97 -18.17 6.88
CA PRO B 80 -51.64 -19.04 5.89
C PRO B 80 -51.86 -18.39 4.53
N GLU B 81 -51.96 -17.06 4.44
CA GLU B 81 -52.19 -16.40 3.16
C GLU B 81 -50.89 -15.94 2.52
N ASP B 82 -49.74 -16.26 3.12
CA ASP B 82 -48.45 -16.01 2.52
C ASP B 82 -47.95 -17.21 1.73
N PHE B 83 -48.85 -18.03 1.21
CA PHE B 83 -48.50 -19.32 0.59
C PHE B 83 -48.73 -19.21 -0.91
N ALA B 84 -47.70 -18.77 -1.62
CA ALA B 84 -47.76 -18.61 -3.07
C ALA B 84 -46.34 -18.60 -3.61
N THR B 85 -46.22 -18.42 -4.92
CA THR B 85 -44.91 -18.37 -5.56
C THR B 85 -44.31 -16.97 -5.41
N TYR B 86 -43.05 -16.92 -5.04
CA TYR B 86 -42.35 -15.65 -4.83
C TYR B 86 -41.24 -15.53 -5.87
N SER B 87 -41.24 -14.41 -6.59
CA SER B 87 -40.31 -14.19 -7.68
C SER B 87 -39.55 -12.89 -7.46
N CYS B 88 -38.25 -12.93 -7.73
CA CYS B 88 -37.40 -11.76 -7.72
C CYS B 88 -37.31 -11.18 -9.12
N LEU B 89 -37.07 -9.88 -9.20
CA LEU B 89 -36.98 -9.21 -10.49
C LEU B 89 -35.90 -8.14 -10.41
N GLN B 90 -35.09 -8.05 -11.45
CA GLN B 90 -34.04 -7.04 -11.51
C GLN B 90 -34.40 -5.94 -12.48
N GLY B 91 -34.25 -4.69 -12.04
CA GLY B 91 -34.38 -3.55 -12.89
C GLY B 91 -33.06 -2.85 -13.20
N TYR B 92 -31.93 -3.46 -12.85
CA TYR B 92 -30.64 -2.80 -13.05
C TYR B 92 -30.31 -2.66 -14.52
N THR B 93 -30.68 -3.65 -15.33
CA THR B 93 -30.45 -3.58 -16.76
C THR B 93 -31.57 -4.30 -17.47
N THR B 94 -31.66 -4.05 -18.78
CA THR B 94 -32.69 -4.63 -19.61
C THR B 94 -32.04 -5.60 -20.59
N PRO B 95 -32.57 -6.81 -20.79
CA PRO B 95 -33.86 -7.34 -20.35
C PRO B 95 -33.99 -7.60 -18.85
N TYR B 96 -35.18 -7.35 -18.32
CA TYR B 96 -35.49 -7.69 -16.95
C TYR B 96 -35.67 -9.19 -16.84
N THR B 97 -35.02 -9.80 -15.85
CA THR B 97 -35.06 -11.24 -15.66
C THR B 97 -35.66 -11.55 -14.30
N PHE B 98 -36.67 -12.39 -14.28
CA PHE B 98 -37.26 -12.85 -13.03
C PHE B 98 -36.54 -14.09 -12.52
N GLY B 99 -36.72 -14.35 -11.23
CA GLY B 99 -36.29 -15.61 -10.67
C GLY B 99 -37.21 -16.74 -11.09
N GLN B 100 -36.71 -17.96 -10.94
CA GLN B 100 -37.48 -19.12 -11.34
C GLN B 100 -38.71 -19.33 -10.46
N GLY B 101 -38.81 -18.63 -9.35
CA GLY B 101 -39.99 -18.71 -8.51
C GLY B 101 -39.81 -19.72 -7.40
N THR B 102 -40.19 -19.32 -6.20
CA THR B 102 -40.10 -20.16 -5.02
C THR B 102 -41.50 -20.40 -4.49
N LYS B 103 -41.95 -21.65 -4.54
CA LYS B 103 -43.29 -22.00 -4.08
C LYS B 103 -43.23 -22.38 -2.60
N VAL B 104 -44.23 -21.93 -1.84
CA VAL B 104 -44.29 -22.15 -0.41
C VAL B 104 -45.55 -22.95 -0.09
N GLU B 105 -45.39 -24.03 0.68
CA GLU B 105 -46.50 -24.89 1.04
C GLU B 105 -46.66 -24.92 2.55
N ILE B 106 -47.55 -25.81 3.01
CA ILE B 106 -47.90 -25.92 4.42
C ILE B 106 -47.31 -27.20 4.98
N LYS B 107 -46.48 -27.07 6.02
CA LYS B 107 -45.82 -28.23 6.62
C LYS B 107 -46.75 -28.84 7.67
N THR B 108 -47.65 -29.71 7.20
CA THR B 108 -48.59 -30.44 8.06
C THR B 108 -48.68 -31.88 7.54
N VAL B 109 -48.17 -32.82 8.33
CA VAL B 109 -48.07 -34.21 7.91
C VAL B 109 -49.45 -34.85 7.89
N ALA B 110 -49.75 -35.62 6.84
CA ALA B 110 -51.02 -36.31 6.70
C ALA B 110 -50.81 -37.58 5.90
N ALA B 111 -51.77 -38.50 6.00
CA ALA B 111 -51.67 -39.77 5.27
C ALA B 111 -52.76 -39.87 4.21
N PRO B 112 -52.46 -40.47 3.06
CA PRO B 112 -53.43 -40.53 1.97
C PRO B 112 -54.46 -41.63 2.15
N SER B 113 -55.59 -41.46 1.48
CA SER B 113 -56.63 -42.49 1.37
C SER B 113 -56.62 -43.02 -0.06
N VAL B 114 -56.07 -44.21 -0.24
CA VAL B 114 -55.80 -44.75 -1.57
C VAL B 114 -57.08 -45.35 -2.14
N PHE B 115 -57.49 -44.83 -3.30
CA PHE B 115 -58.68 -45.29 -4.00
C PHE B 115 -58.31 -45.69 -5.42
N ILE B 116 -59.06 -46.64 -5.97
CA ILE B 116 -58.89 -47.07 -7.36
C ILE B 116 -60.27 -47.23 -7.98
N PHE B 117 -60.40 -46.75 -9.22
CA PHE B 117 -61.68 -46.72 -9.91
C PHE B 117 -61.57 -47.51 -11.21
N PRO B 118 -62.29 -48.62 -11.35
CA PRO B 118 -62.33 -49.32 -12.64
C PRO B 118 -63.04 -48.47 -13.69
N PRO B 119 -62.68 -48.61 -14.96
CA PRO B 119 -63.34 -47.84 -16.01
C PRO B 119 -64.79 -48.26 -16.19
N SER B 120 -65.62 -47.30 -16.58
CA SER B 120 -67.04 -47.57 -16.78
C SER B 120 -67.26 -48.36 -18.07
N ASP B 121 -68.39 -49.07 -18.12
CA ASP B 121 -68.71 -49.88 -19.28
C ASP B 121 -69.01 -49.03 -20.51
N GLU B 122 -69.65 -47.87 -20.32
CA GLU B 122 -69.86 -46.98 -21.45
C GLU B 122 -68.54 -46.48 -22.01
N GLN B 123 -67.56 -46.21 -21.14
CA GLN B 123 -66.21 -45.92 -21.62
C GLN B 123 -65.62 -47.12 -22.34
N LEU B 124 -65.98 -48.33 -21.93
CA LEU B 124 -65.53 -49.51 -22.65
C LEU B 124 -66.16 -49.60 -24.03
N LYS B 125 -67.36 -49.06 -24.20
CA LYS B 125 -67.92 -48.96 -25.54
C LYS B 125 -67.35 -47.77 -26.30
N SER B 126 -66.76 -46.80 -25.60
CA SER B 126 -66.20 -45.62 -26.25
C SER B 126 -65.03 -45.94 -27.17
N GLY B 127 -64.11 -46.81 -26.74
CA GLY B 127 -62.95 -47.17 -27.53
C GLY B 127 -61.67 -47.30 -26.74
N THR B 128 -61.53 -46.58 -25.64
CA THR B 128 -60.34 -46.64 -24.79
C THR B 128 -60.76 -46.89 -23.34
N ALA B 129 -59.84 -47.49 -22.59
CA ALA B 129 -60.07 -47.81 -21.18
C ALA B 129 -58.97 -47.15 -20.36
N SER B 130 -59.34 -46.21 -19.50
CA SER B 130 -58.39 -45.49 -18.66
C SER B 130 -58.67 -45.83 -17.21
N VAL B 131 -57.70 -46.46 -16.54
CA VAL B 131 -57.83 -46.77 -15.12
C VAL B 131 -57.18 -45.65 -14.32
N VAL B 132 -57.89 -45.15 -13.32
CA VAL B 132 -57.46 -43.99 -12.55
C VAL B 132 -57.22 -44.43 -11.10
N CYS B 133 -56.06 -44.06 -10.57
CA CYS B 133 -55.71 -44.31 -9.17
C CYS B 133 -55.83 -43.00 -8.40
N LEU B 134 -56.52 -43.04 -7.26
CA LEU B 134 -56.87 -41.85 -6.52
C LEU B 134 -56.15 -41.81 -5.18
N LEU B 135 -55.55 -40.66 -4.87
CA LEU B 135 -54.84 -40.42 -3.61
C LEU B 135 -55.36 -39.10 -3.06
N ASN B 136 -56.00 -39.14 -1.89
CA ASN B 136 -56.62 -37.96 -1.31
C ASN B 136 -55.97 -37.60 0.02
N ASN B 137 -55.74 -36.29 0.21
CA ASN B 137 -55.36 -35.72 1.50
C ASN B 137 -54.06 -36.32 2.05
N PHE B 138 -52.97 -36.06 1.33
CA PHE B 138 -51.65 -36.52 1.74
C PHE B 138 -50.68 -35.34 1.75
N TYR B 139 -49.48 -35.61 2.29
CA TYR B 139 -48.41 -34.63 2.38
C TYR B 139 -47.10 -35.34 2.68
N PRO B 140 -46.00 -35.01 1.99
CA PRO B 140 -45.83 -33.95 0.99
C PRO B 140 -46.26 -34.33 -0.42
N ARG B 141 -46.17 -33.35 -1.33
CA ARG B 141 -46.58 -33.57 -2.72
C ARG B 141 -45.70 -34.61 -3.39
N GLU B 142 -44.39 -34.59 -3.13
CA GLU B 142 -43.47 -35.52 -3.77
C GLU B 142 -43.74 -36.92 -3.24
N ALA B 143 -44.41 -37.73 -4.06
CA ALA B 143 -44.67 -39.14 -3.77
C ALA B 143 -44.55 -39.92 -5.07
N LYS B 144 -44.57 -41.24 -5.00
CA LYS B 144 -44.39 -42.02 -6.23
C LYS B 144 -45.53 -43.02 -6.35
N VAL B 145 -46.22 -42.96 -7.49
CA VAL B 145 -47.25 -43.92 -7.84
C VAL B 145 -46.74 -44.72 -9.03
N GLN B 146 -46.50 -46.01 -8.84
CA GLN B 146 -45.91 -46.85 -9.87
C GLN B 146 -46.98 -47.81 -10.36
N TRP B 147 -47.25 -47.80 -11.66
CA TRP B 147 -48.32 -48.58 -12.24
C TRP B 147 -47.81 -49.99 -12.53
N LYS B 148 -48.40 -50.98 -11.88
CA LYS B 148 -48.04 -52.38 -12.08
C LYS B 148 -49.27 -53.15 -12.54
N VAL B 149 -49.07 -54.00 -13.55
CA VAL B 149 -50.15 -54.78 -14.13
C VAL B 149 -49.78 -56.26 -14.02
N ASP B 150 -50.63 -57.04 -13.35
CA ASP B 150 -50.36 -58.46 -13.09
C ASP B 150 -49.01 -58.64 -12.41
N ASN B 151 -48.73 -57.74 -11.46
CA ASN B 151 -47.44 -57.69 -10.76
C ASN B 151 -46.28 -57.55 -11.74
N ALA B 152 -46.55 -56.91 -12.88
CA ALA B 152 -45.53 -56.62 -13.88
C ALA B 152 -45.56 -55.14 -14.19
N LEU B 153 -44.38 -54.52 -14.16
CA LEU B 153 -44.30 -53.07 -14.24
C LEU B 153 -44.72 -52.56 -15.62
N GLN B 154 -45.49 -51.48 -15.63
CA GLN B 154 -45.87 -50.78 -16.87
C GLN B 154 -45.43 -49.34 -16.77
N SER B 155 -44.72 -48.85 -17.78
CA SER B 155 -44.19 -47.51 -17.81
C SER B 155 -44.45 -46.88 -19.18
N GLY B 156 -44.52 -45.55 -19.21
CA GLY B 156 -44.75 -44.82 -20.43
C GLY B 156 -46.20 -44.57 -20.77
N ASN B 157 -47.14 -45.07 -19.96
CA ASN B 157 -48.56 -44.89 -20.22
C ASN B 157 -49.30 -44.38 -18.99
N SER B 158 -48.63 -43.55 -18.18
CA SER B 158 -49.21 -43.01 -16.95
C SER B 158 -49.18 -41.49 -17.00
N GLN B 159 -50.29 -40.88 -16.61
CA GLN B 159 -50.40 -39.43 -16.52
C GLN B 159 -50.87 -39.07 -15.11
N GLU B 160 -50.15 -38.17 -14.46
CA GLU B 160 -50.43 -37.79 -13.08
C GLU B 160 -50.89 -36.34 -13.02
N SER B 161 -51.84 -36.07 -12.12
CA SER B 161 -52.36 -34.72 -11.94
C SER B 161 -52.51 -34.49 -10.44
N VAL B 162 -51.70 -33.58 -9.90
CA VAL B 162 -51.72 -33.26 -8.48
C VAL B 162 -52.31 -31.86 -8.31
N THR B 163 -53.38 -31.76 -7.53
CA THR B 163 -54.06 -30.49 -7.35
C THR B 163 -53.21 -29.55 -6.48
N GLU B 164 -53.50 -28.26 -6.62
CA GLU B 164 -52.87 -27.26 -5.77
C GLU B 164 -53.35 -27.44 -4.33
N GLN B 165 -52.49 -27.07 -3.38
CA GLN B 165 -52.79 -27.27 -1.98
C GLN B 165 -54.01 -26.46 -1.57
N ASP B 166 -55.09 -27.16 -1.24
CA ASP B 166 -56.32 -26.50 -0.82
C ASP B 166 -56.15 -25.86 0.55
N SER B 167 -56.90 -24.78 0.78
CA SER B 167 -56.80 -24.01 2.01
C SER B 167 -57.74 -24.51 3.10
N LYS B 168 -58.48 -25.58 2.85
CA LYS B 168 -59.40 -26.14 3.85
C LYS B 168 -58.69 -27.04 4.84
N ASP B 169 -58.00 -28.08 4.34
CA ASP B 169 -57.30 -29.03 5.20
C ASP B 169 -55.81 -29.10 4.90
N SER B 170 -55.29 -28.24 4.01
CA SER B 170 -53.86 -28.12 3.75
C SER B 170 -53.25 -29.42 3.26
N THR B 171 -53.92 -30.12 2.35
CA THR B 171 -53.44 -31.40 1.87
C THR B 171 -53.43 -31.47 0.34
N TYR B 172 -53.18 -32.65 -0.20
CA TYR B 172 -53.06 -32.85 -1.64
C TYR B 172 -53.98 -33.97 -2.10
N SER B 173 -54.42 -33.86 -3.36
CA SER B 173 -55.17 -34.91 -4.02
C SER B 173 -54.45 -35.28 -5.30
N LEU B 174 -54.19 -36.56 -5.49
CA LEU B 174 -53.47 -37.06 -6.65
C LEU B 174 -54.39 -37.95 -7.49
N SER B 175 -54.26 -37.82 -8.81
CA SER B 175 -55.04 -38.62 -9.73
C SER B 175 -54.12 -39.08 -10.85
N SER B 176 -53.79 -40.37 -10.87
CA SER B 176 -52.97 -40.95 -11.91
C SER B 176 -53.85 -41.75 -12.86
N THR B 177 -53.67 -41.51 -14.17
CA THR B 177 -54.50 -42.13 -15.19
C THR B 177 -53.65 -43.10 -16.00
N LEU B 178 -54.13 -44.34 -16.13
CA LEU B 178 -53.47 -45.38 -16.90
C LEU B 178 -54.25 -45.56 -18.19
N THR B 179 -53.84 -44.82 -19.22
CA THR B 179 -54.50 -44.89 -20.53
C THR B 179 -54.00 -46.11 -21.27
N LEU B 180 -54.92 -46.97 -21.70
CA LEU B 180 -54.58 -48.19 -22.40
C LEU B 180 -55.71 -48.59 -23.32
N SER B 181 -55.38 -49.40 -24.32
CA SER B 181 -56.35 -49.84 -25.31
C SER B 181 -57.11 -51.07 -24.80
N LYS B 182 -58.20 -51.40 -25.49
CA LYS B 182 -59.03 -52.52 -25.06
C LYS B 182 -58.27 -53.84 -25.16
N ALA B 183 -57.61 -54.08 -26.29
CA ALA B 183 -56.84 -55.32 -26.46
C ALA B 183 -55.89 -55.53 -25.30
N ASP B 184 -55.23 -54.46 -24.84
CA ASP B 184 -54.47 -54.53 -23.61
C ASP B 184 -55.37 -54.68 -22.38
N TYR B 185 -56.61 -54.22 -22.45
CA TYR B 185 -57.48 -54.29 -21.26
C TYR B 185 -57.83 -55.72 -20.90
N GLU B 186 -58.32 -56.52 -21.87
CA GLU B 186 -58.64 -57.89 -21.49
C GLU B 186 -57.46 -58.85 -21.62
N LYS B 187 -56.28 -58.38 -22.04
CA LYS B 187 -55.11 -59.24 -22.04
C LYS B 187 -54.45 -59.35 -20.66
N HIS B 188 -54.95 -58.62 -19.66
CA HIS B 188 -54.35 -58.62 -18.34
C HIS B 188 -55.43 -58.71 -17.27
N LYS B 189 -55.03 -59.14 -16.07
CA LYS B 189 -55.96 -59.45 -15.00
C LYS B 189 -55.88 -58.45 -13.85
N VAL B 190 -54.69 -58.28 -13.26
CA VAL B 190 -54.52 -57.47 -12.05
C VAL B 190 -54.06 -56.08 -12.47
N TYR B 191 -54.78 -55.06 -12.00
CA TYR B 191 -54.46 -53.67 -12.27
C TYR B 191 -54.30 -52.97 -10.93
N ALA B 192 -53.05 -52.73 -10.53
CA ALA B 192 -52.76 -52.23 -9.19
C ALA B 192 -51.86 -51.01 -9.25
N CYS B 193 -52.08 -50.09 -8.31
CA CYS B 193 -51.26 -48.90 -8.16
C CYS B 193 -50.70 -48.86 -6.74
N GLU B 194 -49.38 -48.76 -6.63
CA GLU B 194 -48.71 -48.74 -5.34
C GLU B 194 -48.60 -47.30 -4.85
N VAL B 195 -48.74 -47.11 -3.54
CA VAL B 195 -48.60 -45.80 -2.93
C VAL B 195 -47.45 -45.87 -1.93
N THR B 196 -46.38 -45.13 -2.23
CA THR B 196 -45.26 -44.97 -1.32
C THR B 196 -45.29 -43.54 -0.81
N HIS B 197 -45.53 -43.36 0.48
CA HIS B 197 -45.79 -42.04 1.01
C HIS B 197 -45.07 -41.89 2.34
N GLN B 198 -44.70 -40.64 2.64
CA GLN B 198 -43.97 -40.35 3.87
C GLN B 198 -44.82 -40.66 5.09
N GLY B 199 -46.11 -40.34 5.03
CA GLY B 199 -47.00 -40.59 6.14
C GLY B 199 -47.41 -42.04 6.31
N LEU B 200 -47.11 -42.90 5.34
CA LEU B 200 -47.42 -44.32 5.42
C LEU B 200 -46.12 -45.09 5.66
N SER B 201 -46.07 -45.84 6.76
CA SER B 201 -44.88 -46.61 7.08
C SER B 201 -44.63 -47.69 6.04
N SER B 202 -45.68 -48.38 5.60
CA SER B 202 -45.55 -49.43 4.60
C SER B 202 -46.21 -48.99 3.29
N PRO B 203 -45.72 -49.49 2.15
CA PRO B 203 -46.34 -49.14 0.87
C PRO B 203 -47.72 -49.76 0.72
N VAL B 204 -48.76 -48.92 0.77
CA VAL B 204 -50.14 -49.40 0.65
C VAL B 204 -50.44 -49.67 -0.81
N THR B 205 -50.98 -50.86 -1.10
CA THR B 205 -51.30 -51.29 -2.45
C THR B 205 -52.79 -51.52 -2.57
N LYS B 206 -53.42 -50.80 -3.51
CA LYS B 206 -54.84 -50.97 -3.80
C LYS B 206 -55.02 -51.50 -5.22
N SER B 207 -55.89 -52.49 -5.38
CA SER B 207 -55.99 -53.18 -6.66
C SER B 207 -57.41 -53.62 -6.91
N PHE B 208 -57.70 -53.95 -8.16
CA PHE B 208 -58.99 -54.50 -8.54
C PHE B 208 -58.81 -55.42 -9.74
N ASN B 209 -59.78 -56.32 -9.89
CA ASN B 209 -59.82 -57.27 -10.99
C ASN B 209 -61.10 -57.04 -11.79
N ARG B 210 -61.01 -57.24 -13.10
CA ARG B 210 -62.18 -57.01 -13.95
C ARG B 210 -63.27 -58.04 -13.65
N GLY B 211 -62.88 -59.29 -13.41
CA GLY B 211 -63.83 -60.36 -13.15
C GLY B 211 -64.44 -60.37 -11.78
N GLU B 212 -63.93 -59.53 -10.87
CA GLU B 212 -64.50 -59.37 -9.55
C GLU B 212 -65.26 -58.05 -9.48
N CYS B 213 -66.51 -58.11 -9.07
CA CYS B 213 -67.35 -56.93 -9.04
C CYS B 213 -67.63 -56.47 -7.60
N PRO C 1 -2.46 3.95 -11.88
CA PRO C 1 -3.54 4.33 -10.96
C PRO C 1 -3.17 4.08 -9.51
N LYS C 2 -3.47 5.04 -8.64
CA LYS C 2 -3.15 4.95 -7.22
C LYS C 2 -4.33 5.49 -6.42
N LEU C 3 -4.86 4.67 -5.52
CA LEU C 3 -5.91 5.12 -4.61
C LEU C 3 -5.32 6.10 -3.60
N ILE C 4 -5.94 7.28 -3.46
CA ILE C 4 -5.40 8.30 -2.59
C ILE C 4 -6.47 8.91 -1.70
N SER C 5 -7.65 8.29 -1.67
CA SER C 5 -8.81 8.91 -1.04
C SER C 5 -8.80 8.86 0.48
N TYR C 6 -7.68 8.50 1.09
CA TYR C 6 -7.64 8.25 2.53
C TYR C 6 -7.74 9.52 3.38
N THR C 7 -7.61 10.69 2.77
CA THR C 7 -7.53 11.93 3.54
C THR C 7 -8.87 12.61 3.76
N LEU C 8 -9.96 12.04 3.29
CA LEU C 8 -11.26 12.69 3.32
C LEU C 8 -12.21 11.99 4.29
N PRO C 9 -13.21 12.72 4.81
CA PRO C 9 -14.22 12.11 5.68
C PRO C 9 -15.29 11.33 4.92
N VAL C 10 -14.84 10.47 4.00
CA VAL C 10 -15.76 9.74 3.14
C VAL C 10 -16.12 8.40 3.77
N VAL C 11 -15.15 7.74 4.38
CA VAL C 11 -15.34 6.37 4.87
C VAL C 11 -16.30 6.44 6.06
N GLY C 12 -17.54 6.02 5.83
CA GLY C 12 -18.52 5.89 6.88
C GLY C 12 -18.63 4.45 7.35
N GLN C 13 -19.74 4.16 8.01
CA GLN C 13 -20.01 2.81 8.48
C GLN C 13 -20.54 1.95 7.34
N SER C 14 -20.77 0.67 7.63
CA SER C 14 -21.24 -0.27 6.62
C SER C 14 -22.70 -0.06 6.26
N GLY C 15 -23.48 0.63 7.09
CA GLY C 15 -24.87 0.90 6.81
C GLY C 15 -25.17 2.22 6.15
N THR C 16 -24.14 3.01 5.81
CA THR C 16 -24.31 4.31 5.19
C THR C 16 -23.57 4.32 3.87
N CYS C 17 -24.23 4.78 2.80
CA CYS C 17 -23.61 4.85 1.50
C CYS C 17 -23.47 6.31 1.08
N ILE C 18 -22.45 6.59 0.28
CA ILE C 18 -22.06 7.95 -0.08
C ILE C 18 -22.55 8.20 -1.50
N THR C 19 -23.41 9.19 -1.68
CA THR C 19 -24.02 9.50 -2.96
C THR C 19 -23.78 10.96 -3.32
N ASP C 20 -24.09 11.29 -4.57
CA ASP C 20 -24.02 12.64 -5.09
C ASP C 20 -22.67 13.29 -4.80
N PRO C 21 -21.59 12.81 -5.42
CA PRO C 21 -20.26 13.32 -5.09
C PRO C 21 -19.95 14.61 -5.84
N LEU C 22 -18.77 15.16 -5.58
CA LEU C 22 -18.34 16.36 -6.28
C LEU C 22 -16.82 16.41 -6.23
N LEU C 23 -16.23 16.94 -7.29
CA LEU C 23 -14.79 17.16 -7.34
C LEU C 23 -14.53 18.29 -8.33
N ALA C 24 -13.82 19.31 -7.88
CA ALA C 24 -13.64 20.51 -8.69
C ALA C 24 -12.28 21.10 -8.33
N MET C 25 -11.34 21.03 -9.28
CA MET C 25 -9.97 21.43 -9.03
C MET C 25 -9.64 22.65 -9.89
N ASP C 26 -9.01 23.65 -9.26
CA ASP C 26 -8.61 24.85 -9.98
C ASP C 26 -7.48 25.51 -9.22
N GLU C 27 -6.34 25.70 -9.88
CA GLU C 27 -5.19 26.41 -9.31
C GLU C 27 -4.73 25.78 -8.00
N GLY C 28 -4.77 24.45 -7.94
CA GLY C 28 -4.20 23.72 -6.82
C GLY C 28 -5.14 23.46 -5.66
N TYR C 29 -6.36 23.99 -5.70
CA TYR C 29 -7.34 23.79 -4.63
C TYR C 29 -8.50 22.99 -5.19
N PHE C 30 -8.99 22.04 -4.41
CA PHE C 30 -10.09 21.20 -4.83
C PHE C 30 -11.34 21.51 -4.01
N ALA C 31 -12.47 20.92 -4.39
CA ALA C 31 -13.67 20.92 -3.58
C ALA C 31 -14.28 19.53 -3.61
N TYR C 32 -15.02 19.21 -2.55
CA TYR C 32 -15.62 17.88 -2.46
C TYR C 32 -16.97 18.03 -1.77
N SER C 33 -18.00 17.40 -2.34
CA SER C 33 -19.30 17.32 -1.72
C SER C 33 -19.80 15.89 -1.82
N HIS C 34 -20.53 15.46 -0.79
CA HIS C 34 -21.13 14.14 -0.83
C HIS C 34 -22.26 14.09 0.19
N LEU C 35 -23.29 13.30 -0.14
CA LEU C 35 -24.46 13.15 0.72
C LEU C 35 -24.40 11.77 1.36
N GLU C 36 -24.05 11.73 2.64
CA GLU C 36 -24.08 10.48 3.39
C GLU C 36 -25.51 10.18 3.80
N ARG C 37 -26.01 9.03 3.36
CA ARG C 37 -27.36 8.60 3.70
C ARG C 37 -27.31 7.59 4.84
N ILE C 38 -28.47 7.01 5.15
CA ILE C 38 -28.58 5.94 6.14
C ILE C 38 -29.33 4.81 5.47
N GLY C 39 -28.66 3.68 5.30
CA GLY C 39 -29.27 2.52 4.65
C GLY C 39 -29.04 2.53 3.14
N SER C 40 -30.11 2.33 2.38
CA SER C 40 -30.02 2.29 0.94
C SER C 40 -29.70 3.68 0.38
N CYS C 41 -29.08 3.69 -0.79
CA CYS C 41 -28.77 4.95 -1.46
C CYS C 41 -30.00 5.60 -2.07
N SER C 42 -30.98 4.81 -2.48
CA SER C 42 -32.16 5.32 -3.18
C SER C 42 -33.29 5.68 -2.22
N ARG C 43 -33.51 4.89 -1.19
CA ARG C 43 -34.59 5.13 -0.24
C ARG C 43 -34.10 5.40 1.17
N GLY C 44 -32.84 5.76 1.34
CA GLY C 44 -32.31 6.00 2.66
C GLY C 44 -32.66 7.37 3.19
N VAL C 45 -32.25 7.60 4.44
CA VAL C 45 -32.43 8.88 5.10
C VAL C 45 -31.10 9.63 5.04
N SER C 46 -31.14 10.87 4.55
CA SER C 46 -29.93 11.65 4.39
C SER C 46 -29.38 12.04 5.75
N LYS C 47 -28.13 11.66 6.03
CA LYS C 47 -27.52 11.94 7.33
C LYS C 47 -26.84 13.31 7.33
N GLN C 48 -25.96 13.55 6.37
CA GLN C 48 -25.25 14.82 6.29
C GLN C 48 -24.83 15.05 4.84
N ARG C 49 -24.55 16.31 4.53
CA ARG C 49 -24.12 16.72 3.18
C ARG C 49 -22.85 17.55 3.34
N ILE C 50 -21.70 16.87 3.43
CA ILE C 50 -20.45 17.58 3.55
C ILE C 50 -20.14 18.32 2.25
N ILE C 51 -19.84 19.60 2.37
CA ILE C 51 -19.38 20.43 1.26
C ILE C 51 -18.04 21.00 1.71
N GLY C 52 -16.95 20.33 1.35
CA GLY C 52 -15.66 20.71 1.87
C GLY C 52 -14.64 21.08 0.81
N VAL C 53 -14.08 22.27 0.92
CA VAL C 53 -13.00 22.72 0.05
C VAL C 53 -11.69 22.23 0.66
N GLY C 54 -10.60 22.25 -0.12
CA GLY C 54 -9.31 21.90 0.42
C GLY C 54 -8.16 22.34 -0.46
N GLU C 55 -7.07 21.57 -0.45
CA GLU C 55 -5.91 21.85 -1.29
C GLU C 55 -5.44 20.54 -1.90
N VAL C 56 -4.92 20.62 -3.12
CA VAL C 56 -4.24 19.49 -3.75
C VAL C 56 -2.74 19.70 -3.61
N LEU C 57 -2.12 18.90 -2.75
CA LEU C 57 -0.70 19.03 -2.46
C LEU C 57 0.03 17.77 -2.91
N ASP C 58 1.33 17.74 -2.67
CA ASP C 58 2.17 16.61 -2.99
C ASP C 58 2.51 15.87 -1.71
N ARG C 59 2.30 14.56 -1.71
CA ARG C 59 2.73 13.74 -0.59
C ARG C 59 4.23 13.51 -0.69
N GLY C 60 4.76 12.61 0.14
CA GLY C 60 6.20 12.41 0.18
C GLY C 60 6.72 11.50 -0.92
N ASP C 61 5.86 11.15 -1.88
CA ASP C 61 6.24 10.23 -2.94
C ASP C 61 5.85 10.74 -4.32
N GLU C 62 5.88 12.06 -4.51
CA GLU C 62 5.60 12.69 -5.81
C GLU C 62 4.23 12.31 -6.34
N VAL C 63 3.26 12.12 -5.44
CA VAL C 63 1.90 11.76 -5.81
C VAL C 63 0.97 12.81 -5.20
N PRO C 64 0.07 13.41 -5.97
CA PRO C 64 -0.86 14.37 -5.39
C PRO C 64 -1.96 13.67 -4.60
N SER C 65 -2.55 14.43 -3.68
CA SER C 65 -3.66 13.93 -2.88
C SER C 65 -4.46 15.11 -2.36
N LEU C 66 -5.69 14.84 -1.96
CA LEU C 66 -6.62 15.88 -1.54
C LEU C 66 -6.50 16.12 -0.05
N PHE C 67 -6.41 17.39 0.33
CA PHE C 67 -6.23 17.77 1.73
C PHE C 67 -7.28 18.84 2.04
N MET C 68 -8.37 18.45 2.70
CA MET C 68 -9.39 19.43 3.06
C MET C 68 -8.88 20.36 4.14
N THR C 69 -9.01 21.66 3.90
CA THR C 69 -8.69 22.68 4.89
C THR C 69 -9.94 23.24 5.54
N ASN C 70 -11.04 23.30 4.78
CA ASN C 70 -12.29 23.86 5.25
C ASN C 70 -13.45 22.95 4.87
N VAL C 71 -14.33 22.68 5.84
CA VAL C 71 -15.49 21.83 5.62
C VAL C 71 -16.73 22.56 6.13
N TRP C 72 -17.78 22.59 5.32
CA TRP C 72 -19.06 23.16 5.71
C TRP C 72 -20.16 22.13 5.48
N THR C 73 -21.11 22.09 6.41
CA THR C 73 -22.26 21.22 6.28
C THR C 73 -23.55 21.99 6.54
N PRO C 74 -24.52 21.89 5.65
CA PRO C 74 -25.79 22.62 5.84
C PRO C 74 -26.57 22.03 7.00
N PRO C 75 -27.41 22.85 7.65
CA PRO C 75 -28.22 22.33 8.76
C PRO C 75 -29.19 21.23 8.35
N ASN C 76 -29.72 21.27 7.13
CA ASN C 76 -30.68 20.29 6.64
C ASN C 76 -30.14 19.64 5.37
N PRO C 77 -29.64 18.40 5.47
CA PRO C 77 -29.16 17.70 4.26
C PRO C 77 -30.25 17.40 3.25
N ASN C 78 -31.52 17.42 3.64
CA ASN C 78 -32.60 17.05 2.75
C ASN C 78 -33.01 18.17 1.79
N THR C 79 -32.46 19.38 1.96
CA THR C 79 -32.84 20.52 1.14
C THR C 79 -31.66 21.04 0.34
N VAL C 80 -30.68 20.19 0.05
CA VAL C 80 -29.50 20.57 -0.72
C VAL C 80 -29.39 19.59 -1.87
N TYR C 81 -29.33 20.11 -3.10
CA TYR C 81 -29.31 19.26 -4.28
C TYR C 81 -28.46 19.90 -5.37
N HIS C 82 -27.70 19.08 -6.09
CA HIS C 82 -27.02 19.45 -7.32
C HIS C 82 -26.08 20.65 -7.10
N CYS C 83 -25.09 20.42 -6.25
CA CYS C 83 -24.12 21.45 -5.95
C CYS C 83 -23.11 21.57 -7.08
N SER C 84 -22.64 22.79 -7.30
CA SER C 84 -21.63 23.11 -8.30
C SER C 84 -20.58 24.01 -7.67
N ALA C 85 -19.33 23.88 -8.10
CA ALA C 85 -18.22 24.53 -7.40
C ALA C 85 -17.34 25.25 -8.41
N VAL C 86 -16.90 26.47 -8.06
CA VAL C 86 -15.99 27.26 -8.87
C VAL C 86 -14.98 27.92 -7.95
N TYR C 87 -13.71 27.93 -8.35
CA TYR C 87 -12.68 28.62 -7.60
C TYR C 87 -12.55 30.06 -8.07
N ASN C 88 -12.30 30.98 -7.13
CA ASN C 88 -12.04 32.37 -7.51
C ASN C 88 -11.30 33.06 -6.37
N ASN C 89 -10.00 33.34 -6.59
CA ASN C 89 -9.24 34.26 -5.75
C ASN C 89 -9.24 33.85 -4.28
N GLU C 90 -8.65 32.69 -4.02
CA GLU C 90 -8.42 32.17 -2.66
C GLU C 90 -9.72 31.89 -1.91
N PHE C 91 -10.86 32.07 -2.57
CA PHE C 91 -12.15 31.63 -2.07
C PHE C 91 -12.68 30.57 -3.02
N TYR C 92 -13.55 29.70 -2.53
CA TYR C 92 -14.03 28.64 -3.38
C TYR C 92 -15.55 28.66 -3.29
N TYR C 93 -16.22 28.99 -4.39
CA TYR C 93 -17.65 29.29 -4.37
C TYR C 93 -18.43 28.06 -4.81
N VAL C 94 -19.32 27.58 -3.94
CA VAL C 94 -20.14 26.41 -4.20
C VAL C 94 -21.58 26.87 -4.26
N LEU C 95 -22.25 26.62 -5.38
CA LEU C 95 -23.61 27.07 -5.60
C LEU C 95 -24.51 25.87 -5.75
N CYS C 96 -25.40 25.67 -4.76
CA CYS C 96 -26.28 24.51 -4.73
C CYS C 96 -27.72 24.94 -5.00
N ALA C 97 -28.65 23.99 -4.88
CA ALA C 97 -30.07 24.27 -5.11
C ALA C 97 -30.86 23.87 -3.87
N VAL C 98 -31.62 24.82 -3.32
CA VAL C 98 -32.48 24.52 -2.18
C VAL C 98 -33.80 23.96 -2.69
N SER C 99 -34.26 22.87 -2.08
CA SER C 99 -35.49 22.22 -2.53
C SER C 99 -36.12 21.49 -1.36
N THR C 100 -37.34 21.87 -1.01
CA THR C 100 -38.10 21.19 0.03
C THR C 100 -39.09 20.17 -0.53
N VAL C 101 -39.11 19.96 -1.84
CA VAL C 101 -40.09 19.08 -2.47
C VAL C 101 -39.39 17.90 -3.13
N GLY C 102 -38.18 17.60 -2.67
CA GLY C 102 -37.41 16.54 -3.28
C GLY C 102 -36.41 17.07 -4.28
N ASP C 103 -35.93 16.16 -5.12
CA ASP C 103 -34.93 16.51 -6.12
C ASP C 103 -35.55 17.47 -7.12
N PRO C 104 -34.94 18.63 -7.38
CA PRO C 104 -35.52 19.56 -8.36
C PRO C 104 -35.61 19.00 -9.77
N ILE C 105 -34.74 18.05 -10.13
CA ILE C 105 -34.86 17.41 -11.44
C ILE C 105 -36.11 16.54 -11.50
N LEU C 106 -36.37 15.79 -10.43
CA LEU C 106 -37.45 14.82 -10.45
C LEU C 106 -38.80 15.49 -10.20
N ASN C 107 -38.94 16.20 -9.08
CA ASN C 107 -40.15 16.95 -8.79
C ASN C 107 -39.96 18.41 -9.21
N SER C 108 -39.85 18.60 -10.52
CA SER C 108 -39.47 19.90 -11.06
C SER C 108 -40.60 20.93 -11.00
N THR C 109 -41.84 20.51 -11.28
CA THR C 109 -42.94 21.47 -11.34
C THR C 109 -43.19 22.16 -10.01
N TYR C 110 -43.15 21.43 -8.89
CA TYR C 110 -43.37 22.01 -7.58
C TYR C 110 -42.10 22.56 -6.94
N TRP C 111 -40.98 22.52 -7.64
CA TRP C 111 -39.75 23.03 -7.08
C TRP C 111 -39.80 24.55 -6.99
N SER C 112 -39.32 25.09 -5.87
CA SER C 112 -39.36 26.53 -5.65
C SER C 112 -38.41 27.27 -6.59
N GLY C 113 -37.43 26.59 -7.16
CA GLY C 113 -36.48 27.23 -8.03
C GLY C 113 -35.60 28.23 -7.32
N SER C 114 -35.22 27.91 -6.10
CA SER C 114 -34.41 28.81 -5.28
C SER C 114 -33.03 28.21 -5.08
N LEU C 115 -32.01 29.03 -5.28
CA LEU C 115 -30.63 28.59 -5.21
C LEU C 115 -29.93 29.23 -4.01
N MET C 116 -28.91 28.55 -3.51
CA MET C 116 -28.04 29.11 -2.49
C MET C 116 -26.61 28.93 -2.94
N MET C 117 -25.76 29.88 -2.58
CA MET C 117 -24.36 29.86 -2.97
C MET C 117 -23.50 30.04 -1.73
N THR C 118 -22.62 29.07 -1.48
CA THR C 118 -21.85 29.01 -0.25
C THR C 118 -20.38 29.18 -0.59
N ARG C 119 -19.78 30.29 -0.15
CA ARG C 119 -18.37 30.50 -0.33
C ARG C 119 -17.59 29.80 0.78
N LEU C 120 -16.48 29.17 0.42
CA LEU C 120 -15.59 28.56 1.37
C LEU C 120 -14.16 29.01 1.07
N ALA C 121 -13.39 29.22 2.13
CA ALA C 121 -12.03 29.69 2.02
C ALA C 121 -11.10 28.49 1.94
N VAL C 122 -10.21 28.51 0.94
CA VAL C 122 -9.24 27.42 0.79
C VAL C 122 -8.20 27.41 1.89
N LYS C 123 -7.97 28.55 2.54
CA LYS C 123 -7.09 28.65 3.70
C LYS C 123 -7.87 29.32 4.81
N PRO C 124 -8.67 28.56 5.56
CA PRO C 124 -9.48 29.16 6.62
C PRO C 124 -8.60 29.75 7.71
N LYS C 125 -9.12 30.78 8.35
CA LYS C 125 -8.42 31.52 9.39
C LYS C 125 -8.86 31.02 10.77
N SER C 126 -8.11 31.44 11.79
CA SER C 126 -8.40 30.99 13.15
C SER C 126 -9.78 31.47 13.62
N ASN C 127 -10.08 32.75 13.37
CA ASN C 127 -11.35 33.34 13.77
C ASN C 127 -12.02 34.04 12.60
N GLY C 128 -11.98 33.42 11.43
CA GLY C 128 -12.68 33.95 10.27
C GLY C 128 -14.08 33.39 10.16
N GLY C 129 -14.96 33.77 11.07
CA GLY C 129 -16.33 33.28 11.06
C GLY C 129 -17.06 33.60 9.78
N GLY C 130 -17.17 34.89 9.46
CA GLY C 130 -17.75 35.30 8.21
C GLY C 130 -16.82 35.22 7.02
N TYR C 131 -15.56 34.89 7.26
CA TYR C 131 -14.57 34.72 6.20
C TYR C 131 -14.60 33.32 5.61
N ASN C 132 -14.70 32.30 6.46
CA ASN C 132 -14.66 30.93 5.99
C ASN C 132 -15.97 30.52 5.33
N GLN C 133 -17.06 30.56 6.09
CA GLN C 133 -18.38 30.18 5.58
C GLN C 133 -19.26 31.43 5.60
N HIS C 134 -19.47 32.02 4.42
CA HIS C 134 -20.37 33.14 4.25
C HIS C 134 -21.38 32.76 3.18
N GLN C 135 -22.46 32.12 3.61
CA GLN C 135 -23.51 31.67 2.69
C GLN C 135 -24.14 32.89 2.03
N LEU C 136 -23.82 33.09 0.75
CA LEU C 136 -24.39 34.23 0.03
C LEU C 136 -25.85 33.99 -0.29
N ALA C 137 -26.60 35.08 -0.40
CA ALA C 137 -28.00 35.02 -0.76
C ALA C 137 -28.18 35.38 -2.22
N LEU C 138 -29.00 34.58 -2.91
CA LEU C 138 -29.27 34.76 -4.34
C LEU C 138 -30.71 35.26 -4.45
N ARG C 139 -30.88 36.58 -4.46
CA ARG C 139 -32.18 37.20 -4.50
C ARG C 139 -32.65 37.50 -5.91
N SER C 140 -31.82 37.24 -6.92
CA SER C 140 -32.18 37.57 -8.29
C SER C 140 -31.54 36.54 -9.22
N ILE C 141 -32.38 35.74 -9.88
CA ILE C 141 -31.93 34.73 -10.82
C ILE C 141 -32.46 35.09 -12.19
N GLU C 142 -31.61 35.72 -13.01
CA GLU C 142 -32.01 36.14 -14.35
C GLU C 142 -32.07 34.90 -15.24
N LYS C 143 -33.27 34.38 -15.45
CA LYS C 143 -33.45 33.14 -16.19
C LYS C 143 -33.66 33.40 -17.68
N GLY C 144 -34.70 34.16 -18.01
CA GLY C 144 -35.10 34.33 -19.40
C GLY C 144 -36.35 33.54 -19.72
N ARG C 145 -36.33 32.79 -20.82
CA ARG C 145 -37.48 31.96 -21.15
C ARG C 145 -37.64 30.81 -20.18
N TYR C 146 -36.57 30.43 -19.48
CA TYR C 146 -36.58 29.24 -18.65
C TYR C 146 -37.32 29.48 -17.34
N ASP C 147 -38.24 28.59 -17.01
CA ASP C 147 -39.05 28.76 -15.82
C ASP C 147 -38.21 28.60 -14.56
N LYS C 148 -37.36 27.57 -14.52
CA LYS C 148 -36.49 27.32 -13.37
C LYS C 148 -35.08 27.06 -13.88
N VAL C 149 -34.10 27.55 -13.11
CA VAL C 149 -32.70 27.43 -13.46
C VAL C 149 -31.95 26.88 -12.26
N MET C 150 -31.17 25.83 -12.47
CA MET C 150 -30.50 25.11 -11.40
C MET C 150 -29.06 24.78 -11.78
N PRO C 151 -28.12 24.95 -10.86
CA PRO C 151 -26.77 24.42 -11.09
C PRO C 151 -26.81 22.91 -11.16
N TYR C 152 -26.24 22.36 -12.21
CA TYR C 152 -26.41 20.94 -12.48
C TYR C 152 -25.14 20.45 -13.16
N GLY C 153 -24.20 19.96 -12.33
CA GLY C 153 -22.86 19.64 -12.78
C GLY C 153 -21.84 19.99 -11.71
N PRO C 154 -20.74 19.22 -11.65
CA PRO C 154 -19.80 19.36 -10.54
C PRO C 154 -19.01 20.65 -10.51
N SER C 155 -18.35 21.04 -11.60
CA SER C 155 -17.35 22.09 -11.57
C SER C 155 -17.59 23.11 -12.66
N GLY C 156 -17.13 24.33 -12.41
CA GLY C 156 -17.19 25.43 -13.37
C GLY C 156 -15.88 26.15 -13.50
N ILE C 157 -15.88 27.35 -14.12
CA ILE C 157 -14.66 28.09 -14.40
C ILE C 157 -14.83 29.55 -13.99
N LYS C 158 -13.77 30.32 -14.21
CA LYS C 158 -13.73 31.74 -13.92
C LYS C 158 -13.02 32.49 -15.05
N GLN C 159 -13.44 33.74 -15.28
CA GLN C 159 -12.66 34.73 -16.01
C GLN C 159 -12.59 35.98 -15.13
N GLY C 160 -11.55 36.06 -14.31
CA GLY C 160 -11.40 37.18 -13.40
C GLY C 160 -12.38 37.12 -12.25
N ASP C 161 -13.41 37.97 -12.31
CA ASP C 161 -14.42 38.05 -11.27
C ASP C 161 -15.73 37.35 -11.64
N THR C 162 -15.79 36.67 -12.78
CA THR C 162 -17.02 36.08 -13.29
C THR C 162 -16.96 34.57 -13.15
N LEU C 163 -18.00 33.98 -12.60
CA LEU C 163 -18.07 32.54 -12.44
C LEU C 163 -19.10 31.94 -13.39
N TYR C 164 -18.89 30.69 -13.77
CA TYR C 164 -19.79 29.97 -14.67
C TYR C 164 -20.02 28.56 -14.12
N PHE C 165 -21.04 28.42 -13.29
CA PHE C 165 -21.45 27.11 -12.82
C PHE C 165 -22.25 26.41 -13.92
N PRO C 166 -21.91 25.17 -14.28
CA PRO C 166 -22.74 24.44 -15.24
C PRO C 166 -24.14 24.25 -14.69
N ALA C 167 -25.12 24.45 -15.56
CA ALA C 167 -26.50 24.56 -15.09
C ALA C 167 -27.42 23.86 -16.08
N VAL C 168 -28.70 23.82 -15.72
CA VAL C 168 -29.74 23.31 -16.61
C VAL C 168 -30.94 24.24 -16.49
N GLY C 169 -31.58 24.51 -17.62
CA GLY C 169 -32.70 25.42 -17.64
C GLY C 169 -34.03 24.73 -17.89
N PHE C 170 -34.91 24.75 -16.91
CA PHE C 170 -36.23 24.12 -17.03
C PHE C 170 -37.09 25.00 -17.92
N LEU C 171 -37.18 24.62 -19.18
CA LEU C 171 -38.06 25.30 -20.13
C LEU C 171 -39.34 24.51 -20.29
N VAL C 172 -40.47 25.22 -20.25
CA VAL C 172 -41.76 24.57 -20.45
C VAL C 172 -41.79 23.94 -21.82
N ARG C 173 -42.26 22.69 -21.90
CA ARG C 173 -42.17 21.93 -23.13
C ARG C 173 -42.90 22.63 -24.29
N THR C 174 -44.02 23.29 -24.01
CA THR C 174 -44.76 23.97 -25.06
C THR C 174 -43.98 25.13 -25.66
N GLU C 175 -43.14 25.80 -24.87
CA GLU C 175 -42.37 26.94 -25.36
C GLU C 175 -41.09 26.53 -26.07
N PHE C 176 -40.71 25.26 -25.99
CA PHE C 176 -39.48 24.80 -26.61
C PHE C 176 -39.65 24.68 -28.11
N LYS C 177 -38.92 25.49 -28.87
CA LYS C 177 -39.04 25.54 -30.31
C LYS C 177 -37.95 24.68 -30.94
N TYR C 178 -38.36 23.56 -31.54
CA TYR C 178 -37.44 22.63 -32.16
C TYR C 178 -38.04 22.15 -33.49
N ASN C 179 -37.21 22.12 -34.52
CA ASN C 179 -37.64 21.67 -35.84
C ASN C 179 -37.34 20.18 -35.98
N ASP C 180 -38.38 19.37 -36.16
CA ASP C 180 -38.21 17.93 -36.25
C ASP C 180 -37.40 17.50 -37.47
N SER C 181 -37.25 18.35 -38.48
CA SER C 181 -36.38 18.04 -39.59
C SER C 181 -34.91 18.06 -39.20
N ASN C 182 -34.59 18.63 -38.04
CA ASN C 182 -33.22 18.62 -37.54
C ASN C 182 -32.85 17.34 -36.81
N CYS C 183 -33.81 16.45 -36.59
CA CYS C 183 -33.56 15.20 -35.90
C CYS C 183 -32.81 14.26 -36.83
N PRO C 184 -31.59 13.84 -36.49
CA PRO C 184 -30.79 13.05 -37.42
C PRO C 184 -31.16 11.57 -37.46
N ILE C 185 -32.23 11.23 -38.15
CA ILE C 185 -32.68 9.85 -38.28
C ILE C 185 -32.27 9.26 -39.63
N THR C 186 -31.28 9.86 -40.30
CA THR C 186 -30.93 9.42 -41.65
C THR C 186 -30.33 8.02 -41.65
N LYS C 187 -29.45 7.74 -40.69
CA LYS C 187 -28.66 6.52 -40.73
C LYS C 187 -29.43 5.28 -40.29
N CYS C 188 -30.35 5.39 -39.33
CA CYS C 188 -31.05 4.23 -38.82
C CYS C 188 -32.56 4.45 -38.87
N GLN C 189 -33.31 3.34 -38.90
CA GLN C 189 -34.71 3.35 -39.27
C GLN C 189 -35.68 3.28 -38.09
N TYR C 190 -35.25 2.83 -36.92
CA TYR C 190 -36.13 2.69 -35.77
C TYR C 190 -36.28 3.99 -34.99
N SER C 191 -35.98 5.13 -35.60
CA SER C 191 -36.02 6.42 -34.94
C SER C 191 -36.97 7.33 -35.68
N LYS C 192 -38.09 7.67 -35.05
CA LYS C 192 -39.00 8.64 -35.62
C LYS C 192 -38.37 10.03 -35.59
N PRO C 193 -38.72 10.89 -36.55
CA PRO C 193 -38.15 12.24 -36.59
C PRO C 193 -38.54 13.13 -35.43
N GLU C 194 -39.42 12.65 -34.54
CA GLU C 194 -39.88 13.41 -33.39
C GLU C 194 -39.33 12.89 -32.07
N ASN C 195 -38.37 11.96 -32.11
CA ASN C 195 -37.76 11.48 -30.87
C ASN C 195 -36.79 12.49 -30.28
N CYS C 196 -36.12 13.28 -31.12
CA CYS C 196 -35.21 14.30 -30.62
C CYS C 196 -35.91 15.32 -29.74
N ARG C 197 -37.18 15.61 -30.03
CA ARG C 197 -37.91 16.61 -29.25
C ARG C 197 -38.44 16.04 -27.95
N LEU C 198 -39.01 14.83 -27.98
CA LEU C 198 -39.56 14.26 -26.76
C LEU C 198 -38.49 13.74 -25.82
N SER C 199 -37.39 13.21 -26.35
CA SER C 199 -36.27 12.75 -25.52
C SER C 199 -35.49 13.90 -24.92
N MET C 200 -35.91 15.13 -25.19
CA MET C 200 -35.22 16.31 -24.70
C MET C 200 -35.62 16.63 -23.27
N GLY C 201 -36.62 15.94 -22.73
CA GLY C 201 -37.00 16.04 -21.34
C GLY C 201 -37.05 14.66 -20.71
N ILE C 202 -37.19 14.66 -19.37
CA ILE C 202 -37.12 13.42 -18.61
C ILE C 202 -38.16 12.40 -19.03
N ARG C 203 -39.41 12.80 -19.17
CA ARG C 203 -40.41 11.87 -19.64
C ARG C 203 -40.73 12.49 -21.00
N PRO C 204 -41.17 11.69 -21.98
CA PRO C 204 -41.59 12.30 -23.26
C PRO C 204 -42.75 13.27 -23.11
N ASN C 205 -43.64 13.07 -22.14
CA ASN C 205 -44.76 13.96 -21.89
C ASN C 205 -44.52 14.86 -20.69
N SER C 206 -43.27 15.05 -20.30
CA SER C 206 -42.96 15.86 -19.12
C SER C 206 -43.37 17.31 -19.34
N HIS C 207 -43.72 17.98 -18.24
CA HIS C 207 -44.10 19.38 -18.34
C HIS C 207 -42.91 20.26 -18.71
N TYR C 208 -41.70 19.88 -18.29
CA TYR C 208 -40.52 20.69 -18.51
C TYR C 208 -39.54 20.00 -19.45
N ILE C 209 -38.64 20.80 -20.00
CA ILE C 209 -37.52 20.31 -20.80
C ILE C 209 -36.23 20.88 -20.24
N LEU C 210 -35.26 19.99 -20.03
CA LEU C 210 -33.96 20.36 -19.46
C LEU C 210 -33.06 20.84 -20.58
N ARG C 211 -32.43 21.99 -20.38
CA ARG C 211 -31.52 22.59 -21.35
C ARG C 211 -30.26 23.00 -20.61
N SER C 212 -29.14 22.33 -20.89
CA SER C 212 -27.90 22.59 -20.19
C SER C 212 -27.36 23.97 -20.54
N GLY C 213 -26.48 24.48 -19.68
CA GLY C 213 -25.91 25.79 -19.89
C GLY C 213 -24.95 26.22 -18.80
N LEU C 214 -24.92 27.51 -18.49
CA LEU C 214 -24.00 28.06 -17.50
C LEU C 214 -24.72 29.11 -16.66
N LEU C 215 -24.16 29.38 -15.48
CA LEU C 215 -24.69 30.38 -14.56
C LEU C 215 -23.64 31.47 -14.36
N LYS C 216 -23.80 32.58 -15.08
CA LYS C 216 -22.90 33.71 -14.91
C LYS C 216 -23.16 34.39 -13.57
N TYR C 217 -22.16 34.39 -12.70
CA TYR C 217 -22.25 35.04 -11.40
C TYR C 217 -21.13 36.07 -11.33
N ASN C 218 -21.39 37.26 -11.83
CA ASN C 218 -20.39 38.32 -11.87
C ASN C 218 -20.22 38.90 -10.48
N LEU C 219 -19.03 38.70 -9.90
CA LEU C 219 -18.76 39.15 -8.54
C LEU C 219 -18.70 40.67 -8.41
N SER C 220 -18.51 41.39 -9.50
CA SER C 220 -18.41 42.84 -9.46
C SER C 220 -19.76 43.52 -9.64
N ASP C 221 -20.86 42.84 -9.35
CA ASP C 221 -22.19 43.43 -9.43
C ASP C 221 -22.57 44.18 -8.17
N GLY C 222 -21.71 44.22 -7.16
CA GLY C 222 -22.03 44.90 -5.92
C GLY C 222 -22.24 43.94 -4.77
N GLU C 223 -23.11 44.32 -3.84
CA GLU C 223 -23.37 43.46 -2.68
C GLU C 223 -24.23 42.26 -3.05
N ASN C 224 -25.08 42.39 -4.07
CA ASN C 224 -26.01 41.34 -4.49
C ASN C 224 -25.78 41.05 -5.96
N PRO C 225 -24.85 40.16 -6.29
CA PRO C 225 -24.65 39.76 -7.68
C PRO C 225 -25.82 38.93 -8.19
N LYS C 226 -26.01 38.96 -9.50
CA LYS C 226 -27.10 38.26 -10.17
C LYS C 226 -26.61 36.94 -10.71
N VAL C 227 -27.44 35.91 -10.60
CA VAL C 227 -27.15 34.60 -11.19
C VAL C 227 -27.87 34.55 -12.53
N VAL C 228 -27.14 34.78 -13.61
CA VAL C 228 -27.70 34.83 -14.96
C VAL C 228 -27.47 33.49 -15.64
N PHE C 229 -28.53 32.91 -16.20
CA PHE C 229 -28.43 31.65 -16.90
C PHE C 229 -28.08 31.91 -18.36
N ILE C 230 -27.08 31.19 -18.86
CA ILE C 230 -26.67 31.26 -20.26
C ILE C 230 -26.92 29.89 -20.87
N GLU C 231 -27.84 29.82 -21.82
CA GLU C 231 -28.20 28.54 -22.43
C GLU C 231 -27.09 28.07 -23.37
N ILE C 232 -27.14 26.79 -23.72
CA ILE C 232 -26.18 26.20 -24.63
C ILE C 232 -26.74 26.24 -26.04
N SER C 233 -25.84 26.25 -27.02
CA SER C 233 -26.24 26.30 -28.41
C SER C 233 -26.97 25.03 -28.81
N ASP C 234 -27.76 25.12 -29.88
CA ASP C 234 -28.57 24.01 -30.34
C ASP C 234 -27.79 23.01 -31.20
N GLN C 235 -26.52 23.28 -31.47
CA GLN C 235 -25.72 22.37 -32.28
C GLN C 235 -25.43 21.11 -31.48
N ARG C 236 -25.86 19.97 -31.99
CA ARG C 236 -25.77 18.69 -31.29
C ARG C 236 -26.35 18.82 -29.88
N LEU C 237 -27.65 19.13 -29.85
CA LEU C 237 -28.33 19.42 -28.59
C LEU C 237 -29.15 18.22 -28.14
N SER C 238 -29.00 17.85 -26.88
CA SER C 238 -29.79 16.79 -26.27
C SER C 238 -30.17 17.25 -24.87
N ILE C 239 -30.69 16.32 -24.06
CA ILE C 239 -31.27 16.68 -22.77
C ILE C 239 -30.21 17.33 -21.87
N GLY C 240 -30.68 18.25 -21.04
CA GLY C 240 -29.82 18.88 -20.06
C GLY C 240 -29.28 17.88 -19.06
N SER C 241 -27.97 17.83 -18.92
CA SER C 241 -27.30 16.81 -18.11
C SER C 241 -26.28 17.48 -17.20
N PRO C 242 -25.77 16.80 -16.16
CA PRO C 242 -24.73 17.43 -15.34
C PRO C 242 -23.51 17.71 -16.18
N SER C 243 -23.27 18.99 -16.42
CA SER C 243 -22.17 19.39 -17.29
C SER C 243 -20.93 19.71 -16.46
N LYS C 244 -19.85 20.02 -17.17
CA LYS C 244 -18.60 20.35 -16.51
C LYS C 244 -17.79 21.20 -17.47
N ILE C 245 -17.64 22.46 -17.16
CA ILE C 245 -16.76 23.34 -17.90
C ILE C 245 -15.48 23.51 -17.10
N TYR C 246 -14.33 23.22 -17.71
CA TYR C 246 -13.06 23.30 -17.03
C TYR C 246 -12.05 23.99 -17.93
N ASP C 247 -11.16 24.76 -17.34
CA ASP C 247 -10.17 25.54 -18.08
C ASP C 247 -8.91 24.70 -18.21
N SER C 248 -8.74 24.05 -19.36
CA SER C 248 -7.58 23.21 -19.63
C SER C 248 -6.75 23.80 -20.75
N LEU C 249 -5.47 24.05 -20.46
CA LEU C 249 -4.51 24.54 -21.44
C LEU C 249 -4.92 25.88 -22.05
N GLY C 250 -5.57 26.73 -21.26
CA GLY C 250 -5.84 28.09 -21.70
C GLY C 250 -7.24 28.34 -22.19
N GLN C 251 -7.90 27.31 -22.69
CA GLN C 251 -9.23 27.55 -23.21
C GLN C 251 -10.23 26.59 -22.57
N PRO C 252 -11.39 27.07 -22.13
CA PRO C 252 -12.34 26.21 -21.43
C PRO C 252 -12.81 25.06 -22.30
N VAL C 253 -13.03 23.92 -21.67
CA VAL C 253 -13.59 22.74 -22.32
C VAL C 253 -14.87 22.37 -21.58
N PHE C 254 -15.94 22.13 -22.33
CA PHE C 254 -17.27 21.92 -21.77
C PHE C 254 -17.66 20.46 -21.95
N TYR C 255 -17.62 19.69 -20.86
CA TYR C 255 -18.20 18.36 -20.86
C TYR C 255 -19.67 18.45 -20.51
N GLN C 256 -20.48 17.65 -21.19
CA GLN C 256 -21.92 17.64 -20.95
C GLN C 256 -22.37 16.18 -21.03
N ALA C 257 -22.86 15.66 -19.91
CA ALA C 257 -23.12 14.23 -19.80
C ALA C 257 -24.15 13.80 -20.84
N SER C 258 -24.03 12.55 -21.26
CA SER C 258 -24.88 11.98 -22.31
C SER C 258 -26.01 11.22 -21.63
N PHE C 259 -27.03 11.95 -21.17
CA PHE C 259 -28.19 11.38 -20.52
C PHE C 259 -29.34 11.16 -21.49
N SER C 260 -29.05 10.91 -22.75
CA SER C 260 -30.08 10.82 -23.77
C SER C 260 -29.62 9.82 -24.82
N TRP C 261 -30.26 9.87 -25.99
CA TRP C 261 -29.92 8.95 -27.07
C TRP C 261 -28.49 9.15 -27.56
N ASP C 262 -27.95 10.36 -27.46
CA ASP C 262 -26.61 10.65 -27.95
C ASP C 262 -25.60 10.11 -26.95
N THR C 263 -25.41 8.79 -26.99
CA THR C 263 -24.58 8.10 -26.01
C THR C 263 -23.09 8.35 -26.19
N MET C 264 -22.65 8.80 -27.37
CA MET C 264 -21.25 9.15 -27.53
C MET C 264 -20.90 10.32 -26.64
N ILE C 265 -19.63 10.39 -26.23
CA ILE C 265 -19.21 11.44 -25.30
C ILE C 265 -19.46 12.80 -25.92
N LYS C 266 -19.90 13.74 -25.09
CA LYS C 266 -20.31 15.07 -25.55
C LYS C 266 -19.51 16.08 -24.76
N PHE C 267 -18.32 16.38 -25.25
CA PHE C 267 -17.45 17.38 -24.67
C PHE C 267 -16.63 18.00 -25.79
N GLY C 268 -16.17 19.22 -25.57
CA GLY C 268 -15.38 19.86 -26.61
C GLY C 268 -14.96 21.24 -26.18
N ASP C 269 -14.10 21.84 -27.00
CA ASP C 269 -13.63 23.19 -26.75
C ASP C 269 -14.78 24.18 -26.88
N VAL C 270 -14.67 25.28 -26.15
CA VAL C 270 -15.72 26.30 -26.12
C VAL C 270 -15.28 27.48 -26.98
N LEU C 271 -16.02 27.75 -28.05
CA LEU C 271 -15.73 28.91 -28.88
C LEU C 271 -15.90 30.21 -28.10
N THR C 272 -17.01 30.34 -27.37
CA THR C 272 -17.27 31.52 -26.56
C THR C 272 -18.22 31.13 -25.44
N VAL C 273 -18.06 31.79 -24.30
CA VAL C 273 -18.82 31.42 -23.10
C VAL C 273 -20.21 32.04 -23.09
N ASN C 274 -20.33 33.28 -23.55
CA ASN C 274 -21.62 33.97 -23.62
C ASN C 274 -21.83 34.51 -25.02
N PRO C 275 -22.70 33.86 -25.84
CA PRO C 275 -23.48 32.66 -25.52
C PRO C 275 -22.64 31.41 -25.58
N LEU C 276 -23.10 30.34 -24.92
CA LEU C 276 -22.31 29.11 -24.81
C LEU C 276 -22.35 28.37 -26.14
N VAL C 277 -21.28 28.47 -26.90
CA VAL C 277 -21.11 27.73 -28.15
C VAL C 277 -19.96 26.75 -27.94
N VAL C 278 -20.27 25.46 -27.99
CA VAL C 278 -19.31 24.41 -27.68
C VAL C 278 -19.00 23.66 -28.97
N ASN C 279 -17.70 23.53 -29.28
CA ASN C 279 -17.28 22.75 -30.44
C ASN C 279 -17.15 21.29 -30.04
N TRP C 280 -18.25 20.55 -30.08
CA TRP C 280 -18.23 19.16 -29.64
C TRP C 280 -17.26 18.35 -30.47
N ARG C 281 -16.46 17.53 -29.80
CA ARG C 281 -15.57 16.63 -30.51
C ARG C 281 -16.39 15.54 -31.21
N ASN C 282 -16.11 15.33 -32.49
CA ASN C 282 -16.77 14.28 -33.26
C ASN C 282 -16.15 12.94 -32.86
N ASN C 283 -16.47 12.50 -31.65
CA ASN C 283 -15.88 11.33 -31.04
C ASN C 283 -16.78 10.11 -31.24
N THR C 284 -16.16 8.98 -31.61
CA THR C 284 -16.91 7.77 -31.91
C THR C 284 -16.34 6.53 -31.25
N VAL C 285 -15.59 6.67 -30.15
CA VAL C 285 -14.99 5.52 -29.50
C VAL C 285 -15.36 5.51 -28.02
N ILE C 286 -15.75 6.67 -27.49
CA ILE C 286 -16.04 6.83 -26.07
C ILE C 286 -17.54 7.03 -25.92
N SER C 287 -18.17 6.20 -25.09
CA SER C 287 -19.59 6.30 -24.81
C SER C 287 -19.82 5.89 -23.35
N ARG C 288 -21.08 5.90 -22.94
CA ARG C 288 -21.37 5.55 -21.56
C ARG C 288 -22.40 4.43 -21.52
N PRO C 289 -22.42 3.63 -20.46
CA PRO C 289 -23.39 2.54 -20.38
C PRO C 289 -24.79 3.06 -20.05
N GLY C 290 -25.66 3.08 -21.06
CA GLY C 290 -27.06 3.34 -20.85
C GLY C 290 -27.76 2.07 -20.42
N GLN C 291 -28.83 2.23 -19.64
CA GLN C 291 -29.43 1.05 -19.00
C GLN C 291 -30.26 0.22 -19.98
N SER C 292 -31.33 0.79 -20.51
CA SER C 292 -32.35 -0.01 -21.20
C SER C 292 -32.43 0.30 -22.69
N GLN C 293 -32.65 1.55 -23.07
CA GLN C 293 -33.00 1.86 -24.45
C GLN C 293 -31.89 2.53 -25.24
N CYS C 294 -30.92 3.16 -24.56
CA CYS C 294 -29.82 3.84 -25.21
C CYS C 294 -28.51 3.34 -24.62
N PRO C 295 -28.11 2.11 -24.95
CA PRO C 295 -26.89 1.55 -24.36
C PRO C 295 -25.64 2.18 -24.94
N ARG C 296 -24.48 1.68 -24.53
CA ARG C 296 -23.21 2.24 -25.00
C ARG C 296 -23.12 2.15 -26.52
N PHE C 297 -22.58 3.21 -27.13
CA PHE C 297 -22.49 3.35 -28.59
C PHE C 297 -23.87 3.26 -29.24
N ASN C 298 -24.74 4.18 -28.84
CA ASN C 298 -26.01 4.38 -29.52
C ASN C 298 -26.07 5.82 -30.02
N THR C 299 -26.36 5.98 -31.31
CA THR C 299 -26.48 7.29 -31.90
C THR C 299 -27.85 7.55 -32.51
N CYS C 300 -28.72 6.55 -32.52
CA CYS C 300 -30.06 6.73 -33.08
C CYS C 300 -30.84 7.71 -32.21
N PRO C 301 -31.58 8.64 -32.80
CA PRO C 301 -32.43 9.51 -31.98
C PRO C 301 -33.54 8.73 -31.32
N GLU C 302 -33.43 8.59 -30.00
CA GLU C 302 -34.26 7.67 -29.25
C GLU C 302 -34.71 8.33 -27.96
N ILE C 303 -35.92 7.99 -27.51
CA ILE C 303 -36.49 8.56 -26.30
C ILE C 303 -35.99 7.76 -25.12
N CYS C 304 -35.12 8.36 -24.31
CA CYS C 304 -34.58 7.69 -23.14
C CYS C 304 -33.96 8.75 -22.23
N TRP C 305 -33.97 8.46 -20.93
CA TRP C 305 -33.21 9.23 -19.94
C TRP C 305 -32.36 8.21 -19.20
N GLU C 306 -31.21 7.89 -19.78
CA GLU C 306 -30.32 6.87 -19.26
C GLU C 306 -28.90 7.34 -19.44
N GLY C 307 -27.99 6.71 -18.71
CA GLY C 307 -26.59 7.02 -18.84
C GLY C 307 -25.98 7.27 -17.48
N VAL C 308 -24.73 7.74 -17.50
CA VAL C 308 -23.96 7.99 -16.30
C VAL C 308 -22.94 9.07 -16.61
N TYR C 309 -22.63 9.87 -15.60
CA TYR C 309 -21.70 10.98 -15.73
C TYR C 309 -20.27 10.43 -15.67
N ASN C 310 -19.56 10.48 -16.80
CA ASN C 310 -18.15 10.10 -16.86
C ASN C 310 -17.43 11.20 -17.63
N ASP C 311 -16.95 12.20 -16.91
CA ASP C 311 -16.32 13.34 -17.56
C ASP C 311 -14.95 12.95 -18.12
N ALA C 312 -14.46 13.76 -19.05
CA ALA C 312 -13.15 13.56 -19.63
C ALA C 312 -12.40 14.89 -19.60
N PHE C 313 -11.14 14.85 -19.20
CA PHE C 313 -10.33 16.05 -19.08
C PHE C 313 -9.34 16.12 -20.24
N LEU C 314 -9.34 17.25 -20.94
CA LEU C 314 -8.42 17.47 -22.04
C LEU C 314 -7.00 17.62 -21.49
N ILE C 315 -6.17 16.59 -21.68
CA ILE C 315 -4.80 16.63 -21.19
C ILE C 315 -3.81 17.16 -22.22
N ASP C 316 -4.23 17.28 -23.48
CA ASP C 316 -3.37 17.85 -24.51
C ASP C 316 -4.27 18.41 -25.60
N ARG C 317 -4.01 19.64 -26.02
CA ARG C 317 -4.81 20.28 -27.06
C ARG C 317 -4.15 20.27 -28.43
N ILE C 318 -2.82 20.20 -28.48
CA ILE C 318 -2.13 20.14 -29.77
C ILE C 318 -2.55 18.90 -30.54
N ASN C 319 -2.61 17.75 -29.85
CA ASN C 319 -3.09 16.51 -30.44
C ASN C 319 -4.51 16.16 -30.01
N TRP C 320 -5.14 17.03 -29.22
CA TRP C 320 -6.49 16.79 -28.69
C TRP C 320 -6.59 15.44 -27.98
N ILE C 321 -5.64 15.19 -27.09
CA ILE C 321 -5.66 14.03 -26.22
C ILE C 321 -6.44 14.39 -24.97
N SER C 322 -7.35 13.51 -24.57
CA SER C 322 -8.14 13.71 -23.36
C SER C 322 -8.19 12.42 -22.57
N ALA C 323 -8.40 12.55 -21.26
CA ALA C 323 -8.32 11.40 -20.36
C ALA C 323 -9.52 11.43 -19.43
N GLY C 324 -9.95 10.25 -19.00
CA GLY C 324 -11.04 10.15 -18.06
C GLY C 324 -11.33 8.70 -17.77
N VAL C 325 -12.21 8.49 -16.79
CA VAL C 325 -12.63 7.15 -16.38
C VAL C 325 -13.99 6.87 -16.99
N PHE C 326 -14.09 5.77 -17.73
CA PHE C 326 -15.31 5.39 -18.40
C PHE C 326 -15.64 3.94 -18.10
N LEU C 327 -16.93 3.64 -18.00
CA LEU C 327 -17.40 2.31 -17.67
C LEU C 327 -17.49 1.51 -18.97
N ASP C 328 -16.52 0.63 -19.17
CA ASP C 328 -16.47 -0.18 -20.39
C ASP C 328 -17.50 -1.30 -20.29
N SER C 329 -18.76 -0.92 -20.48
CA SER C 329 -19.86 -1.88 -20.49
C SER C 329 -20.99 -1.30 -21.31
N ASN C 330 -21.73 -2.18 -22.00
CA ASN C 330 -22.79 -1.72 -22.88
C ASN C 330 -23.99 -1.18 -22.08
N GLN C 331 -24.45 -1.95 -21.10
CA GLN C 331 -25.64 -1.58 -20.35
C GLN C 331 -25.40 -1.41 -18.86
N THR C 332 -24.76 -2.38 -18.22
CA THR C 332 -24.50 -2.29 -16.79
C THR C 332 -23.47 -1.19 -16.53
N ALA C 333 -23.61 -0.49 -15.41
CA ALA C 333 -22.64 0.52 -15.01
C ALA C 333 -21.52 -0.17 -14.22
N GLU C 334 -20.56 -0.72 -14.96
CA GLU C 334 -19.50 -1.52 -14.36
C GLU C 334 -18.21 -1.33 -15.13
N ASN C 335 -17.15 -1.95 -14.62
CA ASN C 335 -15.81 -1.94 -15.23
C ASN C 335 -15.30 -0.53 -15.46
N PRO C 336 -14.97 0.22 -14.41
CA PRO C 336 -14.38 1.56 -14.62
C PRO C 336 -12.97 1.43 -15.15
N VAL C 337 -12.71 2.08 -16.29
CA VAL C 337 -11.42 1.98 -16.97
C VAL C 337 -10.93 3.39 -17.26
N PHE C 338 -9.75 3.72 -16.75
CA PHE C 338 -9.14 5.03 -17.01
C PHE C 338 -8.53 5.01 -18.40
N THR C 339 -9.23 5.57 -19.38
CA THR C 339 -8.76 5.58 -20.75
C THR C 339 -8.21 6.95 -21.12
N VAL C 340 -7.25 6.94 -22.05
CA VAL C 340 -6.72 8.15 -22.66
C VAL C 340 -6.93 8.00 -24.16
N PHE C 341 -7.69 8.91 -24.75
CA PHE C 341 -8.23 8.69 -26.09
C PHE C 341 -8.13 9.96 -26.94
N LYS C 342 -8.05 9.75 -28.25
CA LYS C 342 -8.25 10.82 -29.21
C LYS C 342 -9.70 10.84 -29.66
N ASP C 343 -9.96 11.62 -30.71
CA ASP C 343 -11.32 11.71 -31.25
C ASP C 343 -11.78 10.41 -31.89
N ASN C 344 -10.86 9.52 -32.27
CA ASN C 344 -11.24 8.30 -32.98
C ASN C 344 -10.49 7.06 -32.53
N GLU C 345 -9.70 7.13 -31.46
CA GLU C 345 -8.97 5.95 -30.99
C GLU C 345 -8.64 6.11 -29.52
N ILE C 346 -8.67 5.00 -28.79
CA ILE C 346 -8.23 4.98 -27.40
C ILE C 346 -6.74 4.67 -27.38
N LEU C 347 -5.94 5.67 -27.01
CA LEU C 347 -4.49 5.50 -27.05
C LEU C 347 -4.02 4.43 -26.08
N TYR C 348 -4.46 4.51 -24.82
CA TYR C 348 -4.15 3.49 -23.83
C TYR C 348 -5.17 3.59 -22.71
N ARG C 349 -5.22 2.55 -21.89
CA ARG C 349 -6.21 2.50 -20.82
C ARG C 349 -5.62 1.74 -19.64
N ALA C 350 -6.20 2.00 -18.47
CA ALA C 350 -5.81 1.33 -17.23
C ALA C 350 -7.07 0.95 -16.48
N GLN C 351 -7.29 -0.34 -16.29
CA GLN C 351 -8.51 -0.84 -15.65
C GLN C 351 -8.39 -0.60 -14.14
N LEU C 352 -9.31 0.18 -13.59
CA LEU C 352 -9.18 0.60 -12.20
C LEU C 352 -9.55 -0.51 -11.22
N ALA C 353 -10.51 -1.35 -11.57
CA ALA C 353 -10.98 -2.39 -10.65
C ALA C 353 -11.21 -3.66 -11.48
N SER C 354 -11.92 -4.62 -10.90
CA SER C 354 -12.14 -5.89 -11.57
C SER C 354 -13.08 -5.69 -12.76
N GLU C 355 -13.23 -6.76 -13.55
CA GLU C 355 -14.06 -6.69 -14.75
C GLU C 355 -15.51 -6.38 -14.41
N ASP C 356 -16.06 -7.02 -13.37
CA ASP C 356 -17.46 -6.90 -13.02
C ASP C 356 -17.68 -5.99 -11.82
N THR C 357 -16.82 -4.99 -11.64
CA THR C 357 -16.94 -4.06 -10.52
C THR C 357 -17.96 -2.99 -10.87
N ASN C 358 -19.10 -3.01 -10.17
CA ASN C 358 -20.10 -1.97 -10.37
C ASN C 358 -19.52 -0.61 -10.06
N ALA C 359 -19.68 0.31 -11.00
CA ALA C 359 -19.18 1.67 -10.84
C ALA C 359 -20.29 2.65 -11.21
N GLN C 360 -20.05 3.92 -10.96
CA GLN C 360 -21.08 4.93 -11.15
C GLN C 360 -20.36 6.23 -11.53
N LYS C 361 -21.01 7.38 -11.34
CA LYS C 361 -20.48 8.70 -11.68
C LYS C 361 -19.00 8.82 -11.38
N THR C 362 -18.23 9.20 -12.41
CA THR C 362 -16.80 9.44 -12.30
C THR C 362 -16.49 10.88 -12.67
N ILE C 363 -15.68 11.54 -11.83
CA ILE C 363 -15.27 12.92 -12.04
C ILE C 363 -13.75 12.92 -12.16
N THR C 364 -13.24 13.38 -13.30
CA THR C 364 -11.81 13.36 -13.59
C THR C 364 -11.31 14.79 -13.71
N ASN C 365 -10.28 15.11 -12.93
CA ASN C 365 -9.61 16.40 -13.01
C ASN C 365 -8.12 16.18 -13.16
N CYS C 366 -7.50 16.92 -14.08
CA CYS C 366 -6.09 16.77 -14.38
C CYS C 366 -5.39 18.11 -14.18
N PHE C 367 -4.09 18.03 -13.93
CA PHE C 367 -3.28 19.19 -13.55
C PHE C 367 -1.81 18.86 -13.75
N LEU C 368 -0.95 19.75 -13.29
CA LEU C 368 0.49 19.59 -13.42
C LEU C 368 1.11 19.50 -12.03
N LEU C 369 1.81 18.41 -11.76
CA LEU C 369 2.59 18.24 -10.54
C LEU C 369 4.05 18.35 -10.95
N LYS C 370 4.57 19.58 -10.95
CA LYS C 370 5.90 19.88 -11.48
C LYS C 370 6.02 19.43 -12.94
N ASN C 371 5.17 20.02 -13.79
CA ASN C 371 5.14 19.73 -15.22
C ASN C 371 4.93 18.25 -15.49
N LYS C 372 4.12 17.61 -14.65
CA LYS C 372 3.73 16.21 -14.84
C LYS C 372 2.21 16.15 -14.83
N ILE C 373 1.63 15.68 -15.93
CA ILE C 373 0.18 15.68 -16.08
C ILE C 373 -0.37 14.51 -15.27
N TRP C 374 -0.81 14.81 -14.04
CA TRP C 374 -1.52 13.86 -13.20
C TRP C 374 -3.02 14.06 -13.35
N CYS C 375 -3.78 13.05 -12.92
CA CYS C 375 -5.23 13.14 -12.94
C CYS C 375 -5.77 12.44 -11.71
N ILE C 376 -6.62 13.14 -10.96
CA ILE C 376 -7.31 12.56 -9.81
C ILE C 376 -8.75 12.31 -10.26
N SER C 377 -9.14 11.05 -10.29
CA SER C 377 -10.45 10.66 -10.81
C SER C 377 -11.27 10.08 -9.65
N LEU C 378 -12.31 10.80 -9.26
CA LEU C 378 -13.26 10.31 -8.26
C LEU C 378 -14.19 9.32 -8.94
N VAL C 379 -14.11 8.06 -8.53
CA VAL C 379 -14.91 6.99 -9.11
C VAL C 379 -15.73 6.37 -7.98
N GLU C 380 -17.05 6.30 -8.15
CA GLU C 380 -17.87 5.57 -7.21
C GLU C 380 -17.79 4.08 -7.49
N ILE C 381 -17.10 3.35 -6.63
CA ILE C 381 -16.92 1.91 -6.80
C ILE C 381 -17.74 1.19 -5.75
N TYR C 382 -18.55 0.22 -6.19
CA TYR C 382 -19.36 -0.56 -5.28
C TYR C 382 -18.46 -1.55 -4.54
N ASP C 383 -18.16 -1.25 -3.28
CA ASP C 383 -17.35 -2.16 -2.47
C ASP C 383 -18.16 -3.41 -2.16
N THR C 384 -17.80 -4.52 -2.81
CA THR C 384 -18.53 -5.77 -2.61
C THR C 384 -18.34 -6.34 -1.21
N GLY C 385 -17.36 -5.85 -0.46
CA GLY C 385 -17.16 -6.31 0.90
C GLY C 385 -18.27 -5.89 1.83
N ASP C 386 -18.43 -4.57 2.01
CA ASP C 386 -19.48 -4.01 2.85
C ASP C 386 -20.72 -3.61 2.07
N ASN C 387 -20.74 -3.87 0.75
CA ASN C 387 -21.90 -3.68 -0.09
C ASN C 387 -22.44 -2.25 -0.08
N VAL C 388 -21.55 -1.26 -0.22
CA VAL C 388 -21.96 0.14 -0.33
C VAL C 388 -21.17 0.80 -1.45
N ILE C 389 -21.72 1.92 -1.93
CA ILE C 389 -21.05 2.77 -2.90
C ILE C 389 -20.18 3.76 -2.15
N ARG C 390 -18.90 3.83 -2.52
CA ARG C 390 -18.03 4.78 -1.86
C ARG C 390 -17.06 5.38 -2.89
N PRO C 391 -17.04 6.71 -3.03
CA PRO C 391 -16.23 7.35 -4.08
C PRO C 391 -14.75 7.19 -3.81
N LYS C 392 -14.08 6.44 -4.69
CA LYS C 392 -12.66 6.16 -4.57
C LYS C 392 -11.89 7.13 -5.46
N LEU C 393 -10.88 7.77 -4.89
CA LEU C 393 -10.04 8.66 -5.67
C LEU C 393 -8.93 7.86 -6.33
N PHE C 394 -8.39 8.42 -7.42
CA PHE C 394 -7.39 7.68 -8.20
C PHE C 394 -6.40 8.68 -8.80
N ALA C 395 -5.20 8.71 -8.23
CA ALA C 395 -4.11 9.50 -8.79
C ALA C 395 -3.47 8.73 -9.93
N VAL C 396 -3.66 9.21 -11.15
CA VAL C 396 -3.12 8.56 -12.34
C VAL C 396 -2.19 9.54 -13.02
N LYS C 397 -0.94 9.11 -13.23
CA LYS C 397 0.02 9.92 -13.97
C LYS C 397 -0.01 9.54 -15.44
N ILE C 398 -0.14 10.53 -16.30
CA ILE C 398 -0.12 10.28 -17.74
C ILE C 398 1.32 10.02 -18.14
N PRO C 399 1.64 8.84 -18.67
CA PRO C 399 3.03 8.52 -18.99
C PRO C 399 3.48 9.17 -20.28
N GLU C 400 4.65 9.82 -20.21
CA GLU C 400 5.28 10.41 -21.39
C GLU C 400 6.15 9.42 -22.15
N GLN C 401 6.37 8.23 -21.58
CA GLN C 401 7.09 7.16 -22.26
C GLN C 401 6.13 6.04 -22.62
N CYS C 402 6.13 5.66 -23.89
CA CYS C 402 5.27 4.58 -24.37
C CYS C 402 5.78 3.21 -23.90
N GLN D 1 46.35 16.88 30.26
CA GLN D 1 46.15 16.15 29.02
C GLN D 1 46.88 14.81 29.06
N VAL D 2 46.30 13.80 28.41
CA VAL D 2 46.92 12.48 28.38
C VAL D 2 47.99 12.44 27.30
N GLN D 3 49.21 12.06 27.68
CA GLN D 3 50.31 11.88 26.74
C GLN D 3 50.67 10.40 26.70
N LEU D 4 50.67 9.85 25.49
CA LEU D 4 51.09 8.46 25.28
C LEU D 4 52.53 8.40 24.82
N GLN D 5 53.11 7.21 24.93
CA GLN D 5 54.50 7.01 24.49
C GLN D 5 54.70 5.52 24.23
N GLU D 6 54.88 5.15 22.97
CA GLU D 6 55.19 3.77 22.65
C GLU D 6 56.61 3.43 23.07
N SER D 7 56.86 2.14 23.27
CA SER D 7 58.18 1.68 23.64
C SER D 7 58.31 0.21 23.26
N GLY D 8 59.49 -0.16 22.76
CA GLY D 8 59.76 -1.52 22.35
C GLY D 8 61.00 -1.61 21.49
N PRO D 9 61.44 -2.84 21.20
CA PRO D 9 62.64 -3.01 20.38
C PRO D 9 62.37 -2.65 18.92
N GLY D 10 63.27 -1.87 18.33
CA GLY D 10 63.15 -1.54 16.92
C GLY D 10 63.60 -2.62 15.98
N VAL D 11 64.27 -3.65 16.50
CA VAL D 11 64.74 -4.77 15.69
C VAL D 11 63.98 -6.00 16.15
N VAL D 12 63.20 -6.58 15.25
CA VAL D 12 62.49 -7.83 15.51
C VAL D 12 62.74 -8.76 14.34
N LYS D 13 63.34 -9.92 14.61
CA LYS D 13 63.60 -10.88 13.56
C LYS D 13 62.28 -11.46 13.06
N PRO D 14 62.27 -12.03 11.86
CA PRO D 14 61.06 -12.70 11.39
C PRO D 14 60.69 -13.89 12.26
N SER D 15 59.37 -14.09 12.39
CA SER D 15 58.79 -15.27 13.03
C SER D 15 59.12 -15.37 14.51
N GLU D 16 58.83 -14.30 15.25
CA GLU D 16 58.67 -14.42 16.70
C GLU D 16 57.68 -13.37 17.21
N THR D 17 57.63 -13.18 18.51
CA THR D 17 56.63 -12.33 19.15
C THR D 17 57.15 -10.89 19.21
N LEU D 18 56.49 -10.00 18.48
CA LEU D 18 56.71 -8.58 18.64
C LEU D 18 56.20 -8.15 20.01
N SER D 19 56.95 -7.27 20.68
CA SER D 19 56.64 -6.87 22.05
C SER D 19 56.76 -5.36 22.18
N LEU D 20 55.62 -4.67 22.14
CA LEU D 20 55.57 -3.24 22.33
C LEU D 20 54.93 -2.89 23.67
N THR D 21 54.96 -1.60 24.00
CA THR D 21 54.44 -1.13 25.28
C THR D 21 54.11 0.35 25.13
N CYS D 22 52.86 0.71 25.42
CA CYS D 22 52.40 2.10 25.36
C CYS D 22 52.18 2.60 26.78
N ALA D 23 53.18 3.28 27.32
CA ALA D 23 53.04 3.91 28.62
C ALA D 23 52.08 5.09 28.53
N VAL D 24 51.18 5.21 29.50
CA VAL D 24 50.18 6.26 29.54
C VAL D 24 50.56 7.25 30.64
N SER D 25 50.74 8.51 30.25
CA SER D 25 51.09 9.57 31.17
C SER D 25 50.03 10.66 31.13
N GLY D 26 49.77 11.26 32.29
CA GLY D 26 48.75 12.29 32.39
C GLY D 26 47.34 11.77 32.54
N GLY D 27 47.14 10.46 32.57
CA GLY D 27 45.82 9.90 32.71
C GLY D 27 45.90 8.42 33.01
N SER D 28 44.81 7.90 33.56
CA SER D 28 44.76 6.50 33.96
C SER D 28 43.98 5.68 32.94
N ILE D 29 44.44 4.44 32.73
CA ILE D 29 43.77 3.52 31.81
C ILE D 29 42.41 3.08 32.33
N SER D 30 42.11 3.31 33.61
CA SER D 30 40.77 3.05 34.12
C SER D 30 39.73 3.92 33.43
N ASP D 31 40.10 5.13 33.03
CA ASP D 31 39.25 5.98 32.20
C ASP D 31 39.39 5.53 30.75
N THR D 32 38.92 6.35 29.81
CA THR D 32 39.22 6.13 28.40
C THR D 32 38.73 4.77 27.91
N TYR D 33 37.41 4.66 27.74
CA TYR D 33 36.67 3.43 27.46
C TYR D 33 37.40 2.44 26.56
N ARG D 34 38.14 2.90 25.56
CA ARG D 34 38.88 2.00 24.68
C ARG D 34 40.29 2.51 24.47
N TRP D 35 41.19 1.57 24.15
CA TRP D 35 42.60 1.85 23.89
C TRP D 35 43.04 1.01 22.71
N SER D 36 43.37 1.66 21.60
CA SER D 36 43.59 0.96 20.34
C SER D 36 45.07 0.97 19.94
N TRP D 37 45.41 0.12 18.97
CA TRP D 37 46.73 0.08 18.36
C TRP D 37 46.56 0.26 16.86
N ILE D 38 47.36 1.15 16.27
CA ILE D 38 47.31 1.44 14.84
C ILE D 38 48.73 1.39 14.30
N ARG D 39 48.92 0.71 13.17
CA ARG D 39 50.20 0.67 12.51
C ARG D 39 50.10 1.24 11.10
N GLN D 40 51.26 1.65 10.57
CA GLN D 40 51.33 2.24 9.23
C GLN D 40 52.59 1.74 8.54
N PRO D 41 52.47 0.74 7.66
CA PRO D 41 53.62 0.29 6.89
C PRO D 41 54.16 1.41 6.03
N PRO D 42 55.48 1.51 5.87
CA PRO D 42 56.04 2.56 5.02
C PRO D 42 55.56 2.42 3.59
N GLY D 43 55.11 3.53 3.01
CA GLY D 43 54.58 3.53 1.66
C GLY D 43 53.14 3.12 1.53
N LYS D 44 52.48 2.79 2.64
CA LYS D 44 51.08 2.38 2.62
C LYS D 44 50.31 3.18 3.67
N GLY D 45 48.99 2.99 3.68
CA GLY D 45 48.14 3.74 4.58
C GLY D 45 48.01 3.12 5.95
N LEU D 46 47.48 3.91 6.88
CA LEU D 46 47.26 3.45 8.23
C LEU D 46 46.27 2.29 8.26
N GLU D 47 46.51 1.35 9.18
CA GLU D 47 45.53 0.30 9.41
C GLU D 47 45.41 0.06 10.91
N TRP D 48 44.23 -0.38 11.32
CA TRP D 48 43.90 -0.55 12.72
C TRP D 48 44.09 -2.01 13.15
N ILE D 49 44.57 -2.18 14.37
CA ILE D 49 44.94 -3.51 14.86
C ILE D 49 43.88 -4.05 15.82
N GLY D 50 43.66 -3.34 16.92
CA GLY D 50 42.69 -3.79 17.90
C GLY D 50 42.71 -2.87 19.10
N TYR D 51 41.66 -3.00 19.92
CA TYR D 51 41.52 -2.16 21.10
C TYR D 51 41.42 -3.00 22.37
N ILE D 52 41.75 -2.34 23.48
CA ILE D 52 41.55 -2.86 24.83
C ILE D 52 40.79 -1.82 25.65
N TYR D 53 39.82 -2.28 26.42
CA TYR D 53 38.98 -1.38 27.20
C TYR D 53 39.72 -0.64 28.31
N GLY D 54 40.77 -1.22 28.87
CA GLY D 54 41.38 -0.59 30.03
C GLY D 54 40.67 -0.95 31.31
N SER D 55 39.44 -0.46 31.47
CA SER D 55 38.64 -0.84 32.63
C SER D 55 38.27 -2.32 32.59
N ALA D 56 38.28 -2.93 31.40
CA ALA D 56 37.97 -4.33 31.24
C ALA D 56 39.17 -5.09 30.68
N THR D 57 38.98 -6.38 30.42
CA THR D 57 39.98 -7.22 29.77
C THR D 57 39.53 -7.70 28.41
N SER D 58 38.49 -7.09 27.84
CA SER D 58 37.96 -7.53 26.56
C SER D 58 38.74 -6.91 25.41
N THR D 59 39.05 -7.73 24.42
CA THR D 59 39.79 -7.29 23.24
C THR D 59 38.97 -7.53 21.99
N TYR D 60 39.13 -6.63 21.03
CA TYR D 60 38.74 -6.87 19.65
C TYR D 60 39.96 -6.69 18.78
N TYR D 61 40.07 -7.53 17.75
CA TYR D 61 41.24 -7.48 16.88
C TYR D 61 40.80 -7.43 15.43
N ASN D 62 41.63 -6.80 14.61
CA ASN D 62 41.39 -6.75 13.18
C ASN D 62 41.34 -8.18 12.64
N PRO D 63 40.29 -8.56 11.88
CA PRO D 63 40.22 -9.93 11.36
C PRO D 63 41.42 -10.33 10.52
N SER D 64 42.09 -9.39 9.88
CA SER D 64 43.34 -9.70 9.19
C SER D 64 44.49 -9.97 10.15
N LEU D 65 44.30 -9.71 11.45
CA LEU D 65 45.34 -9.91 12.45
C LEU D 65 44.78 -10.57 13.70
N SER D 66 43.57 -11.14 13.61
CA SER D 66 42.92 -11.69 14.79
C SER D 66 43.65 -12.92 15.30
N SER D 67 44.29 -13.67 14.40
CA SER D 67 44.95 -14.91 14.78
C SER D 67 46.35 -14.71 15.34
N ARG D 68 46.83 -13.47 15.40
CA ARG D 68 48.20 -13.19 15.78
C ARG D 68 48.33 -12.16 16.90
N VAL D 69 47.44 -11.18 16.93
CA VAL D 69 47.61 -10.02 17.82
C VAL D 69 47.09 -10.36 19.21
N THR D 70 47.89 -10.02 20.22
CA THR D 70 47.49 -10.09 21.62
C THR D 70 47.83 -8.77 22.29
N ILE D 71 46.84 -8.16 22.93
CA ILE D 71 47.01 -6.90 23.63
C ILE D 71 46.84 -7.16 25.12
N SER D 72 47.90 -6.93 25.89
CA SER D 72 47.88 -7.16 27.33
C SER D 72 47.58 -5.86 28.05
N LYS D 73 47.67 -5.89 29.38
CA LYS D 73 47.21 -4.78 30.21
C LYS D 73 48.07 -4.67 31.46
N ASP D 74 48.07 -3.48 32.05
CA ASP D 74 48.79 -3.28 33.32
C ASP D 74 48.20 -2.07 34.04
N MET D 75 47.40 -2.33 35.07
CA MET D 75 46.99 -1.27 36.00
C MET D 75 48.15 -0.78 36.85
N SER D 76 49.08 -1.66 37.21
CA SER D 76 50.13 -1.29 38.16
C SER D 76 51.02 -0.19 37.59
N LYS D 77 51.46 -0.35 36.35
CA LYS D 77 52.36 0.61 35.71
C LYS D 77 51.63 1.52 34.72
N ASN D 78 50.30 1.42 34.63
CA ASN D 78 49.49 2.25 33.75
C ASN D 78 49.95 2.19 32.30
N GLN D 79 50.16 0.99 31.78
CA GLN D 79 50.54 0.80 30.39
C GLN D 79 49.83 -0.43 29.83
N PHE D 80 49.64 -0.41 28.51
CA PHE D 80 49.07 -1.54 27.79
C PHE D 80 50.00 -1.88 26.64
N SER D 81 50.11 -3.18 26.34
CA SER D 81 51.13 -3.66 25.44
C SER D 81 50.52 -4.26 24.17
N LEU D 82 51.37 -4.73 23.28
CA LEU D 82 50.96 -5.35 22.02
C LEU D 82 51.89 -6.52 21.74
N ASN D 83 51.32 -7.65 21.30
CA ASN D 83 52.08 -8.86 21.04
C ASN D 83 51.65 -9.44 19.70
N LEU D 84 52.37 -9.09 18.64
CA LEU D 84 52.12 -9.63 17.31
C LEU D 84 52.99 -10.87 17.11
N ASN D 85 52.36 -12.03 17.00
CA ASN D 85 53.07 -13.29 16.85
C ASN D 85 53.29 -13.61 15.39
N SER D 86 54.39 -14.31 15.10
CA SER D 86 54.76 -14.72 13.75
C SER D 86 54.87 -13.51 12.82
N VAL D 87 55.70 -12.56 13.23
CA VAL D 87 55.91 -11.36 12.44
C VAL D 87 56.65 -11.70 11.15
N THR D 88 56.22 -11.09 10.04
CA THR D 88 56.87 -11.25 8.76
C THR D 88 57.38 -9.90 8.28
N ALA D 89 58.04 -9.91 7.11
CA ALA D 89 58.57 -8.68 6.55
C ALA D 89 57.47 -7.67 6.23
N ALA D 90 56.22 -8.12 6.08
CA ALA D 90 55.12 -7.21 5.81
C ALA D 90 54.64 -6.48 7.05
N ASP D 91 55.15 -6.82 8.23
CA ASP D 91 54.75 -6.17 9.46
C ASP D 91 55.65 -5.00 9.83
N THR D 92 56.60 -4.65 8.98
CA THR D 92 57.38 -3.44 9.19
C THR D 92 56.47 -2.23 9.07
N ALA D 93 56.38 -1.43 10.13
CA ALA D 93 55.44 -0.33 10.16
C ALA D 93 55.81 0.60 11.32
N VAL D 94 55.02 1.65 11.48
CA VAL D 94 55.10 2.54 12.63
C VAL D 94 53.86 2.27 13.47
N TYR D 95 54.05 1.69 14.65
CA TYR D 95 52.94 1.24 15.49
C TYR D 95 52.55 2.37 16.43
N TYR D 96 51.32 2.87 16.28
CA TYR D 96 50.80 3.91 17.14
C TYR D 96 49.84 3.32 18.17
N CYS D 97 49.91 3.83 19.38
CA CYS D 97 48.89 3.57 20.39
C CYS D 97 48.04 4.83 20.56
N ALA D 98 46.72 4.65 20.54
CA ALA D 98 45.82 5.78 20.48
C ALA D 98 44.65 5.59 21.44
N ARG D 99 44.19 6.69 22.02
CA ARG D 99 42.95 6.70 22.77
C ARG D 99 41.78 6.66 21.80
N ASP D 100 41.01 5.58 21.85
CA ASP D 100 39.82 5.50 21.03
C ASP D 100 38.72 6.36 21.64
N TYR D 101 38.13 7.23 20.82
CA TYR D 101 37.15 8.18 21.27
C TYR D 101 35.81 7.87 20.64
N GLN D 102 34.76 7.94 21.46
CA GLN D 102 33.40 7.62 21.04
C GLN D 102 32.53 8.86 21.20
N TYR D 103 31.86 9.25 20.14
CA TYR D 103 30.95 10.40 20.16
C TYR D 103 29.52 9.87 20.16
N TYR D 104 28.89 9.92 21.33
CA TYR D 104 27.51 9.46 21.45
C TYR D 104 26.57 10.64 21.29
N TYR D 105 25.62 10.51 20.38
CA TYR D 105 24.51 11.44 20.22
C TYR D 105 23.21 10.68 20.48
N SER D 106 22.27 11.34 21.15
CA SER D 106 20.92 10.76 21.25
C SER D 106 20.95 9.37 21.86
N GLY D 107 21.21 9.28 23.16
CA GLY D 107 21.59 8.02 23.78
C GLY D 107 20.55 6.93 23.73
N SER D 108 19.55 7.08 22.87
CA SER D 108 18.80 5.96 22.35
C SER D 108 19.46 5.35 21.12
N TYR D 109 20.58 5.93 20.67
CA TYR D 109 21.37 5.39 19.56
C TYR D 109 22.76 5.05 20.07
N PRO D 110 23.04 3.79 20.37
CA PRO D 110 24.33 3.44 20.96
C PRO D 110 25.45 3.27 19.94
N THR D 111 25.27 3.77 18.73
CA THR D 111 26.30 3.63 17.71
C THR D 111 27.11 4.92 17.64
N PRO D 112 28.24 5.02 18.34
CA PRO D 112 28.99 6.28 18.36
C PRO D 112 29.90 6.41 17.15
N HIS D 113 30.27 7.65 16.88
CA HIS D 113 31.33 7.91 15.91
C HIS D 113 32.67 7.64 16.59
N ASN D 114 33.42 6.68 16.05
CA ASN D 114 34.67 6.24 16.66
C ASN D 114 35.84 6.85 15.91
N TRP D 115 36.70 7.54 16.67
CA TRP D 115 37.94 8.08 16.11
C TRP D 115 38.95 8.13 17.24
N PHE D 116 40.18 8.53 16.89
CA PHE D 116 41.29 8.55 17.83
C PHE D 116 41.70 9.99 18.07
N ASP D 117 41.44 10.49 19.28
CA ASP D 117 41.71 11.88 19.63
C ASP D 117 43.15 12.09 20.10
N VAL D 118 43.71 11.12 20.82
CA VAL D 118 45.07 11.21 21.33
C VAL D 118 45.87 10.06 20.75
N TRP D 119 46.98 10.39 20.09
CA TRP D 119 47.88 9.42 19.50
C TRP D 119 49.23 9.47 20.21
N GLY D 120 49.89 8.33 20.26
CA GLY D 120 51.27 8.30 20.69
C GLY D 120 52.20 8.76 19.59
N PRO D 121 53.43 9.10 19.98
CA PRO D 121 54.42 9.54 18.98
C PRO D 121 54.77 8.47 17.96
N GLY D 122 54.54 7.21 18.27
CA GLY D 122 54.84 6.13 17.35
C GLY D 122 56.29 5.67 17.45
N VAL D 123 56.52 4.47 16.94
CA VAL D 123 57.87 3.89 16.92
C VAL D 123 57.98 3.01 15.68
N LEU D 124 59.11 3.11 15.00
CA LEU D 124 59.35 2.32 13.80
C LEU D 124 59.85 0.94 14.20
N VAL D 125 59.11 -0.09 13.83
CA VAL D 125 59.48 -1.48 14.09
C VAL D 125 59.72 -2.14 12.75
N THR D 126 60.96 -2.58 12.51
CA THR D 126 61.34 -3.19 11.25
C THR D 126 61.58 -4.68 11.48
N VAL D 127 60.96 -5.50 10.63
CA VAL D 127 61.15 -6.95 10.71
C VAL D 127 62.29 -7.32 9.76
N SER D 128 63.46 -7.57 10.33
CA SER D 128 64.63 -7.97 9.55
C SER D 128 65.46 -8.94 10.37
N SER D 129 66.04 -9.93 9.69
CA SER D 129 66.87 -10.94 10.34
C SER D 129 68.32 -10.48 10.52
N ALA D 130 68.70 -9.35 9.93
CA ALA D 130 70.06 -8.86 10.05
C ALA D 130 70.34 -8.36 11.47
N SER D 131 71.58 -8.54 11.90
CA SER D 131 72.01 -8.10 13.22
C SER D 131 72.39 -6.62 13.17
N THR D 132 72.50 -6.03 14.36
CA THR D 132 72.90 -4.62 14.45
C THR D 132 74.34 -4.47 13.97
N LYS D 133 74.56 -3.51 13.08
CA LYS D 133 75.87 -3.31 12.47
C LYS D 133 76.15 -1.82 12.32
N GLY D 134 77.39 -1.43 12.57
CA GLY D 134 77.81 -0.07 12.42
C GLY D 134 77.97 0.33 10.96
N PRO D 135 77.78 1.61 10.66
CA PRO D 135 77.91 2.08 9.28
C PRO D 135 79.36 2.19 8.84
N SER D 136 79.54 2.01 7.53
CA SER D 136 80.80 2.28 6.86
C SER D 136 80.59 3.50 5.96
N VAL D 137 81.38 4.55 6.19
CA VAL D 137 81.16 5.85 5.56
C VAL D 137 82.31 6.11 4.59
N PHE D 138 81.97 6.21 3.31
CA PHE D 138 82.92 6.36 2.22
C PHE D 138 82.65 7.66 1.47
N PRO D 139 83.68 8.48 1.23
CA PRO D 139 83.46 9.81 0.68
C PRO D 139 83.00 9.79 -0.77
N LEU D 140 82.18 10.79 -1.10
CA LEU D 140 81.79 11.06 -2.49
C LEU D 140 82.53 12.33 -2.90
N ALA D 141 83.77 12.16 -3.33
CA ALA D 141 84.64 13.30 -3.59
C ALA D 141 84.18 14.07 -4.83
N PRO D 142 84.30 15.39 -4.83
CA PRO D 142 83.97 16.16 -6.03
C PRO D 142 84.96 15.91 -7.17
N SER D 143 84.46 16.06 -8.39
CA SER D 143 85.26 15.88 -9.59
C SER D 143 84.92 16.99 -10.57
N SER D 144 85.55 16.93 -11.76
CA SER D 144 85.27 17.91 -12.80
C SER D 144 83.85 17.74 -13.35
N LYS D 145 83.30 16.54 -13.26
CA LYS D 145 81.94 16.26 -13.71
C LYS D 145 80.90 16.54 -12.63
N SER D 146 81.32 16.95 -11.44
CA SER D 146 80.42 17.27 -10.33
C SER D 146 80.18 18.77 -10.22
N THR D 147 80.17 19.48 -11.35
CA THR D 147 79.93 20.91 -11.39
C THR D 147 78.78 21.22 -12.34
N SER D 148 77.94 22.17 -11.95
CA SER D 148 76.79 22.56 -12.77
C SER D 148 76.46 24.02 -12.46
N GLY D 149 76.69 24.89 -13.43
CA GLY D 149 76.39 26.31 -13.27
C GLY D 149 77.19 26.98 -12.19
N GLY D 150 78.49 26.66 -12.12
CA GLY D 150 79.36 27.23 -11.11
C GLY D 150 79.19 26.67 -9.72
N THR D 151 78.42 25.59 -9.56
CA THR D 151 78.18 24.98 -8.28
C THR D 151 78.73 23.55 -8.28
N ALA D 152 79.50 23.21 -7.26
CA ALA D 152 80.10 21.89 -7.14
C ALA D 152 79.58 21.22 -5.87
N ALA D 153 79.11 19.98 -6.01
CA ALA D 153 78.51 19.24 -4.91
C ALA D 153 79.46 18.17 -4.38
N LEU D 154 79.26 17.81 -3.12
CA LEU D 154 80.03 16.75 -2.48
C LEU D 154 79.21 16.19 -1.33
N GLY D 155 79.62 15.04 -0.83
CA GLY D 155 78.87 14.44 0.26
C GLY D 155 79.50 13.17 0.75
N CYS D 156 78.75 12.47 1.60
CA CYS D 156 79.18 11.24 2.24
C CYS D 156 78.23 10.10 1.86
N LEU D 157 78.78 8.89 1.79
CA LEU D 157 78.01 7.70 1.45
C LEU D 157 78.02 6.76 2.65
N VAL D 158 76.87 6.63 3.31
CA VAL D 158 76.70 5.69 4.41
C VAL D 158 76.38 4.32 3.83
N LYS D 159 77.07 3.30 4.33
CA LYS D 159 77.01 1.98 3.72
C LYS D 159 76.98 0.91 4.80
N ASP D 160 76.09 -0.08 4.61
CA ASP D 160 76.09 -1.33 5.36
C ASP D 160 75.96 -1.09 6.87
N TYR D 161 74.79 -0.56 7.25
CA TYR D 161 74.45 -0.40 8.65
C TYR D 161 73.03 -0.90 8.90
N PHE D 162 72.72 -1.07 10.18
CA PHE D 162 71.40 -1.49 10.65
C PHE D 162 71.38 -1.36 12.17
N PRO D 163 70.25 -0.95 12.78
CA PRO D 163 68.99 -0.49 12.20
C PRO D 163 68.90 1.03 12.07
N GLU D 164 67.69 1.53 11.87
CA GLU D 164 67.43 2.96 11.91
C GLU D 164 67.53 3.47 13.36
N PRO D 165 67.79 4.76 13.56
CA PRO D 165 68.17 5.76 12.55
C PRO D 165 69.65 6.15 12.64
N VAL D 166 70.12 6.91 11.66
CA VAL D 166 71.45 7.51 11.72
C VAL D 166 71.32 9.00 11.48
N THR D 167 71.94 9.78 12.36
CA THR D 167 71.93 11.25 12.27
C THR D 167 73.29 11.67 11.73
N VAL D 168 73.28 12.26 10.53
CA VAL D 168 74.49 12.68 9.86
C VAL D 168 74.60 14.19 10.04
N SER D 169 75.38 14.61 11.04
CA SER D 169 75.65 16.03 11.27
C SER D 169 76.95 16.42 10.60
N TRP D 170 77.06 17.69 10.24
CA TRP D 170 78.14 18.21 9.42
C TRP D 170 78.90 19.28 10.19
N ASN D 171 80.22 19.13 10.27
CA ASN D 171 81.09 20.09 10.95
C ASN D 171 80.60 20.36 12.37
N SER D 172 80.27 19.28 13.09
CA SER D 172 79.68 19.36 14.42
C SER D 172 78.38 20.17 14.40
N GLY D 173 77.59 19.98 13.34
CA GLY D 173 76.33 20.66 13.21
C GLY D 173 76.41 22.11 12.78
N ALA D 174 77.59 22.58 12.36
CA ALA D 174 77.76 23.97 11.97
C ALA D 174 77.16 24.27 10.60
N LEU D 175 77.16 23.30 9.70
CA LEU D 175 76.64 23.51 8.34
C LEU D 175 75.17 23.09 8.32
N THR D 176 74.30 24.04 7.98
CA THR D 176 72.85 23.80 7.94
C THR D 176 72.25 24.10 6.57
N SER D 177 72.84 25.01 5.81
CA SER D 177 72.30 25.35 4.50
C SER D 177 72.60 24.25 3.49
N GLY D 178 71.57 23.80 2.78
CA GLY D 178 71.73 22.82 1.73
C GLY D 178 71.91 21.40 2.20
N VAL D 179 71.66 21.10 3.47
CA VAL D 179 71.83 19.75 3.99
C VAL D 179 70.67 18.88 3.50
N HIS D 180 71.00 17.73 2.91
CA HIS D 180 69.99 16.81 2.39
C HIS D 180 70.37 15.40 2.85
N THR D 181 69.91 15.02 4.04
CA THR D 181 70.13 13.68 4.57
C THR D 181 69.12 12.74 3.93
N PHE D 182 69.57 11.97 2.96
CA PHE D 182 68.69 11.13 2.17
C PHE D 182 68.17 9.95 2.99
N PRO D 183 66.92 9.57 2.80
CA PRO D 183 66.39 8.39 3.52
C PRO D 183 67.11 7.13 3.09
N ALA D 184 67.23 6.20 4.04
CA ALA D 184 67.93 4.95 3.78
C ALA D 184 67.06 4.00 2.97
N VAL D 185 67.72 2.99 2.38
CA VAL D 185 67.04 1.98 1.59
C VAL D 185 67.49 0.61 2.08
N LEU D 186 66.64 -0.39 1.81
CA LEU D 186 66.93 -1.78 2.18
C LEU D 186 67.57 -2.48 0.99
N GLN D 187 68.80 -2.93 1.17
CA GLN D 187 69.51 -3.61 0.10
C GLN D 187 69.12 -5.09 0.04
N SER D 188 69.57 -5.76 -1.02
CA SER D 188 69.35 -7.20 -1.13
C SER D 188 70.06 -7.96 -0.02
N SER D 189 71.19 -7.43 0.47
CA SER D 189 71.89 -8.04 1.59
C SER D 189 71.19 -7.79 2.92
N GLY D 190 70.28 -6.83 2.98
CA GLY D 190 69.57 -6.50 4.20
C GLY D 190 70.16 -5.37 5.02
N LEU D 191 71.23 -4.74 4.54
CA LEU D 191 71.88 -3.66 5.24
C LEU D 191 71.47 -2.32 4.65
N TYR D 192 71.26 -1.35 5.53
CA TYR D 192 70.82 -0.02 5.12
C TYR D 192 71.99 0.77 4.55
N SER D 193 71.66 1.70 3.66
CA SER D 193 72.65 2.58 3.07
C SER D 193 71.94 3.81 2.53
N LEU D 194 72.42 4.99 2.95
CA LEU D 194 71.88 6.26 2.50
C LEU D 194 73.02 7.19 2.14
N SER D 195 72.70 8.22 1.36
CA SER D 195 73.65 9.24 0.97
C SER D 195 73.38 10.52 1.75
N SER D 196 74.41 11.36 1.82
CA SER D 196 74.31 12.62 2.55
C SER D 196 75.23 13.63 1.86
N VAL D 197 74.66 14.48 1.01
CA VAL D 197 75.42 15.34 0.11
C VAL D 197 75.01 16.78 0.33
N VAL D 198 75.93 17.68 -0.03
CA VAL D 198 75.73 19.12 0.15
C VAL D 198 76.03 19.82 -1.17
N THR D 199 75.26 20.87 -1.46
CA THR D 199 75.52 21.74 -2.60
C THR D 199 76.19 23.02 -2.09
N VAL D 200 77.39 23.29 -2.60
CA VAL D 200 78.15 24.48 -2.22
C VAL D 200 78.70 25.13 -3.49
N PRO D 201 78.97 26.43 -3.48
CA PRO D 201 79.58 27.05 -4.65
C PRO D 201 80.93 26.40 -4.98
N SER D 202 81.19 26.27 -6.28
CA SER D 202 82.43 25.63 -6.73
C SER D 202 83.67 26.41 -6.34
N SER D 203 83.53 27.69 -6.00
CA SER D 203 84.67 28.50 -5.56
C SER D 203 85.07 28.21 -4.12
N GLY D 204 84.22 27.55 -3.35
CA GLY D 204 84.52 27.22 -1.97
C GLY D 204 85.18 25.87 -1.75
N LEU D 205 85.56 25.18 -2.82
CA LEU D 205 86.21 23.88 -2.72
C LEU D 205 87.69 24.08 -2.44
N GLY D 206 88.21 23.36 -1.45
CA GLY D 206 89.60 23.46 -1.04
C GLY D 206 89.87 24.50 0.01
N THR D 207 88.88 25.33 0.35
CA THR D 207 89.04 26.35 1.38
C THR D 207 88.17 26.13 2.60
N GLN D 208 87.16 25.26 2.54
CA GLN D 208 86.28 24.98 3.65
C GLN D 208 86.33 23.51 4.00
N THR D 209 86.36 23.20 5.30
CA THR D 209 86.39 21.84 5.78
C THR D 209 84.96 21.30 5.88
N TYR D 210 84.72 20.16 5.22
CA TYR D 210 83.42 19.51 5.22
C TYR D 210 83.60 18.09 5.75
N ILE D 211 83.05 17.84 6.94
CA ILE D 211 83.12 16.53 7.59
C ILE D 211 81.71 16.15 8.00
N CYS D 212 81.38 14.87 7.81
CA CYS D 212 80.07 14.37 8.21
C CYS D 212 80.21 13.48 9.45
N ASN D 213 79.39 13.75 10.46
CA ASN D 213 79.41 13.02 11.72
C ASN D 213 78.20 12.07 11.73
N VAL D 214 78.46 10.82 11.42
CA VAL D 214 77.41 9.79 11.42
C VAL D 214 77.29 9.21 12.82
N ASN D 215 76.07 9.19 13.34
CA ASN D 215 75.82 8.70 14.69
C ASN D 215 74.84 7.54 14.60
N HIS D 216 75.29 6.34 14.99
CA HIS D 216 74.47 5.15 15.01
C HIS D 216 74.47 4.62 16.45
N LYS D 217 73.51 5.08 17.24
CA LYS D 217 73.45 4.73 18.66
C LYS D 217 73.09 3.27 18.95
N PRO D 218 72.30 2.56 18.12
CA PRO D 218 72.07 1.13 18.42
C PRO D 218 73.34 0.31 18.44
N SER D 219 74.31 0.62 17.59
CA SER D 219 75.61 -0.05 17.63
C SER D 219 76.70 0.82 18.25
N ASN D 220 76.38 2.03 18.69
CA ASN D 220 77.34 2.95 19.31
C ASN D 220 78.53 3.19 18.38
N THR D 221 78.22 3.77 17.21
CA THR D 221 79.21 4.04 16.20
C THR D 221 79.29 5.54 15.95
N LYS D 222 80.50 6.09 15.98
CA LYS D 222 80.75 7.50 15.68
C LYS D 222 81.80 7.58 14.58
N VAL D 223 81.40 8.10 13.43
CA VAL D 223 82.28 8.20 12.27
C VAL D 223 82.44 9.66 11.89
N ASP D 224 83.69 10.10 11.77
CA ASP D 224 84.01 11.45 11.30
C ASP D 224 84.96 11.30 10.10
N LYS D 225 84.55 11.83 8.96
CA LYS D 225 85.27 11.64 7.71
C LYS D 225 85.34 12.97 6.95
N LYS D 226 86.49 13.25 6.35
CA LYS D 226 86.68 14.44 5.56
C LYS D 226 86.47 14.13 4.08
N VAL D 227 85.85 15.06 3.36
CA VAL D 227 85.64 14.96 1.92
C VAL D 227 86.63 15.87 1.22
N GLU D 228 87.49 15.29 0.40
CA GLU D 228 88.54 16.02 -0.29
C GLU D 228 88.56 15.64 -1.76
N PRO D 229 88.75 16.60 -2.67
CA PRO D 229 88.77 16.29 -4.09
C PRO D 229 89.90 15.32 -4.46
N LYS D 230 89.60 14.48 -5.44
CA LYS D 230 90.54 13.43 -5.85
C LYS D 230 91.79 14.05 -6.45
N SER D 231 92.95 13.58 -6.01
CA SER D 231 94.22 14.01 -6.60
C SER D 231 94.38 13.38 -7.98
N CYS D 232 94.95 14.16 -8.90
CA CYS D 232 95.04 13.74 -10.29
C CYS D 232 96.46 13.76 -10.86
N ASP D 233 97.46 14.21 -10.10
CA ASP D 233 98.81 14.34 -10.62
C ASP D 233 99.84 13.44 -9.96
N LYS D 234 99.46 12.71 -8.91
CA LYS D 234 100.41 11.89 -8.17
C LYS D 234 100.65 10.52 -8.80
N THR D 235 99.95 10.18 -9.87
CA THR D 235 100.07 8.86 -10.48
C THR D 235 100.87 8.85 -11.79
N HIS D 236 101.07 10.02 -12.41
CA HIS D 236 101.73 10.10 -13.71
C HIS D 236 103.20 10.48 -13.60
N HIS D 237 103.75 10.52 -12.40
CA HIS D 237 105.16 10.84 -12.21
C HIS D 237 106.00 9.57 -12.19
N HIS D 238 106.34 9.10 -13.40
CA HIS D 238 107.20 7.94 -13.57
C HIS D 238 108.61 8.42 -13.88
N HIS D 239 109.56 8.02 -13.05
CA HIS D 239 110.94 8.49 -13.17
C HIS D 239 111.67 7.68 -14.24
N HIS D 240 112.35 8.39 -15.14
CA HIS D 240 113.17 7.76 -16.17
C HIS D 240 114.62 7.75 -15.69
N HIS D 241 115.10 6.57 -15.32
CA HIS D 241 116.47 6.42 -14.81
C HIS D 241 117.40 6.15 -15.99
N HIS D 242 118.31 7.08 -16.25
CA HIS D 242 119.24 6.95 -17.37
C HIS D 242 120.65 6.66 -16.86
N ASP E 1 35.45 -6.45 5.54
CA ASP E 1 35.45 -5.14 6.18
C ASP E 1 35.08 -4.05 5.19
N ILE E 2 35.07 -2.81 5.65
CA ILE E 2 34.72 -1.67 4.81
C ILE E 2 36.02 -1.09 4.23
N GLN E 3 36.19 -1.24 2.92
CA GLN E 3 37.36 -0.69 2.24
C GLN E 3 37.18 0.80 2.06
N MET E 4 38.22 1.56 2.43
CA MET E 4 38.19 3.02 2.38
C MET E 4 39.23 3.45 1.35
N THR E 5 38.76 3.81 0.17
CA THR E 5 39.62 4.18 -0.94
C THR E 5 39.60 5.69 -1.12
N GLN E 6 40.78 6.29 -1.25
CA GLN E 6 40.91 7.73 -1.45
C GLN E 6 41.23 8.04 -2.90
N SER E 7 41.01 9.31 -3.26
CA SER E 7 41.30 9.80 -4.59
C SER E 7 41.49 11.31 -4.50
N PRO E 8 42.61 11.84 -5.01
CA PRO E 8 43.72 11.09 -5.59
C PRO E 8 44.69 10.57 -4.53
N SER E 9 45.57 9.66 -4.93
CA SER E 9 46.57 9.13 -4.00
C SER E 9 47.57 10.20 -3.59
N SER E 10 47.94 11.09 -4.49
CA SER E 10 48.90 12.15 -4.19
C SER E 10 48.66 13.29 -5.18
N LEU E 11 48.24 14.43 -4.67
CA LEU E 11 47.95 15.60 -5.49
C LEU E 11 48.96 16.70 -5.23
N SER E 12 49.07 17.62 -6.19
CA SER E 12 49.99 18.74 -6.10
C SER E 12 49.23 20.02 -6.40
N ALA E 13 49.39 21.03 -5.54
CA ALA E 13 48.69 22.29 -5.72
C ALA E 13 49.52 23.42 -5.10
N SER E 14 49.28 24.62 -5.59
CA SER E 14 50.00 25.81 -5.11
C SER E 14 49.33 26.36 -3.85
N VAL E 15 50.02 27.31 -3.22
CA VAL E 15 49.51 27.93 -2.00
C VAL E 15 48.30 28.77 -2.36
N GLY E 16 47.22 28.63 -1.57
CA GLY E 16 46.00 29.34 -1.80
C GLY E 16 45.01 28.67 -2.71
N ASP E 17 45.29 27.45 -3.17
CA ASP E 17 44.40 26.71 -4.05
C ASP E 17 43.37 25.94 -3.23
N ARG E 18 42.28 25.56 -3.90
CA ARG E 18 41.23 24.79 -3.26
C ARG E 18 41.43 23.32 -3.60
N VAL E 19 41.71 22.51 -2.58
CA VAL E 19 42.03 21.09 -2.76
C VAL E 19 40.86 20.27 -2.23
N THR E 20 40.35 19.37 -3.06
CA THR E 20 39.27 18.46 -2.70
C THR E 20 39.83 17.05 -2.65
N ILE E 21 39.69 16.40 -1.49
CA ILE E 21 40.13 15.03 -1.30
C ILE E 21 38.90 14.17 -1.08
N THR E 22 38.75 13.13 -1.89
CA THR E 22 37.60 12.25 -1.84
C THR E 22 37.99 10.89 -1.28
N CYS E 23 37.14 10.37 -0.41
CA CYS E 23 37.38 9.07 0.22
C CYS E 23 36.09 8.26 0.08
N ARG E 24 36.14 7.21 -0.73
CA ARG E 24 34.97 6.42 -1.05
C ARG E 24 34.97 5.12 -0.24
N ALA E 25 33.82 4.80 0.34
CA ALA E 25 33.65 3.62 1.17
C ALA E 25 33.02 2.49 0.38
N SER E 26 33.45 1.27 0.69
CA SER E 26 32.87 0.10 0.04
C SER E 26 31.41 -0.08 0.42
N GLN E 27 31.11 -0.04 1.71
CA GLN E 27 29.74 -0.08 2.19
C GLN E 27 29.26 1.31 2.55
N GLY E 28 27.96 1.43 2.79
CA GLY E 28 27.39 2.72 3.12
C GLY E 28 27.48 3.06 4.59
N ILE E 29 28.39 3.96 4.94
CA ILE E 29 28.43 4.52 6.28
C ILE E 29 27.65 5.83 6.28
N ILE E 30 26.91 6.08 7.35
CA ILE E 30 25.96 7.20 7.32
C ILE E 30 26.71 8.52 7.29
N ASP E 31 27.36 8.86 8.41
CA ASP E 31 28.30 9.97 8.41
C ASP E 31 29.51 9.66 9.27
N TYR E 32 29.75 8.40 9.60
CA TYR E 32 30.79 7.99 10.54
C TYR E 32 32.16 8.03 9.85
N LEU E 33 32.63 9.23 9.58
CA LEU E 33 33.93 9.40 8.94
C LEU E 33 34.70 10.51 9.62
N SER E 34 36.01 10.31 9.74
CA SER E 34 36.91 11.27 10.36
C SER E 34 38.10 11.50 9.45
N TRP E 35 38.66 12.70 9.49
CA TRP E 35 39.79 13.09 8.67
C TRP E 35 40.98 13.41 9.55
N TYR E 36 42.14 12.87 9.19
CA TYR E 36 43.36 13.01 9.98
C TYR E 36 44.46 13.66 9.14
N GLN E 37 45.20 14.57 9.74
CA GLN E 37 46.36 15.20 9.09
C GLN E 37 47.62 14.62 9.70
N GLN E 38 48.32 13.78 8.94
CA GLN E 38 49.53 13.15 9.41
C GLN E 38 50.73 13.92 8.87
N LYS E 39 51.30 14.80 9.70
CA LYS E 39 52.51 15.48 9.33
C LYS E 39 53.66 14.47 9.25
N PRO E 40 54.63 14.70 8.36
CA PRO E 40 55.73 13.73 8.21
C PRO E 40 56.51 13.59 9.50
N GLY E 41 56.62 12.35 9.98
CA GLY E 41 57.32 12.06 11.21
C GLY E 41 56.56 12.30 12.48
N LYS E 42 55.29 12.69 12.38
CA LYS E 42 54.46 12.98 13.55
C LYS E 42 53.20 12.14 13.52
N ALA E 43 52.58 12.00 14.70
CA ALA E 43 51.35 11.25 14.81
C ALA E 43 50.21 12.00 14.11
N PRO E 44 49.27 11.26 13.53
CA PRO E 44 48.13 11.92 12.86
C PRO E 44 47.33 12.77 13.82
N LYS E 45 46.82 13.88 13.30
CA LYS E 45 46.02 14.83 14.06
C LYS E 45 44.62 14.85 13.50
N LEU E 46 43.62 14.69 14.36
CA LEU E 46 42.23 14.71 13.91
C LEU E 46 41.86 16.09 13.41
N LEU E 47 41.31 16.16 12.20
CA LEU E 47 40.83 17.41 11.63
C LEU E 47 39.31 17.53 11.71
N ILE E 48 38.60 16.56 11.13
CA ILE E 48 37.16 16.63 10.95
C ILE E 48 36.56 15.33 11.44
N SER E 49 35.58 15.42 12.32
CA SER E 49 34.83 14.27 12.79
C SER E 49 33.42 14.30 12.24
N THR E 50 32.80 13.12 12.17
CA THR E 50 31.48 12.92 11.59
C THR E 50 31.38 13.48 10.18
N ALA E 51 32.51 13.62 9.50
CA ALA E 51 32.61 13.98 8.09
C ALA E 51 32.19 15.42 7.81
N SER E 52 31.74 16.15 8.82
CA SER E 52 31.29 17.52 8.59
C SER E 52 31.63 18.49 9.72
N ASN E 53 32.34 18.07 10.75
CA ASN E 53 32.60 18.92 11.90
C ASN E 53 34.04 19.43 11.87
N LEU E 54 34.21 20.73 12.05
CA LEU E 54 35.52 21.31 12.22
C LEU E 54 35.93 21.19 13.69
N GLU E 55 36.95 20.39 13.96
CA GLU E 55 37.38 20.17 15.33
C GLU E 55 38.04 21.42 15.89
N SER E 56 38.06 21.51 17.22
CA SER E 56 38.59 22.67 17.91
C SER E 56 40.08 22.79 17.62
N GLY E 57 40.50 23.98 17.19
CA GLY E 57 41.89 24.27 16.88
C GLY E 57 42.24 24.11 15.42
N VAL E 58 41.44 23.40 14.65
CA VAL E 58 41.69 23.20 13.22
C VAL E 58 41.28 24.47 12.48
N PRO E 59 42.14 25.01 11.62
CA PRO E 59 41.78 26.23 10.89
C PRO E 59 40.56 26.02 10.01
N SER E 60 39.80 27.10 9.84
CA SER E 60 38.53 27.04 9.12
C SER E 60 38.70 26.69 7.64
N ARG E 61 39.91 26.78 7.10
CA ARG E 61 40.14 26.41 5.72
C ARG E 61 39.86 24.94 5.45
N PHE E 62 39.92 24.09 6.48
CA PHE E 62 39.59 22.68 6.35
C PHE E 62 38.09 22.51 6.50
N SER E 63 37.44 22.02 5.44
CA SER E 63 36.01 21.79 5.46
C SER E 63 35.72 20.41 4.91
N GLY E 64 34.86 19.68 5.61
CA GLY E 64 34.49 18.34 5.19
C GLY E 64 33.01 18.23 4.91
N SER E 65 32.65 17.46 3.88
CA SER E 65 31.26 17.34 3.48
C SER E 65 31.05 15.98 2.84
N GLY E 66 29.79 15.62 2.70
CA GLY E 66 29.43 14.35 2.10
C GLY E 66 29.00 13.33 3.13
N SER E 67 28.16 12.40 2.70
CA SER E 67 27.70 11.32 3.57
C SER E 67 27.24 10.17 2.69
N GLY E 68 27.17 9.00 3.29
CA GLY E 68 26.78 7.79 2.55
C GLY E 68 28.00 7.03 2.05
N THR E 69 28.34 7.23 0.77
CA THR E 69 29.50 6.59 0.17
C THR E 69 30.58 7.57 -0.23
N GLU E 70 30.23 8.78 -0.65
CA GLU E 70 31.19 9.77 -1.10
C GLU E 70 31.43 10.78 0.01
N PHE E 71 32.70 10.99 0.35
CA PHE E 71 33.09 11.95 1.37
C PHE E 71 34.19 12.85 0.82
N THR E 72 34.15 14.12 1.22
CA THR E 72 34.99 15.14 0.63
C THR E 72 35.71 15.92 1.72
N LEU E 73 37.03 16.06 1.57
CA LEU E 73 37.84 16.94 2.40
C LEU E 73 38.28 18.11 1.54
N THR E 74 37.80 19.31 1.88
CA THR E 74 38.06 20.50 1.09
C THR E 74 38.94 21.46 1.88
N ILE E 75 40.06 21.86 1.29
CA ILE E 75 40.92 22.90 1.83
C ILE E 75 40.68 24.14 0.99
N SER E 76 39.95 25.12 1.54
CA SER E 76 39.55 26.27 0.76
C SER E 76 40.76 27.14 0.38
N SER E 77 41.42 27.71 1.38
CA SER E 77 42.58 28.56 1.18
C SER E 77 43.81 27.78 1.65
N LEU E 78 44.46 27.08 0.73
CA LEU E 78 45.59 26.24 1.08
C LEU E 78 46.74 27.09 1.61
N GLN E 79 47.49 26.53 2.56
CA GLN E 79 48.58 27.21 3.23
C GLN E 79 49.83 26.34 3.23
N PRO E 80 51.01 26.94 3.39
CA PRO E 80 52.25 26.14 3.38
C PRO E 80 52.34 25.12 4.51
N GLU E 81 51.57 25.29 5.58
CA GLU E 81 51.59 24.35 6.70
C GLU E 81 50.52 23.28 6.58
N ASP E 82 50.02 23.03 5.37
CA ASP E 82 49.02 21.99 5.13
C ASP E 82 49.49 20.91 4.18
N PHE E 83 50.80 20.77 3.97
CA PHE E 83 51.34 19.75 3.08
C PHE E 83 51.74 18.55 3.92
N ALA E 84 50.80 17.62 4.07
CA ALA E 84 51.01 16.41 4.86
C ALA E 84 50.19 15.29 4.24
N THR E 85 50.11 14.16 4.95
CA THR E 85 49.32 13.02 4.50
C THR E 85 47.96 13.06 5.18
N TYR E 86 46.91 13.10 4.37
CA TYR E 86 45.55 13.22 4.87
C TYR E 86 44.85 11.87 4.73
N SER E 87 44.35 11.35 5.84
CA SER E 87 43.72 10.04 5.89
C SER E 87 42.29 10.16 6.40
N CYS E 88 41.39 9.45 5.74
CA CYS E 88 40.02 9.29 6.20
C CYS E 88 39.94 8.07 7.10
N LEU E 89 39.00 8.11 8.04
CA LEU E 89 38.80 6.99 8.95
C LEU E 89 37.32 6.77 9.14
N GLN E 90 36.89 5.53 9.02
CA GLN E 90 35.49 5.18 9.23
C GLN E 90 35.32 4.61 10.64
N GLY E 91 34.32 5.13 11.35
CA GLY E 91 33.96 4.62 12.66
C GLY E 91 32.64 3.91 12.71
N TYR E 92 32.00 3.65 11.57
CA TYR E 92 30.67 3.07 11.58
C TYR E 92 30.67 1.63 12.06
N THR E 93 31.72 0.87 11.74
CA THR E 93 31.81 -0.50 12.18
C THR E 93 33.28 -0.85 12.40
N THR E 94 33.51 -2.05 12.91
CA THR E 94 34.83 -2.50 13.30
C THR E 94 35.20 -3.72 12.46
N PRO E 95 36.43 -3.83 11.94
CA PRO E 95 37.60 -2.97 12.13
C PRO E 95 37.52 -1.60 11.50
N TYR E 96 38.06 -0.61 12.19
CA TYR E 96 38.15 0.74 11.65
C TYR E 96 39.20 0.77 10.55
N THR E 97 38.80 1.12 9.35
CA THR E 97 39.70 1.10 8.20
C THR E 97 40.00 2.52 7.77
N PHE E 98 41.29 2.85 7.71
CA PHE E 98 41.73 4.14 7.21
C PHE E 98 41.73 4.14 5.68
N GLY E 99 41.86 5.33 5.12
CA GLY E 99 42.13 5.46 3.71
C GLY E 99 43.59 5.17 3.41
N GLN E 100 43.86 4.95 2.12
CA GLN E 100 45.23 4.65 1.71
C GLN E 100 46.14 5.87 1.82
N GLY E 101 45.59 7.04 2.07
CA GLY E 101 46.40 8.22 2.32
C GLY E 101 46.49 9.11 1.10
N THR E 102 46.44 10.42 1.33
CA THR E 102 46.55 11.42 0.28
C THR E 102 47.73 12.32 0.59
N LYS E 103 48.60 12.51 -0.40
CA LYS E 103 49.78 13.35 -0.24
C LYS E 103 49.56 14.67 -0.96
N VAL E 104 49.84 15.77 -0.28
CA VAL E 104 49.65 17.12 -0.80
C VAL E 104 51.02 17.74 -1.05
N GLU E 105 51.20 18.31 -2.24
CA GLU E 105 52.52 18.74 -2.70
C GLU E 105 52.47 20.21 -3.12
N ILE E 106 53.60 20.87 -2.98
CA ILE E 106 53.76 22.27 -3.40
C ILE E 106 53.97 22.29 -4.91
N LYS E 107 53.13 23.03 -5.63
CA LYS E 107 53.23 23.14 -7.08
C LYS E 107 54.15 24.29 -7.44
N THR E 108 55.45 24.00 -7.49
CA THR E 108 56.47 24.98 -7.87
C THR E 108 57.50 24.28 -8.75
N VAL E 109 57.46 24.57 -10.05
CA VAL E 109 58.33 23.91 -11.01
C VAL E 109 59.73 24.49 -10.93
N ALA E 110 60.73 23.62 -10.85
CA ALA E 110 62.13 24.02 -10.80
C ALA E 110 62.99 23.02 -11.55
N ALA E 111 64.16 23.47 -12.01
CA ALA E 111 65.08 22.64 -12.79
C ALA E 111 66.20 22.11 -11.90
N PRO E 112 66.52 20.82 -12.02
CA PRO E 112 67.58 20.24 -11.19
C PRO E 112 68.97 20.61 -11.67
N SER E 113 69.92 20.51 -10.74
CA SER E 113 71.34 20.59 -11.05
C SER E 113 71.92 19.18 -10.94
N VAL E 114 72.28 18.60 -12.07
CA VAL E 114 72.67 17.20 -12.14
C VAL E 114 74.14 17.06 -11.78
N PHE E 115 74.44 16.11 -10.89
CA PHE E 115 75.81 15.82 -10.49
C PHE E 115 76.03 14.31 -10.45
N ILE E 116 77.28 13.91 -10.62
CA ILE E 116 77.65 12.50 -10.57
C ILE E 116 78.93 12.36 -9.75
N PHE E 117 78.97 11.35 -8.88
CA PHE E 117 80.07 11.15 -7.95
C PHE E 117 80.71 9.79 -8.20
N PRO E 118 82.00 9.72 -8.51
CA PRO E 118 82.67 8.43 -8.64
C PRO E 118 82.91 7.81 -7.27
N PRO E 119 83.05 6.49 -7.20
CA PRO E 119 83.34 5.85 -5.91
C PRO E 119 84.72 6.22 -5.40
N SER E 120 84.86 6.24 -4.07
CA SER E 120 86.13 6.62 -3.47
C SER E 120 87.12 5.48 -3.53
N ASP E 121 88.40 5.83 -3.32
CA ASP E 121 89.46 4.83 -3.36
C ASP E 121 89.34 3.80 -2.25
N GLU E 122 88.99 4.22 -1.03
CA GLU E 122 88.81 3.25 0.04
C GLU E 122 87.56 2.41 -0.18
N GLN E 123 86.55 2.97 -0.86
CA GLN E 123 85.41 2.16 -1.27
C GLN E 123 85.85 1.06 -2.24
N LEU E 124 86.72 1.40 -3.19
CA LEU E 124 87.26 0.38 -4.10
C LEU E 124 88.06 -0.66 -3.34
N LYS E 125 88.87 -0.22 -2.36
CA LYS E 125 89.62 -1.18 -1.55
C LYS E 125 88.70 -2.06 -0.71
N SER E 126 87.51 -1.56 -0.36
CA SER E 126 86.56 -2.36 0.41
C SER E 126 86.03 -3.55 -0.37
N GLY E 127 85.96 -3.46 -1.70
CA GLY E 127 85.51 -4.54 -2.54
C GLY E 127 84.34 -4.20 -3.44
N THR E 128 83.65 -3.09 -3.19
CA THR E 128 82.49 -2.68 -3.97
C THR E 128 82.66 -1.26 -4.48
N ALA E 129 81.96 -0.95 -5.56
CA ALA E 129 81.98 0.39 -6.15
C ALA E 129 80.55 0.79 -6.46
N SER E 130 80.05 1.81 -5.76
CA SER E 130 78.68 2.29 -5.91
C SER E 130 78.73 3.67 -6.55
N VAL E 131 78.25 3.76 -7.79
CA VAL E 131 78.15 5.04 -8.48
C VAL E 131 76.93 5.78 -7.95
N VAL E 132 77.11 7.07 -7.66
CA VAL E 132 76.05 7.89 -7.09
C VAL E 132 75.73 9.01 -8.07
N CYS E 133 74.46 9.11 -8.45
CA CYS E 133 73.97 10.17 -9.33
C CYS E 133 73.14 11.14 -8.50
N LEU E 134 73.37 12.43 -8.68
CA LEU E 134 72.78 13.46 -7.85
C LEU E 134 71.84 14.33 -8.67
N LEU E 135 70.62 14.52 -8.15
CA LEU E 135 69.63 15.42 -8.73
C LEU E 135 69.14 16.32 -7.60
N ASN E 136 69.48 17.60 -7.66
CA ASN E 136 69.24 18.53 -6.57
C ASN E 136 68.19 19.57 -6.95
N ASN E 137 67.18 19.72 -6.10
CA ASN E 137 66.17 20.78 -6.21
C ASN E 137 65.45 20.74 -7.56
N PHE E 138 64.68 19.66 -7.76
CA PHE E 138 63.85 19.50 -8.94
C PHE E 138 62.40 19.37 -8.54
N TYR E 139 61.52 19.49 -9.53
CA TYR E 139 60.08 19.31 -9.34
C TYR E 139 59.42 19.03 -10.69
N PRO E 140 58.47 18.08 -10.77
CA PRO E 140 57.92 17.27 -9.67
C PRO E 140 58.86 16.17 -9.17
N ARG E 141 58.50 15.59 -8.02
CA ARG E 141 59.34 14.56 -7.41
C ARG E 141 59.47 13.34 -8.31
N GLU E 142 58.39 12.94 -8.98
CA GLU E 142 58.43 11.78 -9.87
C GLU E 142 59.26 12.14 -11.10
N ALA E 143 60.21 11.28 -11.43
CA ALA E 143 61.10 11.52 -12.56
C ALA E 143 61.47 10.20 -13.24
N LYS E 144 62.49 10.24 -14.09
CA LYS E 144 62.94 9.07 -14.81
C LYS E 144 64.46 9.02 -14.79
N VAL E 145 65.02 7.91 -14.30
CA VAL E 145 66.46 7.74 -14.19
C VAL E 145 66.83 6.40 -14.79
N GLN E 146 67.90 6.39 -15.59
CA GLN E 146 68.44 5.17 -16.18
C GLN E 146 69.95 5.16 -16.02
N TRP E 147 70.48 4.02 -15.59
CA TRP E 147 71.93 3.84 -15.52
C TRP E 147 72.46 3.41 -16.88
N LYS E 148 73.31 4.24 -17.46
CA LYS E 148 73.97 3.95 -18.72
C LYS E 148 75.44 3.66 -18.44
N VAL E 149 75.89 2.46 -18.80
CA VAL E 149 77.26 2.02 -18.57
C VAL E 149 77.82 1.59 -19.92
N ASP E 150 78.78 2.38 -20.43
CA ASP E 150 79.37 2.14 -21.75
C ASP E 150 78.29 2.06 -22.82
N ASN E 151 77.38 3.03 -22.80
CA ASN E 151 76.27 3.12 -23.74
C ASN E 151 75.40 1.86 -23.70
N ALA E 152 75.21 1.31 -22.50
CA ALA E 152 74.37 0.14 -22.29
C ALA E 152 73.55 0.33 -21.04
N LEU E 153 72.24 0.15 -21.15
CA LEU E 153 71.34 0.32 -20.02
C LEU E 153 71.51 -0.83 -19.04
N GLN E 154 71.57 -0.52 -17.76
CA GLN E 154 71.70 -1.51 -16.69
C GLN E 154 70.48 -1.46 -15.80
N SER E 155 69.89 -2.63 -15.53
CA SER E 155 68.69 -2.73 -14.71
C SER E 155 68.87 -3.84 -13.68
N GLY E 156 68.18 -3.70 -12.55
CA GLY E 156 68.26 -4.67 -11.47
C GLY E 156 69.32 -4.39 -10.43
N ASN E 157 70.02 -3.26 -10.53
CA ASN E 157 71.06 -2.92 -9.57
C ASN E 157 70.99 -1.46 -9.15
N SER E 158 69.78 -0.89 -9.09
CA SER E 158 69.58 0.51 -8.77
C SER E 158 68.70 0.63 -7.53
N GLN E 159 69.09 1.53 -6.62
CA GLN E 159 68.33 1.80 -5.40
C GLN E 159 68.12 3.30 -5.32
N GLU E 160 66.86 3.73 -5.19
CA GLU E 160 66.49 5.13 -5.27
C GLU E 160 66.11 5.67 -3.89
N SER E 161 66.50 6.92 -3.63
CA SER E 161 66.19 7.59 -2.38
C SER E 161 65.94 9.06 -2.66
N VAL E 162 64.70 9.51 -2.47
CA VAL E 162 64.32 10.90 -2.63
C VAL E 162 63.75 11.40 -1.32
N THR E 163 64.25 12.53 -0.83
CA THR E 163 63.76 13.10 0.41
C THR E 163 62.33 13.63 0.23
N GLU E 164 61.65 13.79 1.36
CA GLU E 164 60.37 14.49 1.35
C GLU E 164 60.60 15.96 1.07
N GLN E 165 59.54 16.62 0.58
CA GLN E 165 59.69 17.99 0.12
C GLN E 165 60.04 18.93 1.26
N ASP E 166 61.06 19.74 1.05
CA ASP E 166 61.53 20.67 2.07
C ASP E 166 60.56 21.83 2.23
N SER E 167 60.83 22.67 3.23
CA SER E 167 60.04 23.84 3.51
C SER E 167 60.77 25.15 3.20
N LYS E 168 61.99 25.09 2.67
CA LYS E 168 62.78 26.28 2.39
C LYS E 168 62.63 26.74 0.95
N ASP E 169 62.61 25.82 -0.01
CA ASP E 169 62.24 26.13 -1.38
C ASP E 169 61.26 25.12 -1.97
N SER E 170 60.83 24.14 -1.17
CA SER E 170 59.84 23.14 -1.59
C SER E 170 60.27 22.39 -2.84
N THR E 171 61.51 21.91 -2.86
CA THR E 171 62.01 21.13 -3.98
C THR E 171 62.41 19.73 -3.54
N TYR E 172 63.01 18.95 -4.44
CA TYR E 172 63.34 17.56 -4.17
C TYR E 172 64.79 17.26 -4.55
N SER E 173 65.38 16.31 -3.84
CA SER E 173 66.71 15.81 -4.13
C SER E 173 66.64 14.31 -4.38
N LEU E 174 67.28 13.85 -5.44
CA LEU E 174 67.23 12.46 -5.87
C LEU E 174 68.60 11.83 -5.78
N SER E 175 68.62 10.51 -5.54
CA SER E 175 69.87 9.77 -5.46
C SER E 175 69.60 8.31 -5.79
N SER E 176 70.18 7.83 -6.88
CA SER E 176 70.16 6.43 -7.23
C SER E 176 71.54 5.82 -6.99
N THR E 177 71.56 4.58 -6.53
CA THR E 177 72.80 3.89 -6.20
C THR E 177 73.03 2.75 -7.17
N LEU E 178 74.18 2.74 -7.84
CA LEU E 178 74.56 1.69 -8.77
C LEU E 178 75.51 0.76 -8.04
N THR E 179 74.95 -0.24 -7.36
CA THR E 179 75.74 -1.17 -6.55
C THR E 179 76.46 -2.14 -7.47
N LEU E 180 77.78 -2.00 -7.55
CA LEU E 180 78.61 -2.88 -8.37
C LEU E 180 79.85 -3.27 -7.58
N SER E 181 80.44 -4.40 -7.97
CA SER E 181 81.62 -4.91 -7.29
C SER E 181 82.89 -4.33 -7.91
N LYS E 182 84.03 -4.73 -7.36
CA LYS E 182 85.32 -4.23 -7.84
C LYS E 182 85.58 -4.64 -9.28
N ALA E 183 85.71 -5.95 -9.53
CA ALA E 183 85.96 -6.44 -10.88
C ALA E 183 84.88 -5.97 -11.85
N ASP E 184 83.63 -5.90 -11.38
CA ASP E 184 82.58 -5.31 -12.19
C ASP E 184 82.82 -3.84 -12.45
N TYR E 185 83.52 -3.14 -11.55
CA TYR E 185 83.82 -1.74 -11.78
C TYR E 185 84.92 -1.57 -12.83
N GLU E 186 85.98 -2.37 -12.76
CA GLU E 186 87.04 -2.20 -13.75
C GLU E 186 86.73 -2.81 -15.11
N LYS E 187 85.65 -3.59 -15.25
CA LYS E 187 85.35 -4.16 -16.56
C LYS E 187 84.57 -3.20 -17.45
N HIS E 188 84.24 -2.01 -16.96
CA HIS E 188 83.64 -0.96 -17.78
C HIS E 188 84.35 0.35 -17.52
N LYS E 189 84.18 1.30 -18.45
CA LYS E 189 84.85 2.59 -18.40
C LYS E 189 83.89 3.73 -18.11
N VAL E 190 82.79 3.83 -18.86
CA VAL E 190 81.85 4.94 -18.74
C VAL E 190 80.71 4.52 -17.83
N TYR E 191 80.42 5.35 -16.83
CA TYR E 191 79.29 5.16 -15.92
C TYR E 191 78.49 6.44 -15.89
N ALA E 192 77.26 6.39 -16.41
CA ALA E 192 76.42 7.57 -16.56
C ALA E 192 75.01 7.29 -16.06
N CYS E 193 74.30 8.37 -15.72
CA CYS E 193 72.91 8.30 -15.30
C CYS E 193 72.10 9.21 -16.21
N GLU E 194 71.00 8.67 -16.75
CA GLU E 194 70.12 9.42 -17.64
C GLU E 194 69.05 10.11 -16.81
N VAL E 195 68.81 11.39 -17.09
CA VAL E 195 67.85 12.20 -16.35
C VAL E 195 66.78 12.68 -17.32
N THR E 196 65.53 12.32 -17.04
CA THR E 196 64.37 12.85 -17.76
C THR E 196 63.53 13.63 -16.76
N HIS E 197 63.33 14.92 -17.03
CA HIS E 197 62.66 15.80 -16.10
C HIS E 197 61.70 16.71 -16.85
N GLN E 198 60.59 17.04 -16.21
CA GLN E 198 59.58 17.90 -16.83
C GLN E 198 60.14 19.30 -17.10
N GLY E 199 60.89 19.84 -16.15
CA GLY E 199 61.49 21.16 -16.31
C GLY E 199 62.69 21.18 -17.23
N LEU E 200 63.23 20.03 -17.60
CA LEU E 200 64.38 19.94 -18.50
C LEU E 200 63.88 19.57 -19.90
N SER E 201 64.13 20.45 -20.87
CA SER E 201 63.71 20.17 -22.23
C SER E 201 64.44 18.97 -22.82
N SER E 202 65.74 18.87 -22.57
CA SER E 202 66.55 17.78 -23.09
C SER E 202 67.06 16.90 -21.95
N PRO E 203 67.25 15.60 -22.21
CA PRO E 203 67.77 14.72 -21.15
C PRO E 203 69.22 15.02 -20.81
N VAL E 204 69.45 15.56 -19.62
CA VAL E 204 70.80 15.88 -19.17
C VAL E 204 71.47 14.60 -18.67
N THR E 205 72.65 14.30 -19.20
CA THR E 205 73.39 13.09 -18.86
C THR E 205 74.77 13.48 -18.33
N LYS E 206 75.03 13.17 -17.07
CA LYS E 206 76.36 13.34 -16.50
C LYS E 206 77.10 12.01 -16.52
N SER E 207 78.32 12.03 -17.04
CA SER E 207 79.10 10.82 -17.19
C SER E 207 80.54 11.08 -16.76
N PHE E 208 81.22 10.01 -16.39
CA PHE E 208 82.64 10.09 -16.03
C PHE E 208 83.31 8.79 -16.45
N ASN E 209 84.59 8.90 -16.82
CA ASN E 209 85.37 7.75 -17.23
C ASN E 209 86.25 7.28 -16.08
N ARG E 210 86.50 5.96 -16.04
CA ARG E 210 87.33 5.40 -14.99
C ARG E 210 88.77 5.91 -15.13
N GLY E 211 89.25 6.07 -16.36
CA GLY E 211 90.62 6.50 -16.58
C GLY E 211 90.89 7.98 -16.42
N GLU E 212 89.85 8.79 -16.26
CA GLU E 212 90.01 10.23 -16.07
C GLU E 212 89.84 10.57 -14.59
N CYS E 213 90.49 11.65 -14.17
CA CYS E 213 90.42 12.09 -12.78
C CYS E 213 89.71 13.44 -12.67
N PRO F 1 4.37 -5.13 2.26
CA PRO F 1 5.18 -3.94 2.53
C PRO F 1 4.78 -2.78 1.64
N LYS F 2 3.90 -1.91 2.15
CA LYS F 2 3.37 -0.80 1.37
C LYS F 2 3.73 0.50 2.08
N LEU F 3 4.34 1.42 1.34
CA LEU F 3 4.77 2.69 1.91
C LEU F 3 3.55 3.53 2.28
N ILE F 4 3.51 3.98 3.54
CA ILE F 4 2.52 4.95 3.97
C ILE F 4 3.26 6.08 4.67
N SER F 5 4.56 6.21 4.38
CA SER F 5 5.40 7.23 5.00
C SER F 5 5.01 8.63 4.60
N TYR F 6 4.19 8.80 3.55
CA TYR F 6 3.74 10.11 3.13
C TYR F 6 2.71 10.70 4.07
N THR F 7 2.21 9.92 5.02
CA THR F 7 1.17 10.38 5.94
C THR F 7 1.71 11.07 7.18
N LEU F 8 3.03 11.23 7.28
CA LEU F 8 3.65 11.99 8.34
C LEU F 8 4.61 13.01 7.74
N PRO F 9 4.90 14.10 8.45
CA PRO F 9 5.81 15.13 7.93
C PRO F 9 7.28 14.70 7.98
N VAL F 10 7.54 13.48 7.54
CA VAL F 10 8.91 12.97 7.50
C VAL F 10 9.66 13.58 6.33
N VAL F 11 8.93 13.95 5.28
CA VAL F 11 9.54 14.49 4.06
C VAL F 11 9.86 15.97 4.30
N GLY F 12 11.13 16.26 4.54
CA GLY F 12 11.63 17.62 4.57
C GLY F 12 12.55 17.89 3.39
N GLN F 13 13.28 18.99 3.49
CA GLN F 13 14.29 19.29 2.48
C GLN F 13 15.55 18.49 2.77
N SER F 14 16.50 18.54 1.84
CA SER F 14 17.69 17.71 1.91
C SER F 14 18.66 18.13 3.00
N GLY F 15 18.47 19.30 3.60
CA GLY F 15 19.35 19.77 4.66
C GLY F 15 18.92 19.42 6.06
N THR F 16 17.78 18.76 6.26
CA THR F 16 17.30 18.39 7.57
C THR F 16 17.05 16.89 7.61
N CYS F 17 17.52 16.23 8.67
CA CYS F 17 17.29 14.81 8.84
C CYS F 17 16.44 14.59 10.09
N ILE F 18 15.59 13.57 10.04
CA ILE F 18 14.58 13.31 11.06
C ILE F 18 15.17 12.26 12.00
N THR F 19 15.34 12.63 13.27
CA THR F 19 15.94 11.76 14.26
C THR F 19 15.01 11.57 15.45
N ASP F 20 15.37 10.63 16.31
CA ASP F 20 14.67 10.35 17.55
C ASP F 20 13.15 10.19 17.33
N PRO F 21 12.74 9.25 16.50
CA PRO F 21 11.32 9.16 16.16
C PRO F 21 10.50 8.46 17.24
N LEU F 22 9.21 8.36 17.02
CA LEU F 22 8.31 7.72 17.98
C LEU F 22 7.09 7.23 17.22
N LEU F 23 6.53 6.11 17.68
CA LEU F 23 5.28 5.62 17.15
C LEU F 23 4.61 4.78 18.20
N ALA F 24 3.43 5.20 18.64
CA ALA F 24 2.74 4.54 19.74
C ALA F 24 1.27 4.43 19.34
N MET F 25 0.82 3.22 19.02
CA MET F 25 -0.50 2.98 18.50
C MET F 25 -1.35 2.24 19.53
N ASP F 26 -2.60 2.66 19.68
CA ASP F 26 -3.50 2.02 20.64
C ASP F 26 -4.93 2.36 20.29
N GLU F 27 -5.75 1.34 20.04
CA GLU F 27 -7.19 1.49 19.81
C GLU F 27 -7.49 2.44 18.64
N GLY F 28 -6.67 2.36 17.59
CA GLY F 28 -6.90 3.12 16.39
C GLY F 28 -6.32 4.52 16.39
N TYR F 29 -5.70 4.95 17.48
CA TYR F 29 -5.08 6.26 17.58
C TYR F 29 -3.59 6.06 17.78
N PHE F 30 -2.77 6.82 17.05
CA PHE F 30 -1.33 6.65 17.12
C PHE F 30 -0.71 7.85 17.84
N ALA F 31 0.62 7.86 17.89
CA ALA F 31 1.38 9.04 18.25
C ALA F 31 2.64 9.06 17.38
N TYR F 32 3.22 10.24 17.25
CA TYR F 32 4.44 10.38 16.45
C TYR F 32 5.17 11.62 16.91
N SER F 33 6.41 11.45 17.34
CA SER F 33 7.28 12.56 17.68
C SER F 33 8.62 12.36 16.99
N HIS F 34 9.25 13.47 16.62
CA HIS F 34 10.54 13.39 15.96
C HIS F 34 11.27 14.72 16.13
N LEU F 35 12.59 14.67 15.98
CA LEU F 35 13.44 15.85 16.14
C LEU F 35 14.04 16.19 14.78
N GLU F 36 13.68 17.36 14.26
CA GLU F 36 14.27 17.85 13.03
C GLU F 36 15.57 18.58 13.35
N ARG F 37 16.68 18.11 12.82
CA ARG F 37 17.96 18.77 12.97
C ARG F 37 18.28 19.55 11.71
N ILE F 38 19.39 20.29 11.75
CA ILE F 38 19.86 21.06 10.60
C ILE F 38 21.20 20.47 10.19
N GLY F 39 21.22 19.77 9.08
CA GLY F 39 22.44 19.15 8.59
C GLY F 39 22.59 17.71 9.11
N SER F 40 23.71 17.44 9.78
CA SER F 40 24.01 16.10 10.26
C SER F 40 23.03 15.69 11.35
N CYS F 41 22.75 14.39 11.40
CA CYS F 41 21.89 13.84 12.44
C CYS F 41 22.56 13.79 13.80
N SER F 42 23.88 13.93 13.85
CA SER F 42 24.63 13.84 15.10
C SER F 42 24.92 15.22 15.69
N ARG F 43 25.53 16.10 14.92
CA ARG F 43 25.94 17.41 15.42
C ARG F 43 25.07 18.55 14.90
N GLY F 44 23.98 18.24 14.21
CA GLY F 44 23.13 19.27 13.67
C GLY F 44 22.35 20.02 14.74
N VAL F 45 21.94 21.23 14.40
CA VAL F 45 21.15 22.07 15.29
C VAL F 45 19.70 21.66 15.19
N SER F 46 19.06 21.45 16.34
CA SER F 46 17.67 21.01 16.37
C SER F 46 16.76 22.12 15.86
N LYS F 47 15.96 21.81 14.84
CA LYS F 47 15.01 22.78 14.30
C LYS F 47 13.73 22.80 15.12
N GLN F 48 13.03 21.68 15.21
CA GLN F 48 11.80 21.58 15.96
C GLN F 48 11.60 20.13 16.37
N ARG F 49 10.65 19.92 17.28
CA ARG F 49 10.30 18.58 17.74
C ARG F 49 8.79 18.42 17.68
N ILE F 50 8.31 17.94 16.54
CA ILE F 50 6.90 17.60 16.41
C ILE F 50 6.55 16.52 17.42
N ILE F 51 5.41 16.67 18.08
CA ILE F 51 4.79 15.62 18.88
C ILE F 51 3.32 15.64 18.50
N GLY F 52 2.92 14.75 17.59
CA GLY F 52 1.58 14.82 17.05
C GLY F 52 0.81 13.53 17.10
N VAL F 53 -0.33 13.53 17.78
CA VAL F 53 -1.20 12.37 17.85
C VAL F 53 -2.21 12.44 16.72
N GLY F 54 -2.85 11.32 16.42
CA GLY F 54 -3.83 11.30 15.35
C GLY F 54 -4.74 10.09 15.40
N GLU F 55 -5.07 9.54 14.24
CA GLU F 55 -5.96 8.39 14.15
C GLU F 55 -5.53 7.52 12.99
N VAL F 56 -5.82 6.23 13.08
CA VAL F 56 -5.50 5.28 12.02
C VAL F 56 -6.77 4.97 11.25
N LEU F 57 -6.72 5.18 9.93
CA LEU F 57 -7.87 5.10 9.05
C LEU F 57 -7.58 4.12 7.91
N ASP F 58 -8.48 4.09 6.92
CA ASP F 58 -8.35 3.20 5.78
C ASP F 58 -8.54 3.97 4.48
N ARG F 59 -7.82 3.55 3.44
CA ARG F 59 -8.01 4.05 2.08
C ARG F 59 -8.93 3.09 1.32
N GLY F 60 -8.95 3.20 -0.01
CA GLY F 60 -9.77 2.32 -0.82
C GLY F 60 -9.16 0.95 -1.10
N ASP F 61 -7.92 0.71 -0.63
CA ASP F 61 -7.26 -0.57 -0.81
C ASP F 61 -7.12 -1.33 0.51
N GLU F 62 -7.97 -1.01 1.49
CA GLU F 62 -7.97 -1.69 2.78
C GLU F 62 -6.61 -1.58 3.47
N VAL F 63 -5.88 -0.52 3.19
CA VAL F 63 -4.54 -0.31 3.73
C VAL F 63 -4.63 0.70 4.86
N PRO F 64 -4.33 0.30 6.10
CA PRO F 64 -4.34 1.26 7.20
C PRO F 64 -3.28 2.34 7.02
N SER F 65 -3.58 3.50 7.58
CA SER F 65 -2.75 4.68 7.33
C SER F 65 -2.92 5.65 8.49
N LEU F 66 -1.94 6.53 8.66
CA LEU F 66 -1.97 7.49 9.75
C LEU F 66 -2.54 8.83 9.29
N PHE F 67 -3.00 9.60 10.26
CA PHE F 67 -3.58 10.92 9.98
C PHE F 67 -3.51 11.74 11.26
N MET F 68 -2.54 12.64 11.35
CA MET F 68 -2.45 13.51 12.51
C MET F 68 -3.49 14.63 12.42
N THR F 69 -4.36 14.69 13.42
CA THR F 69 -5.24 15.82 13.62
C THR F 69 -4.61 16.84 14.56
N ASN F 70 -3.99 16.37 15.64
CA ASN F 70 -3.45 17.22 16.68
C ASN F 70 -1.93 17.11 16.71
N VAL F 71 -1.25 18.25 16.67
CA VAL F 71 0.20 18.32 16.69
C VAL F 71 0.63 19.36 17.71
N TRP F 72 1.61 19.02 18.55
CA TRP F 72 2.18 19.95 19.50
C TRP F 72 3.69 19.97 19.36
N THR F 73 4.26 21.17 19.43
CA THR F 73 5.71 21.33 19.39
C THR F 73 6.18 22.18 20.56
N PRO F 74 7.14 21.69 21.33
CA PRO F 74 7.63 22.44 22.49
C PRO F 74 8.35 23.71 22.05
N PRO F 75 8.33 24.75 22.88
CA PRO F 75 9.05 25.99 22.51
C PRO F 75 10.54 25.80 22.37
N ASN F 76 11.14 24.90 23.14
CA ASN F 76 12.57 24.63 23.09
C ASN F 76 12.78 23.15 22.78
N PRO F 77 13.02 22.80 21.51
CA PRO F 77 13.27 21.40 21.16
C PRO F 77 14.54 20.84 21.78
N ASN F 78 15.46 21.69 22.21
CA ASN F 78 16.73 21.24 22.75
C ASN F 78 16.62 20.64 24.14
N THR F 79 15.48 20.79 24.80
CA THR F 79 15.32 20.33 26.18
C THR F 79 14.21 19.30 26.32
N VAL F 80 13.92 18.56 25.25
CA VAL F 80 12.92 17.50 25.27
C VAL F 80 13.60 16.24 24.74
N TYR F 81 13.72 15.22 25.58
CA TYR F 81 14.44 14.01 25.23
C TYR F 81 13.64 12.79 25.66
N HIS F 82 13.73 11.73 24.85
CA HIS F 82 13.23 10.40 25.19
C HIS F 82 11.75 10.45 25.60
N CYS F 83 10.93 10.87 24.65
CA CYS F 83 9.49 10.92 24.86
C CYS F 83 8.90 9.53 24.85
N SER F 84 7.91 9.32 25.72
CA SER F 84 7.14 8.09 25.75
C SER F 84 5.66 8.45 25.67
N ALA F 85 4.90 7.68 24.90
CA ALA F 85 3.51 8.02 24.59
C ALA F 85 2.61 6.86 24.99
N VAL F 86 1.57 7.16 25.76
CA VAL F 86 0.59 6.17 26.19
C VAL F 86 -0.80 6.72 25.94
N TYR F 87 -1.64 5.93 25.27
CA TYR F 87 -3.04 6.30 25.10
C TYR F 87 -3.81 6.06 26.38
N ASN F 88 -4.78 6.93 26.67
CA ASN F 88 -5.71 6.69 27.76
C ASN F 88 -6.98 7.50 27.52
N ASN F 89 -8.03 6.82 27.07
CA ASN F 89 -9.40 7.34 27.10
C ASN F 89 -9.52 8.67 26.37
N GLU F 90 -9.31 8.61 25.05
CA GLU F 90 -9.52 9.72 24.13
C GLU F 90 -8.53 10.86 24.35
N PHE F 91 -7.61 10.70 25.29
CA PHE F 91 -6.46 11.58 25.48
C PHE F 91 -5.22 10.74 25.22
N TYR F 92 -4.13 11.40 24.83
CA TYR F 92 -2.94 10.65 24.48
C TYR F 92 -1.77 11.27 25.23
N TYR F 93 -1.32 10.61 26.29
CA TYR F 93 -0.37 11.20 27.23
C TYR F 93 1.04 10.90 26.75
N VAL F 94 1.84 11.95 26.55
CA VAL F 94 3.21 11.83 26.08
C VAL F 94 4.13 12.34 27.16
N LEU F 95 4.95 11.45 27.71
CA LEU F 95 5.86 11.77 28.80
C LEU F 95 7.28 11.86 28.26
N CYS F 96 7.93 13.00 28.50
CA CYS F 96 9.28 13.22 27.99
C CYS F 96 10.22 13.59 29.13
N ALA F 97 11.44 14.00 28.80
CA ALA F 97 12.44 14.38 29.80
C ALA F 97 12.94 15.78 29.50
N VAL F 98 12.92 16.64 30.50
CA VAL F 98 13.46 17.99 30.35
C VAL F 98 14.92 17.99 30.75
N SER F 99 15.79 18.51 29.88
CA SER F 99 17.22 18.50 30.15
C SER F 99 17.86 19.72 29.51
N THR F 100 18.50 20.55 30.34
CA THR F 100 19.31 21.65 29.84
C THR F 100 20.78 21.29 29.70
N VAL F 101 21.15 20.04 29.96
CA VAL F 101 22.53 19.62 29.96
C VAL F 101 22.75 18.51 28.93
N GLY F 102 21.96 18.55 27.86
CA GLY F 102 22.08 17.54 26.83
C GLY F 102 21.31 16.29 27.15
N ASP F 103 21.58 15.25 26.37
CA ASP F 103 20.89 13.98 26.55
C ASP F 103 21.22 13.40 27.92
N PRO F 104 20.24 13.15 28.79
CA PRO F 104 20.56 12.69 30.14
C PRO F 104 21.06 11.27 30.22
N ILE F 105 20.94 10.47 29.16
CA ILE F 105 21.60 9.18 29.14
C ILE F 105 23.11 9.37 29.10
N LEU F 106 23.56 10.39 28.37
CA LEU F 106 24.98 10.69 28.23
C LEU F 106 25.49 11.52 29.41
N ASN F 107 24.90 12.69 29.63
CA ASN F 107 25.29 13.57 30.73
C ASN F 107 24.36 13.37 31.92
N SER F 108 24.39 12.15 32.46
CA SER F 108 23.47 11.76 33.52
C SER F 108 23.82 12.39 34.87
N THR F 109 25.10 12.51 35.18
CA THR F 109 25.50 13.06 36.48
C THR F 109 25.03 14.49 36.68
N TYR F 110 24.99 15.30 35.62
CA TYR F 110 24.58 16.68 35.71
C TYR F 110 23.12 16.90 35.32
N TRP F 111 22.37 15.83 35.07
CA TRP F 111 20.98 15.98 34.65
C TRP F 111 20.14 16.53 35.81
N SER F 112 19.15 17.35 35.46
CA SER F 112 18.27 17.92 36.46
C SER F 112 17.26 16.90 37.01
N GLY F 113 17.07 15.79 36.30
CA GLY F 113 16.12 14.79 36.73
C GLY F 113 14.69 15.29 36.71
N SER F 114 14.34 16.08 35.70
CA SER F 114 13.03 16.69 35.60
C SER F 114 12.33 16.17 34.35
N LEU F 115 11.06 15.82 34.50
CA LEU F 115 10.26 15.27 33.42
C LEU F 115 9.10 16.20 33.10
N MET F 116 8.50 15.99 31.94
CA MET F 116 7.33 16.73 31.52
C MET F 116 6.37 15.78 30.80
N MET F 117 5.08 15.94 31.07
CA MET F 117 4.05 15.16 30.42
C MET F 117 3.12 16.11 29.66
N THR F 118 2.87 15.81 28.40
CA THR F 118 2.08 16.67 27.53
C THR F 118 0.84 15.91 27.09
N ARG F 119 -0.32 16.32 27.61
CA ARG F 119 -1.57 15.72 27.18
C ARG F 119 -1.94 16.21 25.78
N LEU F 120 -2.22 15.26 24.89
CA LEU F 120 -2.78 15.56 23.59
C LEU F 120 -4.05 14.75 23.39
N ALA F 121 -4.98 15.34 22.64
CA ALA F 121 -6.27 14.72 22.37
C ALA F 121 -6.24 14.16 20.96
N VAL F 122 -6.57 12.88 20.84
CA VAL F 122 -6.65 12.25 19.52
C VAL F 122 -7.85 12.72 18.72
N LYS F 123 -8.81 13.36 19.37
CA LYS F 123 -9.98 13.96 18.72
C LYS F 123 -10.07 15.41 19.16
N PRO F 124 -9.24 16.28 18.58
CA PRO F 124 -9.25 17.68 19.00
C PRO F 124 -10.53 18.37 18.59
N LYS F 125 -10.84 19.45 19.31
CA LYS F 125 -12.06 20.21 19.08
C LYS F 125 -11.70 21.54 18.44
N SER F 126 -12.74 22.35 18.18
CA SER F 126 -12.54 23.63 17.50
C SER F 126 -11.75 24.60 18.35
N ASN F 127 -12.13 24.75 19.62
CA ASN F 127 -11.52 25.73 20.51
C ASN F 127 -11.16 25.10 21.86
N GLY F 128 -10.70 23.85 21.82
CA GLY F 128 -10.28 23.19 23.05
C GLY F 128 -8.87 23.55 23.44
N GLY F 129 -8.66 24.77 23.93
CA GLY F 129 -7.34 25.23 24.32
C GLY F 129 -6.68 24.34 25.35
N GLY F 130 -7.27 24.25 26.53
CA GLY F 130 -6.77 23.35 27.55
C GLY F 130 -7.17 21.91 27.37
N TYR F 131 -8.01 21.62 26.38
CA TYR F 131 -8.42 20.26 26.09
C TYR F 131 -7.46 19.57 25.13
N ASN F 132 -6.86 20.32 24.20
CA ASN F 132 -5.97 19.72 23.22
C ASN F 132 -4.54 19.64 23.74
N GLN F 133 -3.94 20.78 24.06
CA GLN F 133 -2.58 20.85 24.57
C GLN F 133 -2.64 21.32 26.02
N HIS F 134 -2.32 20.41 26.94
CA HIS F 134 -2.20 20.74 28.36
C HIS F 134 -1.01 19.93 28.92
N GLN F 135 0.16 20.56 28.93
CA GLN F 135 1.33 19.92 29.51
C GLN F 135 1.17 19.87 31.02
N LEU F 136 1.10 18.67 31.56
CA LEU F 136 0.88 18.50 32.99
C LEU F 136 2.18 18.74 33.76
N ALA F 137 2.04 19.04 35.05
CA ALA F 137 3.17 19.21 35.92
C ALA F 137 3.39 17.96 36.75
N LEU F 138 4.66 17.55 36.85
CA LEU F 138 5.05 16.35 37.59
C LEU F 138 5.94 16.80 38.75
N ARG F 139 5.31 17.16 39.86
CA ARG F 139 6.01 17.67 41.02
C ARG F 139 6.38 16.57 42.00
N SER F 140 6.03 15.32 41.71
CA SER F 140 6.33 14.21 42.61
C SER F 140 6.69 13.00 41.77
N ILE F 141 7.97 12.67 41.74
CA ILE F 141 8.49 11.49 41.04
C ILE F 141 8.98 10.51 42.09
N GLU F 142 8.21 9.44 42.31
CA GLU F 142 8.56 8.44 43.31
C GLU F 142 9.60 7.51 42.69
N LYS F 143 10.87 7.75 43.02
CA LYS F 143 11.96 6.97 42.47
C LYS F 143 12.27 5.75 43.35
N GLY F 144 12.51 5.97 44.63
CA GLY F 144 12.94 4.92 45.52
C GLY F 144 14.42 4.96 45.75
N ARG F 145 15.13 3.87 45.42
CA ARG F 145 16.58 3.85 45.58
C ARG F 145 17.28 4.52 44.40
N TYR F 146 16.54 4.80 43.32
CA TYR F 146 17.15 5.35 42.12
C TYR F 146 17.32 6.86 42.23
N ASP F 147 18.49 7.35 41.81
CA ASP F 147 18.77 8.77 41.92
C ASP F 147 17.97 9.58 40.90
N LYS F 148 17.91 9.09 39.66
CA LYS F 148 17.16 9.75 38.61
C LYS F 148 16.34 8.71 37.85
N VAL F 149 15.24 9.15 37.27
CA VAL F 149 14.33 8.27 36.55
C VAL F 149 13.92 8.95 35.25
N MET F 150 13.81 8.16 34.18
CA MET F 150 13.47 8.59 32.84
C MET F 150 12.33 7.80 32.26
N PRO F 151 11.50 8.42 31.42
CA PRO F 151 10.74 7.65 30.44
C PRO F 151 11.64 7.33 29.24
N TYR F 152 11.82 6.04 28.97
CA TYR F 152 12.88 5.64 28.05
C TYR F 152 12.32 4.51 27.18
N GLY F 153 11.76 4.89 26.04
CA GLY F 153 11.08 3.96 25.16
C GLY F 153 9.89 4.61 24.48
N PRO F 154 9.55 4.12 23.28
CA PRO F 154 8.51 4.79 22.49
C PRO F 154 7.11 4.73 23.08
N SER F 155 6.63 3.54 23.44
CA SER F 155 5.23 3.37 23.81
C SER F 155 5.12 2.56 25.10
N GLY F 156 4.01 2.79 25.81
CA GLY F 156 3.68 2.03 26.99
C GLY F 156 2.24 1.56 26.96
N ILE F 157 1.68 1.17 28.11
CA ILE F 157 0.32 0.68 28.19
C ILE F 157 -0.47 1.51 29.18
N LYS F 158 -1.78 1.31 29.15
CA LYS F 158 -2.70 1.79 30.16
C LYS F 158 -3.35 0.60 30.83
N GLN F 159 -3.46 0.65 32.16
CA GLN F 159 -4.16 -0.37 32.93
C GLN F 159 -5.34 0.33 33.59
N GLY F 160 -6.45 0.43 32.86
CA GLY F 160 -7.58 1.18 33.32
C GLY F 160 -7.28 2.68 33.36
N ASP F 161 -7.17 3.22 34.57
CA ASP F 161 -6.82 4.62 34.76
C ASP F 161 -5.34 4.84 35.00
N THR F 162 -4.52 3.79 34.93
CA THR F 162 -3.12 3.84 35.30
C THR F 162 -2.26 3.69 34.05
N LEU F 163 -1.21 4.49 33.96
CA LEU F 163 -0.29 4.42 32.83
C LEU F 163 1.00 3.73 33.22
N TYR F 164 1.67 3.17 32.22
CA TYR F 164 2.98 2.52 32.43
C TYR F 164 3.87 2.87 31.24
N PHE F 165 4.58 3.97 31.35
CA PHE F 165 5.56 4.34 30.33
C PHE F 165 6.79 3.46 30.47
N PRO F 166 7.39 3.00 29.38
CA PRO F 166 8.69 2.35 29.49
C PRO F 166 9.72 3.31 30.05
N ALA F 167 10.56 2.82 30.94
CA ALA F 167 11.33 3.72 31.79
C ALA F 167 12.76 3.21 31.91
N VAL F 168 13.56 3.96 32.65
CA VAL F 168 14.90 3.53 33.05
C VAL F 168 15.25 4.30 34.31
N GLY F 169 16.00 3.65 35.19
CA GLY F 169 16.35 4.27 36.45
C GLY F 169 17.85 4.38 36.65
N PHE F 170 18.34 5.59 36.91
CA PHE F 170 19.77 5.82 37.03
C PHE F 170 20.19 5.49 38.47
N LEU F 171 20.43 4.21 38.73
CA LEU F 171 20.92 3.78 40.03
C LEU F 171 22.42 3.99 40.10
N VAL F 172 22.90 4.51 41.24
CA VAL F 172 24.33 4.71 41.41
C VAL F 172 25.03 3.36 41.38
N ARG F 173 26.19 3.31 40.72
CA ARG F 173 26.86 2.03 40.52
C ARG F 173 27.29 1.40 41.84
N THR F 174 27.76 2.19 42.79
CA THR F 174 28.23 1.63 44.06
C THR F 174 27.14 0.91 44.83
N GLU F 175 25.92 1.46 44.86
CA GLU F 175 24.83 0.83 45.59
C GLU F 175 24.09 -0.23 44.77
N PHE F 176 24.51 -0.47 43.54
CA PHE F 176 23.93 -1.54 42.74
C PHE F 176 24.49 -2.88 43.19
N LYS F 177 23.61 -3.79 43.59
CA LYS F 177 24.01 -5.09 44.11
C LYS F 177 23.76 -6.15 43.06
N TYR F 178 24.80 -6.90 42.72
CA TYR F 178 24.73 -7.94 41.70
C TYR F 178 25.75 -9.02 42.04
N ASN F 179 25.29 -10.26 42.11
CA ASN F 179 26.16 -11.39 42.41
C ASN F 179 26.83 -11.85 41.11
N ASP F 180 28.16 -11.70 41.06
CA ASP F 180 28.90 -12.00 39.84
C ASP F 180 28.81 -13.46 39.42
N SER F 181 28.46 -14.36 40.33
CA SER F 181 28.31 -15.77 39.97
C SER F 181 27.13 -15.98 39.02
N ASN F 182 26.18 -15.04 38.97
CA ASN F 182 25.04 -15.16 38.07
C ASN F 182 25.37 -14.78 36.64
N CYS F 183 26.57 -14.28 36.38
CA CYS F 183 26.98 -13.91 35.03
C CYS F 183 27.18 -15.18 34.20
N PRO F 184 26.43 -15.34 33.11
CA PRO F 184 26.47 -16.62 32.37
C PRO F 184 27.68 -16.75 31.47
N ILE F 185 28.82 -17.14 32.05
CA ILE F 185 30.06 -17.24 31.31
C ILE F 185 30.48 -18.69 31.07
N THR F 186 29.55 -19.63 31.25
CA THR F 186 29.91 -21.04 31.19
C THR F 186 30.19 -21.49 29.75
N LYS F 187 29.36 -21.09 28.81
CA LYS F 187 29.46 -21.55 27.44
C LYS F 187 30.69 -21.03 26.70
N CYS F 188 31.17 -19.83 27.01
CA CYS F 188 32.29 -19.24 26.27
C CYS F 188 33.30 -18.66 27.24
N GLN F 189 34.55 -18.56 26.78
CA GLN F 189 35.70 -18.34 27.64
C GLN F 189 36.17 -16.89 27.72
N TYR F 190 35.89 -16.07 26.71
CA TYR F 190 36.38 -14.70 26.69
C TYR F 190 35.54 -13.75 27.54
N SER F 191 34.70 -14.30 28.43
CA SER F 191 33.80 -13.50 29.25
C SER F 191 34.14 -13.71 30.72
N LYS F 192 34.64 -12.66 31.37
CA LYS F 192 34.84 -12.70 32.80
C LYS F 192 33.48 -12.64 33.51
N PRO F 193 33.41 -13.17 34.73
CA PRO F 193 32.15 -13.08 35.50
C PRO F 193 31.80 -11.68 35.94
N GLU F 194 32.69 -10.71 35.75
CA GLU F 194 32.46 -9.32 36.12
C GLU F 194 32.08 -8.44 34.93
N ASN F 195 31.91 -9.02 33.75
CA ASN F 195 31.45 -8.23 32.60
C ASN F 195 29.97 -7.91 32.68
N CYS F 196 29.17 -8.80 33.26
CA CYS F 196 27.75 -8.52 33.43
C CYS F 196 27.49 -7.31 34.29
N ARG F 197 28.24 -7.14 35.38
CA ARG F 197 28.04 -6.00 36.26
C ARG F 197 28.50 -4.70 35.62
N LEU F 198 29.66 -4.70 34.97
CA LEU F 198 30.17 -3.48 34.37
C LEU F 198 29.42 -3.07 33.12
N SER F 199 28.95 -4.02 32.31
CA SER F 199 28.19 -3.72 31.11
C SER F 199 26.78 -3.25 31.42
N MET F 200 26.45 -3.09 32.70
CA MET F 200 25.11 -2.72 33.10
C MET F 200 24.89 -1.21 33.06
N GLY F 201 25.96 -0.44 32.85
CA GLY F 201 25.88 0.97 32.56
C GLY F 201 26.61 1.27 31.26
N ILE F 202 26.42 2.50 30.77
CA ILE F 202 26.95 2.86 29.45
C ILE F 202 28.47 2.79 29.38
N ARG F 203 29.16 2.89 30.51
CA ARG F 203 30.59 2.75 30.60
C ARG F 203 30.83 1.69 31.67
N PRO F 204 31.95 0.96 31.61
CA PRO F 204 32.30 0.06 32.71
C PRO F 204 32.59 0.78 34.02
N ASN F 205 32.91 2.08 33.98
CA ASN F 205 33.14 2.87 35.18
C ASN F 205 32.13 3.99 35.33
N SER F 206 30.95 3.84 34.75
CA SER F 206 29.96 4.90 34.81
C SER F 206 29.48 5.12 36.24
N HIS F 207 29.25 6.39 36.58
CA HIS F 207 28.74 6.70 37.90
C HIS F 207 27.34 6.13 38.11
N TYR F 208 26.50 6.16 37.08
CA TYR F 208 25.14 5.66 37.16
C TYR F 208 25.03 4.33 36.42
N ILE F 209 23.95 3.61 36.72
CA ILE F 209 23.57 2.39 36.03
C ILE F 209 22.13 2.48 35.57
N LEU F 210 21.90 2.18 34.30
CA LEU F 210 20.56 2.24 33.71
C LEU F 210 19.86 0.92 34.01
N ARG F 211 18.71 0.99 34.67
CA ARG F 211 17.90 -0.18 35.00
C ARG F 211 16.51 0.06 34.43
N SER F 212 16.18 -0.63 33.34
CA SER F 212 14.90 -0.40 32.67
C SER F 212 13.74 -0.83 33.56
N GLY F 213 12.57 -0.28 33.26
CA GLY F 213 11.38 -0.57 34.04
C GLY F 213 10.14 0.11 33.51
N LEU F 214 9.33 0.64 34.41
CA LEU F 214 8.08 1.29 34.04
C LEU F 214 7.86 2.50 34.94
N LEU F 215 6.95 3.38 34.51
CA LEU F 215 6.57 4.58 35.26
C LEU F 215 5.07 4.53 35.50
N LYS F 216 4.68 4.11 36.69
CA LYS F 216 3.26 4.07 37.04
C LYS F 216 2.74 5.49 37.25
N TYR F 217 1.93 5.98 36.31
CA TYR F 217 1.33 7.30 36.38
C TYR F 217 -0.18 7.11 36.55
N ASN F 218 -0.63 7.03 37.80
CA ASN F 218 -2.04 6.82 38.10
C ASN F 218 -2.77 8.16 38.06
N LEU F 219 -3.79 8.25 37.21
CA LEU F 219 -4.59 9.46 37.11
C LEU F 219 -5.54 9.66 38.28
N SER F 220 -5.74 8.65 39.12
CA SER F 220 -6.62 8.76 40.26
C SER F 220 -5.92 9.25 41.52
N ASP F 221 -4.76 9.86 41.39
CA ASP F 221 -4.01 10.39 42.53
C ASP F 221 -4.35 11.85 42.83
N GLY F 222 -5.25 12.46 42.08
CA GLY F 222 -5.63 13.84 42.32
C GLY F 222 -5.20 14.78 41.22
N GLU F 223 -5.02 16.06 41.56
CA GLU F 223 -4.66 17.05 40.56
C GLU F 223 -3.19 16.91 40.14
N ASN F 224 -2.34 16.39 41.02
CA ASN F 224 -0.92 16.24 40.75
C ASN F 224 -0.53 14.79 41.00
N PRO F 225 -0.77 13.90 40.04
CA PRO F 225 -0.45 12.49 40.22
C PRO F 225 1.05 12.28 40.32
N LYS F 226 1.43 11.17 40.97
CA LYS F 226 2.82 10.83 41.23
C LYS F 226 3.33 9.90 40.13
N VAL F 227 4.56 10.15 39.68
CA VAL F 227 5.23 9.28 38.73
C VAL F 227 6.02 8.26 39.53
N VAL F 228 5.50 7.04 39.63
CA VAL F 228 6.11 5.97 40.42
C VAL F 228 6.92 5.08 39.49
N PHE F 229 8.20 4.90 39.82
CA PHE F 229 9.09 4.08 39.00
C PHE F 229 9.00 2.63 39.45
N ILE F 230 8.81 1.73 38.49
CA ILE F 230 8.76 0.30 38.75
C ILE F 230 9.94 -0.36 38.07
N GLU F 231 10.91 -0.83 38.84
CA GLU F 231 12.08 -1.47 38.28
C GLU F 231 11.71 -2.84 37.73
N ILE F 232 12.57 -3.37 36.87
CA ILE F 232 12.33 -4.65 36.21
C ILE F 232 12.99 -5.77 37.02
N SER F 233 12.49 -6.98 36.82
CA SER F 233 13.05 -8.15 37.49
C SER F 233 14.46 -8.43 36.99
N ASP F 234 15.24 -9.09 37.83
CA ASP F 234 16.66 -9.29 37.58
C ASP F 234 16.95 -10.50 36.70
N GLN F 235 15.94 -11.26 36.29
CA GLN F 235 16.17 -12.43 35.44
C GLN F 235 16.47 -11.95 34.03
N ARG F 236 17.55 -12.48 33.44
CA ARG F 236 18.02 -12.09 32.11
C ARG F 236 18.16 -10.57 32.02
N LEU F 237 18.84 -10.02 33.02
CA LEU F 237 18.95 -8.57 33.17
C LEU F 237 20.19 -8.06 32.45
N SER F 238 20.03 -6.96 31.72
CA SER F 238 21.16 -6.23 31.13
C SER F 238 20.83 -4.75 31.23
N ILE F 239 21.61 -3.93 30.50
CA ILE F 239 21.53 -2.49 30.66
C ILE F 239 20.13 -1.99 30.32
N GLY F 240 19.74 -0.89 30.97
CA GLY F 240 18.48 -0.25 30.66
C GLY F 240 18.46 0.26 29.24
N SER F 241 17.47 -0.18 28.47
CA SER F 241 17.39 0.14 27.05
C SER F 241 16.01 0.69 26.74
N PRO F 242 15.81 1.36 25.61
CA PRO F 242 14.48 1.86 25.29
C PRO F 242 13.50 0.71 25.19
N SER F 243 12.61 0.63 26.16
CA SER F 243 11.70 -0.49 26.25
C SER F 243 10.38 -0.17 25.57
N LYS F 244 9.50 -1.16 25.54
CA LYS F 244 8.18 -0.98 24.94
C LYS F 244 7.27 -2.04 25.52
N ILE F 245 6.37 -1.63 26.38
CA ILE F 245 5.30 -2.52 26.84
C ILE F 245 4.05 -2.18 26.05
N TYR F 246 3.43 -3.20 25.46
CA TYR F 246 2.25 -2.98 24.63
C TYR F 246 1.23 -4.07 24.94
N ASP F 247 -0.04 -3.68 24.98
CA ASP F 247 -1.13 -4.61 25.25
C ASP F 247 -1.46 -5.36 23.95
N SER F 248 -1.00 -6.60 23.86
CA SER F 248 -1.23 -7.42 22.68
C SER F 248 -1.98 -8.68 23.08
N LEU F 249 -3.14 -8.89 22.45
CA LEU F 249 -3.97 -10.09 22.68
C LEU F 249 -4.32 -10.27 24.15
N GLY F 250 -4.59 -9.18 24.85
CA GLY F 250 -5.08 -9.27 26.21
C GLY F 250 -4.02 -9.02 27.28
N GLN F 251 -2.83 -9.54 27.07
CA GLN F 251 -1.82 -9.41 28.11
C GLN F 251 -0.66 -8.56 27.63
N PRO F 252 -0.14 -7.66 28.46
CA PRO F 252 0.96 -6.80 28.03
C PRO F 252 2.21 -7.60 27.67
N VAL F 253 2.91 -7.13 26.64
CA VAL F 253 4.17 -7.71 26.20
C VAL F 253 5.24 -6.65 26.30
N PHE F 254 6.36 -6.98 26.94
CA PHE F 254 7.41 -6.01 27.26
C PHE F 254 8.62 -6.29 26.37
N TYR F 255 8.81 -5.45 25.36
CA TYR F 255 10.06 -5.47 24.61
C TYR F 255 11.09 -4.58 25.29
N GLN F 256 12.32 -5.06 25.37
CA GLN F 256 13.39 -4.30 26.01
C GLN F 256 14.61 -4.45 25.13
N ALA F 257 15.09 -3.33 24.58
CA ALA F 257 16.09 -3.37 23.53
C ALA F 257 17.39 -3.99 24.03
N SER F 258 18.15 -4.55 23.10
CA SER F 258 19.40 -5.23 23.41
C SER F 258 20.53 -4.25 23.13
N PHE F 259 20.77 -3.36 24.09
CA PHE F 259 21.85 -2.37 23.99
C PHE F 259 23.13 -2.84 24.66
N SER F 260 23.27 -4.14 24.87
CA SER F 260 24.44 -4.66 25.56
C SER F 260 24.75 -6.04 25.00
N TRP F 261 25.54 -6.81 25.76
CA TRP F 261 26.07 -8.08 25.26
C TRP F 261 24.97 -9.07 24.91
N ASP F 262 23.82 -9.02 25.59
CA ASP F 262 22.72 -9.94 25.31
C ASP F 262 22.04 -9.48 24.02
N THR F 263 22.75 -9.66 22.92
CA THR F 263 22.32 -9.13 21.63
C THR F 263 21.07 -9.81 21.10
N MET F 264 20.70 -10.98 21.62
CA MET F 264 19.49 -11.61 21.15
C MET F 264 18.28 -10.79 21.62
N ILE F 265 17.17 -10.92 20.88
CA ILE F 265 16.00 -10.11 21.20
C ILE F 265 15.51 -10.46 22.59
N LYS F 266 15.17 -9.42 23.36
CA LYS F 266 14.80 -9.56 24.76
C LYS F 266 13.41 -8.97 24.93
N PHE F 267 12.40 -9.82 24.73
CA PHE F 267 11.01 -9.44 24.90
C PHE F 267 10.23 -10.67 25.33
N GLY F 268 9.10 -10.43 26.00
CA GLY F 268 8.30 -11.54 26.46
C GLY F 268 7.04 -11.05 27.14
N ASP F 269 6.14 -11.99 27.36
CA ASP F 269 4.88 -11.69 28.02
C ASP F 269 5.13 -11.25 29.46
N VAL F 270 4.30 -10.32 29.93
CA VAL F 270 4.45 -9.75 31.26
C VAL F 270 3.58 -10.54 32.24
N LEU F 271 4.22 -11.18 33.22
CA LEU F 271 3.47 -11.90 34.24
C LEU F 271 2.76 -10.95 35.19
N THR F 272 3.45 -9.90 35.63
CA THR F 272 2.87 -8.91 36.52
C THR F 272 3.55 -7.57 36.28
N VAL F 273 2.79 -6.49 36.40
CA VAL F 273 3.29 -5.17 36.06
C VAL F 273 4.00 -4.51 37.23
N ASN F 274 3.45 -4.62 38.44
CA ASN F 274 4.09 -4.07 39.64
C ASN F 274 4.14 -5.14 40.71
N PRO F 275 5.30 -5.74 41.00
CA PRO F 275 6.60 -5.44 40.36
C PRO F 275 6.67 -5.97 38.94
N LEU F 276 7.58 -5.43 38.13
CA LEU F 276 7.65 -5.80 36.72
C LEU F 276 8.40 -7.11 36.59
N VAL F 277 7.69 -8.15 36.18
CA VAL F 277 8.27 -9.47 35.94
C VAL F 277 7.91 -9.85 34.50
N VAL F 278 8.93 -9.96 33.65
CA VAL F 278 8.73 -10.24 32.24
C VAL F 278 9.26 -11.64 31.95
N ASN F 279 8.40 -12.50 31.43
CA ASN F 279 8.81 -13.84 31.03
C ASN F 279 9.46 -13.77 29.66
N TRP F 280 10.76 -13.51 29.61
CA TRP F 280 11.46 -13.29 28.35
C TRP F 280 11.36 -14.51 27.46
N ARG F 281 11.07 -14.29 26.18
CA ARG F 281 11.01 -15.40 25.23
C ARG F 281 12.41 -15.92 24.96
N ASN F 282 12.58 -17.24 25.04
CA ASN F 282 13.85 -17.89 24.73
C ASN F 282 13.98 -17.96 23.22
N ASN F 283 14.37 -16.84 22.62
CA ASN F 283 14.47 -16.72 21.18
C ASN F 283 15.90 -16.97 20.72
N THR F 284 16.02 -17.69 19.60
CA THR F 284 17.34 -18.09 19.11
C THR F 284 17.55 -17.75 17.64
N VAL F 285 16.74 -16.88 17.05
CA VAL F 285 16.88 -16.58 15.63
C VAL F 285 16.88 -15.08 15.35
N ILE F 286 16.45 -14.28 16.32
CA ILE F 286 16.28 -12.84 16.14
C ILE F 286 17.27 -12.11 17.03
N SER F 287 18.08 -11.24 16.41
CA SER F 287 19.06 -10.43 17.13
C SER F 287 19.19 -9.10 16.41
N ARG F 288 20.04 -8.24 16.95
CA ARG F 288 20.23 -6.91 16.37
C ARG F 288 21.69 -6.68 16.03
N PRO F 289 21.97 -5.81 15.05
CA PRO F 289 23.37 -5.57 14.66
C PRO F 289 24.08 -4.64 15.63
N GLY F 290 25.04 -5.18 16.37
CA GLY F 290 25.90 -4.38 17.20
C GLY F 290 27.14 -3.94 16.44
N GLN F 291 27.70 -2.81 16.84
CA GLN F 291 28.71 -2.16 16.03
C GLN F 291 30.07 -2.86 16.10
N SER F 292 30.67 -2.88 17.30
CA SER F 292 32.07 -3.27 17.42
C SER F 292 32.27 -4.57 18.17
N GLN F 293 31.81 -4.65 19.42
CA GLN F 293 32.20 -5.75 20.29
C GLN F 293 31.08 -6.77 20.50
N CYS F 294 29.83 -6.38 20.32
CA CYS F 294 28.69 -7.26 20.55
C CYS F 294 27.83 -7.28 19.29
N PRO F 295 28.30 -7.96 18.24
CA PRO F 295 27.56 -7.97 16.97
C PRO F 295 26.31 -8.84 17.06
N ARG F 296 25.62 -8.99 15.93
CA ARG F 296 24.40 -9.78 15.91
C ARG F 296 24.71 -11.23 16.28
N PHE F 297 23.77 -11.85 17.01
CA PHE F 297 23.91 -13.22 17.49
C PHE F 297 25.11 -13.36 18.42
N ASN F 298 25.11 -12.55 19.47
CA ASN F 298 26.12 -12.63 20.52
C ASN F 298 25.43 -12.81 21.85
N THR F 299 25.89 -13.79 22.63
CA THR F 299 25.32 -14.09 23.93
C THR F 299 26.36 -14.13 25.04
N CYS F 300 27.63 -13.93 24.72
CA CYS F 300 28.66 -13.93 25.75
C CYS F 300 28.57 -12.65 26.57
N PRO F 301 28.70 -12.73 27.90
CA PRO F 301 28.73 -11.52 28.72
C PRO F 301 29.90 -10.63 28.37
N GLU F 302 29.59 -9.46 27.83
CA GLU F 302 30.59 -8.55 27.30
C GLU F 302 30.23 -7.12 27.68
N ILE F 303 31.26 -6.29 27.84
CA ILE F 303 31.07 -4.90 28.22
C ILE F 303 30.91 -4.06 26.96
N CYS F 304 29.68 -3.68 26.64
CA CYS F 304 29.41 -2.88 25.47
C CYS F 304 28.08 -2.18 25.65
N TRP F 305 27.97 -0.98 25.07
CA TRP F 305 26.72 -0.26 24.95
C TRP F 305 26.51 -0.02 23.46
N GLU F 306 25.94 -1.02 22.78
CA GLU F 306 25.82 -1.02 21.33
C GLU F 306 24.56 -1.75 20.93
N GLY F 307 24.09 -1.47 19.73
CA GLY F 307 22.92 -2.10 19.19
C GLY F 307 21.94 -1.07 18.69
N VAL F 308 20.78 -1.53 18.25
CA VAL F 308 19.71 -0.68 17.75
C VAL F 308 18.39 -1.17 18.32
N TYR F 309 17.40 -0.29 18.30
CA TYR F 309 16.06 -0.60 18.78
C TYR F 309 15.24 -1.18 17.64
N ASN F 310 14.93 -2.47 17.74
CA ASN F 310 14.08 -3.15 16.76
C ASN F 310 13.02 -3.92 17.55
N ASP F 311 11.91 -3.26 17.84
CA ASP F 311 10.87 -3.88 18.64
C ASP F 311 10.16 -4.96 17.81
N ALA F 312 9.48 -5.87 18.51
CA ALA F 312 8.71 -6.90 17.87
C ALA F 312 7.34 -6.94 18.52
N PHE F 313 6.29 -6.98 17.71
CA PHE F 313 4.92 -6.97 18.21
C PHE F 313 4.35 -8.38 18.14
N LEU F 314 3.81 -8.84 19.27
CA LEU F 314 3.20 -10.16 19.35
C LEU F 314 1.91 -10.17 18.56
N ILE F 315 1.87 -10.94 17.47
CA ILE F 315 0.68 -11.03 16.63
C ILE F 315 -0.08 -12.34 16.81
N ASP F 316 0.43 -13.27 17.62
CA ASP F 316 -0.27 -14.52 17.88
C ASP F 316 0.30 -15.10 19.17
N ARG F 317 -0.56 -15.42 20.13
CA ARG F 317 -0.12 -15.91 21.41
C ARG F 317 -0.28 -17.41 21.59
N ILE F 318 -1.24 -18.03 20.91
CA ILE F 318 -1.39 -19.48 21.00
C ILE F 318 -0.18 -20.17 20.38
N ASN F 319 0.47 -19.52 19.42
CA ASN F 319 1.68 -20.04 18.80
C ASN F 319 2.91 -19.18 19.09
N TRP F 320 2.74 -18.10 19.86
CA TRP F 320 3.83 -17.18 20.19
C TRP F 320 4.51 -16.65 18.94
N ILE F 321 3.72 -16.28 17.95
CA ILE F 321 4.21 -15.70 16.72
C ILE F 321 4.16 -14.18 16.83
N SER F 322 5.28 -13.54 16.56
CA SER F 322 5.39 -12.08 16.65
C SER F 322 6.05 -11.56 15.39
N ALA F 323 5.96 -10.24 15.19
CA ALA F 323 6.44 -9.63 13.96
C ALA F 323 7.19 -8.36 14.29
N GLY F 324 8.11 -7.99 13.40
CA GLY F 324 8.87 -6.76 13.58
C GLY F 324 9.87 -6.61 12.46
N VAL F 325 10.57 -5.48 12.47
CA VAL F 325 11.58 -5.17 11.47
C VAL F 325 12.95 -5.26 12.13
N PHE F 326 13.81 -6.11 11.58
CA PHE F 326 15.14 -6.33 12.12
C PHE F 326 16.16 -6.21 11.01
N LEU F 327 17.32 -5.67 11.34
CA LEU F 327 18.36 -5.36 10.37
C LEU F 327 19.19 -6.62 10.16
N ASP F 328 19.00 -7.26 9.00
CA ASP F 328 19.64 -8.54 8.71
C ASP F 328 21.10 -8.32 8.34
N SER F 329 21.90 -8.00 9.35
CA SER F 329 23.33 -7.83 9.18
C SER F 329 24.01 -7.95 10.53
N ASN F 330 25.28 -8.35 10.51
CA ASN F 330 25.98 -8.65 11.75
C ASN F 330 26.38 -7.37 12.49
N GLN F 331 27.19 -6.53 11.84
CA GLN F 331 27.71 -5.34 12.50
C GLN F 331 27.14 -4.04 11.94
N THR F 332 27.17 -3.87 10.62
CA THR F 332 26.58 -2.70 10.01
C THR F 332 25.06 -2.72 10.19
N ALA F 333 24.51 -1.59 10.63
CA ALA F 333 23.07 -1.48 10.84
C ALA F 333 22.41 -1.12 9.51
N GLU F 334 22.07 -2.16 8.74
CA GLU F 334 21.52 -1.99 7.41
C GLU F 334 20.61 -3.15 7.08
N ASN F 335 20.04 -3.12 5.88
CA ASN F 335 19.12 -4.12 5.36
C ASN F 335 17.94 -4.35 6.31
N PRO F 336 17.02 -3.39 6.43
CA PRO F 336 15.84 -3.62 7.26
C PRO F 336 14.93 -4.65 6.63
N VAL F 337 14.62 -5.70 7.39
CA VAL F 337 13.81 -6.82 6.89
C VAL F 337 12.65 -7.02 7.84
N PHE F 338 11.43 -6.93 7.32
CA PHE F 338 10.23 -7.21 8.11
C PHE F 338 10.08 -8.71 8.26
N THR F 339 10.41 -9.25 9.43
CA THR F 339 10.35 -10.67 9.66
C THR F 339 9.21 -11.02 10.61
N VAL F 340 8.61 -12.18 10.39
CA VAL F 340 7.61 -12.75 11.29
C VAL F 340 8.21 -14.04 11.82
N PHE F 341 8.40 -14.14 13.13
CA PHE F 341 9.21 -15.18 13.71
C PHE F 341 8.53 -15.83 14.90
N LYS F 342 8.80 -17.11 15.09
CA LYS F 342 8.55 -17.77 16.36
C LYS F 342 9.79 -17.70 17.22
N ASP F 343 9.76 -18.41 18.35
CA ASP F 343 10.88 -18.38 19.27
C ASP F 343 12.12 -19.09 18.74
N ASN F 344 11.99 -19.93 17.71
CA ASN F 344 13.12 -20.72 17.25
C ASN F 344 13.28 -20.77 15.74
N GLU F 345 12.40 -20.12 14.98
CA GLU F 345 12.55 -20.11 13.53
C GLU F 345 11.85 -18.87 12.96
N ILE F 346 12.45 -18.28 11.94
CA ILE F 346 11.81 -17.19 11.22
C ILE F 346 10.86 -17.77 10.19
N LEU F 347 9.56 -17.49 10.34
CA LEU F 347 8.58 -18.09 9.46
C LEU F 347 8.68 -17.51 8.05
N TYR F 348 8.49 -16.20 7.92
CA TYR F 348 8.63 -15.54 6.63
C TYR F 348 9.09 -14.11 6.86
N ARG F 349 9.67 -13.53 5.82
CA ARG F 349 10.25 -12.20 5.95
C ARG F 349 10.03 -11.44 4.64
N ALA F 350 10.10 -10.12 4.74
CA ALA F 350 9.97 -9.24 3.58
C ALA F 350 11.02 -8.15 3.69
N GLN F 351 11.92 -8.09 2.72
CA GLN F 351 13.00 -7.10 2.72
C GLN F 351 12.41 -5.75 2.35
N LEU F 352 12.48 -4.79 3.28
CA LEU F 352 11.83 -3.51 3.07
C LEU F 352 12.59 -2.61 2.12
N ALA F 353 13.91 -2.74 2.06
CA ALA F 353 14.73 -1.88 1.21
C ALA F 353 15.81 -2.74 0.57
N SER F 354 16.81 -2.10 -0.03
CA SER F 354 17.86 -2.82 -0.72
C SER F 354 18.78 -3.49 0.29
N GLU F 355 19.74 -4.26 -0.24
CA GLU F 355 20.65 -5.01 0.62
C GLU F 355 21.50 -4.10 1.49
N ASP F 356 22.01 -3.01 0.92
CA ASP F 356 22.95 -2.13 1.62
C ASP F 356 22.30 -0.83 2.07
N THR F 357 20.98 -0.83 2.27
CA THR F 357 20.29 0.36 2.72
C THR F 357 20.48 0.49 4.23
N ASN F 358 21.24 1.52 4.63
CA ASN F 358 21.44 1.77 6.05
C ASN F 358 20.13 2.06 6.74
N ALA F 359 19.89 1.39 7.86
CA ALA F 359 18.66 1.55 8.61
C ALA F 359 19.03 1.84 10.06
N GLN F 360 18.00 2.09 10.86
CA GLN F 360 18.19 2.44 12.27
C GLN F 360 16.97 1.97 13.06
N LYS F 361 16.74 2.56 14.23
CA LYS F 361 15.62 2.26 15.10
C LYS F 361 14.34 2.01 14.31
N THR F 362 13.75 0.83 14.51
CA THR F 362 12.48 0.46 13.89
C THR F 362 11.43 0.24 14.96
N ILE F 363 10.26 0.82 14.77
CA ILE F 363 9.15 0.71 15.71
C ILE F 363 8.01 0.01 14.98
N THR F 364 7.67 -1.19 15.42
CA THR F 364 6.64 -2.01 14.77
C THR F 364 5.44 -2.11 15.68
N ASN F 365 4.27 -1.71 15.17
CA ASN F 365 3.02 -1.81 15.88
C ASN F 365 2.02 -2.56 15.00
N CYS F 366 1.34 -3.53 15.59
CA CYS F 366 0.34 -4.33 14.88
C CYS F 366 -1.01 -4.16 15.55
N PHE F 367 -2.06 -4.43 14.78
CA PHE F 367 -3.43 -4.12 15.20
C PHE F 367 -4.38 -4.93 14.32
N LEU F 368 -5.67 -4.70 14.52
CA LEU F 368 -6.72 -5.38 13.77
C LEU F 368 -7.46 -4.36 12.92
N LEU F 369 -7.49 -4.59 11.61
CA LEU F 369 -8.33 -3.84 10.68
C LEU F 369 -9.37 -4.82 10.16
N LYS F 370 -10.63 -4.61 10.56
CA LYS F 370 -11.73 -5.55 10.32
C LYS F 370 -11.28 -7.00 10.49
N ASN F 371 -10.76 -7.29 11.68
CA ASN F 371 -10.31 -8.64 12.05
C ASN F 371 -9.20 -9.15 11.12
N LYS F 372 -8.37 -8.23 10.64
CA LYS F 372 -7.19 -8.59 9.87
C LYS F 372 -5.98 -7.96 10.55
N ILE F 373 -4.94 -8.76 10.77
CA ILE F 373 -3.77 -8.29 11.50
C ILE F 373 -2.85 -7.56 10.53
N TRP F 374 -2.84 -6.23 10.63
CA TRP F 374 -1.89 -5.39 9.90
C TRP F 374 -0.80 -4.92 10.85
N CYS F 375 0.27 -4.39 10.28
CA CYS F 375 1.39 -3.88 11.08
C CYS F 375 1.96 -2.64 10.42
N ILE F 376 2.15 -1.59 11.21
CA ILE F 376 2.80 -0.36 10.78
C ILE F 376 4.19 -0.36 11.40
N SER F 377 5.21 -0.28 10.56
CA SER F 377 6.60 -0.35 11.01
C SER F 377 7.30 0.96 10.61
N LEU F 378 7.66 1.75 11.61
CA LEU F 378 8.40 2.99 11.35
C LEU F 378 9.88 2.67 11.34
N VAL F 379 10.47 2.65 10.14
CA VAL F 379 11.86 2.27 9.94
C VAL F 379 12.64 3.52 9.54
N GLU F 380 13.69 3.83 10.29
CA GLU F 380 14.57 4.93 9.92
C GLU F 380 15.50 4.51 8.79
N ILE F 381 15.08 4.71 7.55
CA ILE F 381 15.84 4.29 6.39
C ILE F 381 16.67 5.47 5.89
N TYR F 382 17.95 5.23 5.66
CA TYR F 382 18.84 6.25 5.11
C TYR F 382 18.59 6.37 3.61
N ASP F 383 18.06 7.51 3.18
CA ASP F 383 17.80 7.74 1.77
C ASP F 383 19.08 8.18 1.07
N THR F 384 19.56 7.37 0.13
CA THR F 384 20.77 7.70 -0.60
C THR F 384 20.57 8.88 -1.55
N GLY F 385 19.34 9.23 -1.88
CA GLY F 385 19.06 10.36 -2.74
C GLY F 385 19.46 11.68 -2.11
N ASP F 386 18.86 11.99 -0.97
CA ASP F 386 19.17 13.22 -0.24
C ASP F 386 20.10 12.97 0.94
N ASN F 387 20.71 11.78 1.02
CA ASN F 387 21.77 11.44 1.97
C ASN F 387 21.43 11.84 3.41
N VAL F 388 20.19 11.61 3.85
CA VAL F 388 19.80 11.87 5.22
C VAL F 388 18.89 10.73 5.70
N ILE F 389 18.53 10.81 6.97
CA ILE F 389 17.68 9.80 7.61
C ILE F 389 16.23 10.24 7.53
N ARG F 390 15.36 9.36 7.04
CA ARG F 390 13.93 9.58 7.03
C ARG F 390 13.22 8.35 7.57
N PRO F 391 12.32 8.51 8.53
CA PRO F 391 11.52 7.39 9.01
C PRO F 391 10.48 7.01 7.97
N LYS F 392 10.59 5.79 7.45
CA LYS F 392 9.68 5.28 6.43
C LYS F 392 8.74 4.26 7.05
N LEU F 393 7.45 4.46 6.87
CA LEU F 393 6.46 3.53 7.39
C LEU F 393 6.13 2.47 6.35
N PHE F 394 5.64 1.33 6.84
CA PHE F 394 5.40 0.18 5.97
C PHE F 394 4.15 -0.54 6.50
N ALA F 395 3.02 -0.30 5.84
CA ALA F 395 1.79 -1.01 6.18
C ALA F 395 1.88 -2.41 5.61
N VAL F 396 2.09 -3.39 6.48
CA VAL F 396 2.30 -4.78 6.07
C VAL F 396 1.13 -5.61 6.58
N LYS F 397 0.47 -6.30 5.68
CA LYS F 397 -0.62 -7.20 6.05
C LYS F 397 -0.06 -8.59 6.32
N ILE F 398 -0.35 -9.12 7.50
CA ILE F 398 0.09 -10.47 7.85
C ILE F 398 -0.81 -11.46 7.12
N PRO F 399 -0.27 -12.28 6.23
CA PRO F 399 -1.13 -13.16 5.43
C PRO F 399 -1.59 -14.38 6.21
N GLU F 400 -2.77 -14.86 5.83
CA GLU F 400 -3.33 -16.09 6.37
C GLU F 400 -3.12 -17.28 5.44
N GLN F 401 -3.00 -17.04 4.15
CA GLN F 401 -2.71 -18.10 3.18
C GLN F 401 -1.23 -18.03 2.81
N CYS F 402 -0.49 -19.09 3.14
CA CYS F 402 0.95 -19.10 2.93
C CYS F 402 1.33 -19.59 1.54
#